data_3O4J
#
_entry.id   3O4J
#
_cell.length_a   184.270
_cell.length_b   227.524
_cell.length_c   110.684
_cell.angle_alpha   90.00
_cell.angle_beta   100.37
_cell.angle_gamma   90.00
#
_symmetry.space_group_name_H-M   'C 1 2 1'
#
loop_
_entity.id
_entity.type
_entity.pdbx_description
1 polymer 'Acylamino-acid-releasing enzyme'
2 non-polymer GLYCEROL
3 non-polymer 'CHLORIDE ION'
4 non-polymer 'SODIUM ION'
5 water water
#
_entity_poly.entity_id   1
_entity_poly.type   'polypeptide(L)'
_entity_poly.pdbx_seq_one_letter_code
;MRIIMPVEFSRIVRDVERLIAVEKYSLQGVVDGDKLLVVGFSEGSVNAYLYDGGETVKLNREPINSVLDPHYGVGRVILV
RDVSKGAEQHALFKVNTSRPGEEQRLEAVKPMRILSGVDTGEAVVFTGATEDRVALYALDGGGLRELARLPGFGFVSDIR
GDLIAGLGFFGGGRVSLFTSNLSSGGLRVFDSGEGSFSSASISPGMKVTAGLETAREARLVTVDPRDGSVEDLELPSKDF
SSYRPTAITWLGYLPDGRLAVVARREGRSAVFIDGERVEAPQGNHGRVVLWRGKLVTSHTSLSTPPRIVSLPSGEPLLEG
GLPEDLRRSIAGSRLVWVESFDGSRVPTYVLESGRAPTPGPTVVLVHGGPFAEDSDSWDTFAASLAAAGFHVVMPNYRGS
TGYGEEWRLKIIGDPCGGELEDVSAAARWARESGLASELYIMGYSYGGYMTLCALTMKPGLFKAGVAGASVVDWEEMYEL
SDAAFRNFIEQLTGGSREIMRSRSPINHVDRIKEPLALIHPQNNSRTPLKPLLRLMGELLARGKTFEAHIIPDAGHAINT
MEDAVKILLPAVFFLATQRERR
;
_entity_poly.pdbx_strand_id   A,B,C,D
#
loop_
_chem_comp.id
_chem_comp.type
_chem_comp.name
_chem_comp.formula
CL non-polymer 'CHLORIDE ION' 'Cl -1'
GOL non-polymer GLYCEROL 'C3 H8 O3'
NA non-polymer 'SODIUM ION' 'Na 1'
#
# COMPACT_ATOMS: atom_id res chain seq x y z
N ILE A 4 -12.53 -46.30 23.63
CA ILE A 4 -11.63 -45.10 23.69
C ILE A 4 -10.50 -45.27 22.66
N MET A 5 -10.78 -44.87 21.41
CA MET A 5 -9.72 -44.67 20.38
C MET A 5 -9.25 -43.16 20.32
N PRO A 6 -8.09 -42.89 19.70
CA PRO A 6 -7.69 -41.48 19.49
C PRO A 6 -8.37 -40.93 18.26
N VAL A 7 -8.66 -39.64 18.30
CA VAL A 7 -9.30 -38.98 17.17
C VAL A 7 -8.39 -39.10 15.94
N GLU A 8 -8.98 -39.26 14.79
CA GLU A 8 -8.22 -39.48 13.56
C GLU A 8 -8.13 -38.19 12.79
N PHE A 9 -7.33 -37.28 13.31
CA PHE A 9 -7.35 -35.94 12.81
C PHE A 9 -6.98 -35.90 11.35
N SER A 10 -5.94 -36.60 10.95
CA SER A 10 -5.44 -36.53 9.56
C SER A 10 -6.46 -37.04 8.57
N ARG A 11 -7.14 -38.15 8.95
CA ARG A 11 -8.16 -38.73 8.07
C ARG A 11 -9.33 -37.78 7.96
N ILE A 12 -9.77 -37.21 9.09
CA ILE A 12 -10.88 -36.26 9.06
C ILE A 12 -10.57 -35.03 8.16
N VAL A 13 -9.43 -34.38 8.30
CA VAL A 13 -9.19 -33.19 7.55
C VAL A 13 -9.15 -33.52 6.06
N ARG A 14 -8.64 -34.68 5.72
CA ARG A 14 -8.55 -35.04 4.34
C ARG A 14 -9.90 -35.25 3.71
N ASP A 15 -10.80 -35.91 4.43
CA ASP A 15 -12.15 -36.07 3.98
C ASP A 15 -12.86 -34.71 3.91
N VAL A 16 -12.76 -33.90 4.94
CA VAL A 16 -13.39 -32.60 4.95
C VAL A 16 -12.94 -31.77 3.79
N GLU A 17 -11.65 -31.82 3.49
CA GLU A 17 -11.01 -31.00 2.43
C GLU A 17 -11.56 -31.40 1.06
N ARG A 18 -11.65 -32.71 0.80
CA ARG A 18 -12.15 -33.22 -0.46
C ARG A 18 -13.62 -32.94 -0.67
N LEU A 19 -14.41 -33.06 0.39
CA LEU A 19 -15.86 -32.78 0.33
C LEU A 19 -16.11 -31.29 0.07
N ILE A 20 -15.28 -30.43 0.62
CA ILE A 20 -15.41 -29.01 0.33
C ILE A 20 -14.93 -28.78 -1.08
N ALA A 21 -13.87 -29.47 -1.49
CA ALA A 21 -13.22 -29.19 -2.76
C ALA A 21 -13.98 -29.70 -4.00
N VAL A 22 -14.84 -30.72 -3.88
CA VAL A 22 -15.64 -31.15 -5.05
C VAL A 22 -16.31 -29.96 -5.72
N GLU A 23 -16.17 -29.92 -7.03
CA GLU A 23 -16.79 -28.89 -7.77
C GLU A 23 -18.27 -29.00 -7.64
N LYS A 24 -18.92 -27.87 -7.46
CA LYS A 24 -20.38 -27.77 -7.38
C LYS A 24 -20.80 -26.69 -8.36
N TYR A 25 -21.91 -26.92 -9.07
CA TYR A 25 -22.37 -25.99 -10.11
C TYR A 25 -23.83 -25.60 -9.92
N SER A 26 -24.20 -24.39 -10.33
CA SER A 26 -25.61 -24.09 -10.53
C SER A 26 -25.87 -23.32 -11.82
N LEU A 27 -27.08 -23.51 -12.36
CA LEU A 27 -27.39 -23.01 -13.69
C LEU A 27 -28.03 -21.67 -13.54
N GLN A 28 -27.53 -20.70 -14.30
CA GLN A 28 -27.99 -19.33 -14.16
C GLN A 28 -28.71 -18.80 -15.39
N GLY A 29 -28.32 -19.27 -16.57
CA GLY A 29 -28.88 -18.75 -17.82
C GLY A 29 -28.16 -19.22 -19.06
N VAL A 30 -28.63 -18.71 -20.18
CA VAL A 30 -28.01 -18.90 -21.48
C VAL A 30 -27.74 -17.51 -21.94
N VAL A 31 -26.53 -17.23 -22.38
CA VAL A 31 -26.09 -15.87 -22.65
C VAL A 31 -25.29 -15.87 -23.93
N ASP A 32 -24.95 -14.71 -24.48
CA ASP A 32 -24.08 -14.65 -25.67
C ASP A 32 -24.67 -15.46 -26.79
N GLY A 33 -23.81 -16.12 -27.57
CA GLY A 33 -24.19 -16.99 -28.68
C GLY A 33 -24.45 -18.40 -28.17
N ASP A 34 -25.54 -18.54 -27.42
CA ASP A 34 -26.01 -19.82 -26.95
C ASP A 34 -25.00 -20.55 -26.02
N LYS A 35 -24.57 -19.87 -24.94
CA LYS A 35 -23.64 -20.45 -23.96
C LYS A 35 -24.27 -20.52 -22.59
N LEU A 36 -23.96 -21.57 -21.86
CA LEU A 36 -24.51 -21.73 -20.53
C LEU A 36 -23.73 -20.88 -19.53
N LEU A 37 -24.43 -20.03 -18.79
CA LEU A 37 -23.84 -19.34 -17.66
C LEU A 37 -24.03 -20.24 -16.44
N VAL A 38 -22.94 -20.55 -15.75
CA VAL A 38 -22.98 -21.38 -14.55
C VAL A 38 -22.10 -20.71 -13.54
N VAL A 39 -22.54 -20.71 -12.30
CA VAL A 39 -21.70 -20.31 -11.18
C VAL A 39 -21.26 -21.59 -10.61
N GLY A 40 -19.99 -21.68 -10.28
CA GLY A 40 -19.41 -22.96 -9.86
C GLY A 40 -18.39 -22.73 -8.78
N PHE A 41 -18.40 -23.60 -7.79
CA PHE A 41 -17.30 -23.66 -6.84
C PHE A 41 -16.30 -24.62 -7.43
N SER A 42 -15.14 -24.10 -7.77
CA SER A 42 -14.14 -24.91 -8.41
C SER A 42 -12.84 -24.17 -8.25
N GLU A 43 -11.71 -24.86 -8.24
CA GLU A 43 -10.41 -24.21 -7.98
C GLU A 43 -10.44 -23.43 -6.63
N GLY A 44 -11.22 -23.93 -5.69
CA GLY A 44 -11.24 -23.36 -4.34
C GLY A 44 -12.02 -22.08 -4.10
N SER A 45 -12.79 -21.63 -5.10
CA SER A 45 -13.74 -20.52 -4.87
C SER A 45 -14.96 -20.55 -5.74
N VAL A 46 -15.90 -19.67 -5.44
CA VAL A 46 -17.08 -19.45 -6.24
C VAL A 46 -16.74 -18.50 -7.40
N ASN A 47 -16.97 -18.98 -8.63
CA ASN A 47 -16.71 -18.23 -9.87
C ASN A 47 -17.84 -18.33 -10.89
N ALA A 48 -17.76 -17.56 -11.94
CA ALA A 48 -18.78 -17.61 -12.93
C ALA A 48 -18.15 -18.15 -14.21
N TYR A 49 -18.79 -19.13 -14.85
CA TYR A 49 -18.24 -19.65 -16.11
C TYR A 49 -19.26 -19.69 -17.24
N LEU A 50 -18.76 -19.54 -18.47
CA LEU A 50 -19.53 -19.84 -19.66
C LEU A 50 -19.13 -21.25 -20.00
N TYR A 51 -20.11 -22.11 -20.26
CA TYR A 51 -19.91 -23.44 -20.80
C TYR A 51 -20.38 -23.52 -22.22
N ASP A 52 -19.50 -23.96 -23.10
CA ASP A 52 -19.80 -24.23 -24.50
C ASP A 52 -18.70 -25.10 -25.11
N GLY A 53 -19.11 -26.03 -25.95
CA GLY A 53 -18.22 -26.84 -26.75
C GLY A 53 -17.35 -27.69 -25.88
N GLY A 54 -17.96 -28.23 -24.83
CA GLY A 54 -17.21 -29.04 -23.87
C GLY A 54 -16.08 -28.39 -23.08
N GLU A 55 -16.08 -27.07 -22.98
CA GLU A 55 -15.11 -26.33 -22.18
C GLU A 55 -15.80 -25.20 -21.44
N THR A 56 -15.21 -24.75 -20.35
CA THR A 56 -15.69 -23.59 -19.64
C THR A 56 -14.69 -22.46 -19.83
N VAL A 57 -15.20 -21.24 -19.82
CA VAL A 57 -14.35 -20.08 -19.76
C VAL A 57 -14.76 -19.27 -18.53
N LYS A 58 -13.78 -18.95 -17.71
CA LYS A 58 -13.98 -18.23 -16.46
C LYS A 58 -14.16 -16.75 -16.76
N LEU A 59 -15.23 -16.16 -16.25
CA LEU A 59 -15.61 -14.81 -16.62
C LEU A 59 -15.02 -13.83 -15.66
N ASN A 60 -15.04 -14.19 -14.39
CA ASN A 60 -14.52 -13.34 -13.34
C ASN A 60 -13.05 -13.56 -13.06
N ARG A 61 -12.49 -12.67 -12.25
CA ARG A 61 -11.14 -12.86 -11.69
C ARG A 61 -11.16 -13.27 -10.19
N GLU A 62 -11.35 -12.30 -9.31
CA GLU A 62 -11.51 -12.61 -7.91
C GLU A 62 -12.86 -13.36 -7.67
N PRO A 63 -12.93 -14.13 -6.59
CA PRO A 63 -14.16 -14.83 -6.30
C PRO A 63 -15.37 -13.95 -6.21
N ILE A 64 -16.53 -14.44 -6.60
CA ILE A 64 -17.75 -13.68 -6.62
C ILE A 64 -18.70 -14.32 -5.62
N ASN A 65 -19.90 -13.79 -5.47
CA ASN A 65 -20.91 -14.45 -4.64
C ASN A 65 -22.01 -15.03 -5.53
N SER A 66 -22.40 -14.32 -6.59
CA SER A 66 -23.42 -14.80 -7.51
C SER A 66 -23.38 -13.98 -8.74
N VAL A 67 -24.32 -14.19 -9.64
CA VAL A 67 -24.48 -13.32 -10.80
C VAL A 67 -25.95 -12.93 -10.93
N LEU A 68 -26.21 -11.83 -11.60
CA LEU A 68 -27.61 -11.48 -11.85
C LEU A 68 -28.17 -12.35 -12.97
N ASP A 69 -29.49 -12.56 -12.96
CA ASP A 69 -30.15 -13.42 -13.92
C ASP A 69 -30.08 -12.75 -15.27
N PRO A 70 -29.48 -13.42 -16.25
CA PRO A 70 -29.43 -12.81 -17.58
C PRO A 70 -30.67 -13.10 -18.33
N HIS A 71 -31.04 -12.20 -19.23
CA HIS A 71 -32.00 -12.55 -20.27
C HIS A 71 -31.29 -13.33 -21.35
N TYR A 72 -32.08 -14.13 -22.05
CA TYR A 72 -31.50 -15.03 -23.03
C TYR A 72 -30.71 -14.24 -24.03
N GLY A 73 -29.47 -14.64 -24.19
CA GLY A 73 -28.64 -14.15 -25.30
C GLY A 73 -27.86 -12.86 -25.03
N VAL A 74 -28.02 -12.29 -23.83
CA VAL A 74 -27.38 -11.02 -23.54
C VAL A 74 -25.86 -11.15 -23.67
N GLY A 75 -25.20 -10.07 -24.10
CA GLY A 75 -23.75 -10.11 -24.39
C GLY A 75 -22.86 -9.79 -23.20
N ARG A 76 -23.40 -9.97 -22.00
CA ARG A 76 -22.64 -9.66 -20.79
C ARG A 76 -23.21 -10.35 -19.55
N VAL A 77 -22.37 -10.43 -18.52
CA VAL A 77 -22.75 -10.98 -17.23
C VAL A 77 -22.48 -9.91 -16.16
N ILE A 78 -23.35 -9.81 -15.16
CA ILE A 78 -23.18 -8.86 -14.03
C ILE A 78 -22.82 -9.70 -12.80
N LEU A 79 -21.58 -9.54 -12.37
CA LEU A 79 -21.09 -10.27 -11.21
C LEU A 79 -21.52 -9.53 -9.96
N VAL A 80 -21.89 -10.26 -8.94
CA VAL A 80 -22.13 -9.72 -7.60
C VAL A 80 -21.01 -10.18 -6.70
N ARG A 81 -20.27 -9.21 -6.15
CA ARG A 81 -19.14 -9.49 -5.27
C ARG A 81 -19.17 -8.67 -3.97
N ASP A 82 -18.98 -9.36 -2.85
CA ASP A 82 -18.77 -8.77 -1.52
C ASP A 82 -17.43 -7.99 -1.50
N VAL A 83 -17.49 -6.65 -1.47
CA VAL A 83 -16.30 -5.83 -1.34
C VAL A 83 -16.07 -5.39 0.11
N SER A 84 -16.61 -6.12 1.08
CA SER A 84 -16.51 -5.80 2.52
C SER A 84 -16.00 -6.97 3.37
N LYS A 85 -15.13 -7.80 2.80
CA LYS A 85 -14.56 -8.90 3.53
C LYS A 85 -15.59 -9.69 4.31
N GLY A 86 -16.76 -9.87 3.72
CA GLY A 86 -17.80 -10.77 4.29
C GLY A 86 -19.03 -10.13 4.92
N ALA A 87 -19.03 -8.81 5.06
CA ALA A 87 -20.14 -8.06 5.67
C ALA A 87 -21.29 -7.95 4.67
N GLU A 88 -21.04 -8.37 3.45
CA GLU A 88 -22.07 -8.44 2.45
C GLU A 88 -22.57 -7.06 2.00
N GLN A 89 -21.67 -6.08 1.97
CA GLN A 89 -21.89 -4.95 1.11
C GLN A 89 -21.33 -5.32 -0.24
N HIS A 90 -22.19 -5.63 -1.20
CA HIS A 90 -21.74 -6.07 -2.50
C HIS A 90 -21.59 -4.91 -3.45
N ALA A 91 -20.85 -5.18 -4.52
CA ALA A 91 -20.70 -4.28 -5.66
C ALA A 91 -20.92 -5.14 -6.90
N LEU A 92 -21.38 -4.49 -7.97
CA LEU A 92 -21.66 -5.14 -9.20
C LEU A 92 -20.56 -4.90 -10.24
N PHE A 93 -20.23 -5.94 -10.97
CA PHE A 93 -19.21 -5.84 -11.99
C PHE A 93 -19.73 -6.51 -13.25
N LYS A 94 -19.56 -5.80 -14.36
CA LYS A 94 -20.00 -6.20 -15.71
C LYS A 94 -18.81 -6.83 -16.35
N VAL A 95 -19.04 -7.97 -16.97
CA VAL A 95 -18.08 -8.65 -17.82
C VAL A 95 -18.72 -8.83 -19.18
N ASN A 96 -18.11 -8.35 -20.26
CA ASN A 96 -18.61 -8.61 -21.60
CA ASN A 96 -18.61 -8.59 -21.61
C ASN A 96 -18.24 -10.03 -21.90
N THR A 97 -19.20 -10.80 -22.45
CA THR A 97 -19.01 -12.25 -22.67
C THR A 97 -18.00 -12.57 -23.79
N SER A 98 -17.74 -11.63 -24.66
CA SER A 98 -16.62 -11.72 -25.59
C SER A 98 -15.29 -11.51 -24.88
N ARG A 99 -15.31 -10.90 -23.68
CA ARG A 99 -14.04 -10.55 -23.02
C ARG A 99 -13.98 -11.10 -21.60
N PRO A 100 -13.98 -12.45 -21.50
CA PRO A 100 -13.80 -13.07 -20.20
C PRO A 100 -12.61 -12.49 -19.46
N GLY A 101 -12.80 -12.27 -18.18
CA GLY A 101 -11.71 -11.90 -17.31
C GLY A 101 -11.53 -10.42 -17.09
N GLU A 102 -12.38 -9.60 -17.71
CA GLU A 102 -12.20 -8.14 -17.62
C GLU A 102 -13.45 -7.61 -16.97
N GLU A 103 -13.30 -6.96 -15.84
CA GLU A 103 -14.46 -6.55 -15.11
C GLU A 103 -14.53 -5.04 -15.16
N GLN A 104 -15.73 -4.51 -15.31
CA GLN A 104 -16.01 -3.11 -14.99
C GLN A 104 -16.89 -2.98 -13.76
N ARG A 105 -16.38 -2.32 -12.73
CA ARG A 105 -17.24 -1.98 -11.62
C ARG A 105 -18.29 -0.97 -12.09
N LEU A 106 -19.52 -1.20 -11.67
CA LEU A 106 -20.64 -0.32 -11.91
C LEU A 106 -20.66 0.71 -10.78
N GLU A 107 -19.76 1.69 -10.90
CA GLU A 107 -19.54 2.65 -9.84
C GLU A 107 -20.72 3.51 -9.54
N ALA A 108 -21.79 3.49 -10.34
CA ALA A 108 -22.98 4.28 -10.02
C ALA A 108 -23.80 3.64 -8.88
N VAL A 109 -23.55 2.35 -8.61
CA VAL A 109 -24.20 1.66 -7.49
C VAL A 109 -23.27 1.56 -6.28
N LYS A 110 -23.45 2.41 -5.27
CA LYS A 110 -22.64 2.29 -4.04
C LYS A 110 -22.89 0.91 -3.41
N PRO A 111 -21.88 0.34 -2.75
CA PRO A 111 -22.09 -0.96 -2.18
C PRO A 111 -23.30 -1.01 -1.29
N MET A 112 -24.01 -2.13 -1.31
CA MET A 112 -25.13 -2.37 -0.45
C MET A 112 -25.35 -3.86 -0.46
N ARG A 113 -26.25 -4.37 0.39
CA ARG A 113 -26.63 -5.81 0.31
C ARG A 113 -27.50 -6.14 -0.93
N ILE A 114 -26.93 -6.72 -1.96
CA ILE A 114 -27.70 -7.03 -3.17
C ILE A 114 -28.48 -8.31 -2.88
N LEU A 115 -29.80 -8.27 -3.07
CA LEU A 115 -30.66 -9.42 -2.72
C LEU A 115 -31.04 -10.22 -3.96
N SER A 116 -31.12 -9.53 -5.10
CA SER A 116 -31.46 -10.16 -6.34
C SER A 116 -31.32 -9.17 -7.47
N GLY A 117 -31.41 -9.69 -8.69
CA GLY A 117 -31.33 -8.86 -9.87
C GLY A 117 -31.48 -9.64 -11.16
N VAL A 118 -31.87 -8.87 -12.18
CA VAL A 118 -32.11 -9.36 -13.52
C VAL A 118 -31.47 -8.39 -14.45
N ASP A 119 -30.73 -8.89 -15.43
CA ASP A 119 -30.15 -8.03 -16.44
C ASP A 119 -30.88 -8.31 -17.74
N THR A 120 -31.48 -7.27 -18.31
CA THR A 120 -32.18 -7.40 -19.58
C THR A 120 -31.22 -7.21 -20.75
N GLY A 121 -30.06 -6.63 -20.49
CA GLY A 121 -29.10 -6.32 -21.57
C GLY A 121 -28.94 -4.84 -21.73
N GLU A 122 -30.00 -4.09 -21.41
CA GLU A 122 -30.01 -2.60 -21.49
C GLU A 122 -30.28 -1.96 -20.13
N ALA A 123 -30.81 -2.74 -19.17
CA ALA A 123 -31.10 -2.26 -17.83
C ALA A 123 -30.80 -3.36 -16.80
N VAL A 124 -30.22 -2.96 -15.69
CA VAL A 124 -29.98 -3.90 -14.60
C VAL A 124 -31.00 -3.54 -13.52
N VAL A 125 -31.89 -4.46 -13.19
CA VAL A 125 -32.88 -4.19 -12.17
C VAL A 125 -32.55 -5.10 -11.01
N PHE A 126 -32.45 -4.55 -9.81
CA PHE A 126 -32.08 -5.33 -8.64
C PHE A 126 -32.71 -4.80 -7.36
N THR A 127 -32.81 -5.65 -6.36
CA THR A 127 -33.24 -5.21 -5.05
C THR A 127 -32.04 -5.19 -4.16
N GLY A 128 -32.02 -4.23 -3.22
CA GLY A 128 -30.95 -4.06 -2.24
C GLY A 128 -31.44 -3.59 -0.87
N ALA A 129 -30.69 -3.96 0.17
CA ALA A 129 -30.89 -3.48 1.53
C ALA A 129 -29.72 -2.58 2.03
N THR A 130 -30.08 -1.38 2.47
CA THR A 130 -29.14 -0.45 3.11
C THR A 130 -29.51 -0.38 4.59
N GLU A 131 -28.89 0.52 5.32
CA GLU A 131 -29.21 0.61 6.74
C GLU A 131 -30.62 1.13 6.98
N ASP A 132 -31.15 1.88 6.01
CA ASP A 132 -32.44 2.60 6.23
C ASP A 132 -33.57 2.07 5.41
N ARG A 133 -33.31 1.11 4.51
CA ARG A 133 -34.34 0.51 3.66
C ARG A 133 -33.92 -0.54 2.63
N VAL A 134 -34.96 -1.28 2.21
CA VAL A 134 -34.94 -2.18 1.08
C VAL A 134 -35.52 -1.44 -0.10
N ALA A 135 -34.93 -1.64 -1.26
CA ALA A 135 -35.44 -0.91 -2.39
C ALA A 135 -35.31 -1.75 -3.64
N LEU A 136 -36.00 -1.31 -4.69
CA LEU A 136 -35.89 -1.85 -6.03
C LEU A 136 -35.26 -0.78 -6.89
N TYR A 137 -34.21 -1.14 -7.58
CA TYR A 137 -33.45 -0.20 -8.35
C TYR A 137 -33.41 -0.62 -9.80
N ALA A 138 -33.14 0.36 -10.66
CA ALA A 138 -32.84 0.15 -12.05
C ALA A 138 -31.65 0.99 -12.41
N LEU A 139 -30.68 0.38 -13.10
CA LEU A 139 -29.51 1.09 -13.63
C LEU A 139 -29.53 0.90 -15.13
N ASP A 140 -29.42 2.01 -15.85
CA ASP A 140 -29.48 2.03 -17.30
C ASP A 140 -28.54 3.14 -17.80
N GLY A 141 -28.68 3.49 -19.08
CA GLY A 141 -27.94 4.62 -19.67
C GLY A 141 -28.09 6.00 -18.99
N GLY A 142 -29.28 6.26 -18.43
CA GLY A 142 -29.59 7.52 -17.67
C GLY A 142 -29.06 7.57 -16.21
N GLY A 143 -28.67 6.43 -15.67
CA GLY A 143 -28.14 6.35 -14.30
C GLY A 143 -28.87 5.36 -13.41
N LEU A 144 -28.83 5.61 -12.11
CA LEU A 144 -29.37 4.69 -11.12
C LEU A 144 -30.64 5.29 -10.59
N ARG A 145 -31.69 4.49 -10.48
CA ARG A 145 -33.00 4.97 -10.03
C ARG A 145 -33.62 4.10 -8.95
N GLU A 146 -34.07 4.72 -7.88
CA GLU A 146 -34.92 4.02 -6.92
C GLU A 146 -36.35 3.93 -7.47
N LEU A 147 -36.74 2.76 -7.93
CA LEU A 147 -38.08 2.58 -8.49
C LEU A 147 -39.14 2.57 -7.40
N ALA A 148 -38.78 2.10 -6.23
CA ALA A 148 -39.73 1.92 -5.14
C ALA A 148 -38.99 1.45 -3.90
N ARG A 149 -39.50 1.81 -2.74
CA ARG A 149 -39.12 1.19 -1.50
C ARG A 149 -39.98 -0.06 -1.27
N LEU A 150 -39.39 -1.10 -0.68
CA LEU A 150 -40.11 -2.32 -0.32
C LEU A 150 -40.19 -2.39 1.19
N PRO A 151 -41.30 -2.90 1.75
CA PRO A 151 -41.40 -3.05 3.22
C PRO A 151 -40.43 -4.06 3.88
N GLY A 152 -40.00 -5.07 3.16
CA GLY A 152 -39.00 -5.98 3.70
C GLY A 152 -38.30 -6.66 2.57
N PHE A 153 -37.60 -7.76 2.87
CA PHE A 153 -36.88 -8.46 1.82
C PHE A 153 -37.75 -8.58 0.57
N GLY A 154 -37.18 -8.21 -0.58
CA GLY A 154 -37.86 -8.36 -1.88
C GLY A 154 -36.92 -8.81 -2.97
N PHE A 155 -37.43 -9.61 -3.91
CA PHE A 155 -36.59 -10.20 -4.92
C PHE A 155 -37.15 -10.04 -6.30
N VAL A 156 -36.40 -9.50 -7.23
CA VAL A 156 -36.87 -9.47 -8.59
C VAL A 156 -36.87 -10.86 -9.18
N SER A 157 -37.97 -11.23 -9.83
CA SER A 157 -38.13 -12.56 -10.47
C SER A 157 -38.05 -12.56 -12.00
N ASP A 158 -38.57 -11.52 -12.64
CA ASP A 158 -38.61 -11.45 -14.10
C ASP A 158 -38.91 -10.03 -14.56
N ILE A 159 -38.57 -9.76 -15.81
CA ILE A 159 -38.88 -8.49 -16.46
C ILE A 159 -39.25 -8.81 -17.88
N ARG A 160 -40.32 -8.23 -18.39
CA ARG A 160 -40.65 -8.35 -19.80
C ARG A 160 -41.17 -7.00 -20.25
N GLY A 161 -40.58 -6.48 -21.33
CA GLY A 161 -40.80 -5.09 -21.70
C GLY A 161 -40.56 -4.32 -20.43
N ASP A 162 -41.43 -3.34 -20.17
CA ASP A 162 -41.38 -2.56 -18.93
C ASP A 162 -42.00 -3.24 -17.68
N LEU A 163 -42.62 -4.40 -17.80
CA LEU A 163 -43.22 -4.99 -16.59
C LEU A 163 -42.13 -5.64 -15.75
N ILE A 164 -42.05 -5.28 -14.47
CA ILE A 164 -41.13 -5.93 -13.53
C ILE A 164 -41.98 -6.77 -12.57
N ALA A 165 -41.55 -7.98 -12.26
CA ALA A 165 -42.30 -8.84 -11.35
C ALA A 165 -41.37 -9.44 -10.29
N GLY A 166 -41.88 -9.54 -9.06
CA GLY A 166 -41.09 -10.01 -7.92
C GLY A 166 -41.87 -10.49 -6.72
N LEU A 167 -41.15 -11.04 -5.75
CA LEU A 167 -41.71 -11.65 -4.54
C LEU A 167 -41.20 -10.84 -3.36
N GLY A 168 -42.02 -10.69 -2.33
CA GLY A 168 -41.68 -9.89 -1.15
C GLY A 168 -42.17 -10.50 0.15
N PHE A 169 -41.29 -10.53 1.14
CA PHE A 169 -41.68 -10.91 2.51
C PHE A 169 -42.14 -9.70 3.26
N PHE A 170 -43.36 -9.26 2.96
CA PHE A 170 -43.83 -8.00 3.47
C PHE A 170 -44.70 -8.10 4.72
N GLY A 171 -44.86 -9.28 5.30
CA GLY A 171 -45.58 -9.37 6.57
C GLY A 171 -45.99 -10.77 6.97
N GLY A 172 -45.93 -11.04 8.28
CA GLY A 172 -46.41 -12.29 8.86
C GLY A 172 -45.73 -13.51 8.28
N GLY A 173 -44.57 -13.31 7.64
CA GLY A 173 -43.90 -14.43 7.03
C GLY A 173 -44.52 -14.87 5.73
N ARG A 174 -45.51 -14.11 5.26
CA ARG A 174 -46.17 -14.40 3.97
C ARG A 174 -45.34 -13.82 2.83
N VAL A 175 -45.32 -14.46 1.66
CA VAL A 175 -44.77 -13.85 0.45
C VAL A 175 -45.86 -13.31 -0.47
N SER A 176 -45.75 -12.03 -0.79
CA SER A 176 -46.58 -11.36 -1.76
C SER A 176 -45.92 -11.33 -3.10
N LEU A 177 -46.69 -11.07 -4.12
CA LEU A 177 -46.15 -10.74 -5.41
C LEU A 177 -46.13 -9.21 -5.51
N PHE A 178 -45.19 -8.68 -6.27
CA PHE A 178 -45.18 -7.24 -6.52
C PHE A 178 -44.73 -6.96 -7.92
N THR A 179 -45.26 -5.89 -8.50
CA THR A 179 -44.87 -5.46 -9.82
C THR A 179 -44.45 -3.99 -9.79
N SER A 180 -43.66 -3.62 -10.78
CA SER A 180 -43.30 -2.25 -10.99
C SER A 180 -43.06 -2.05 -12.46
N ASN A 181 -42.74 -0.85 -12.86
CA ASN A 181 -42.61 -0.51 -14.26
C ASN A 181 -41.20 0.05 -14.46
N LEU A 182 -40.45 -0.47 -15.44
CA LEU A 182 -39.06 -0.07 -15.66
C LEU A 182 -38.89 1.43 -15.98
N SER A 183 -39.89 2.05 -16.60
CA SER A 183 -39.76 3.45 -16.96
C SER A 183 -40.32 4.44 -15.94
N SER A 184 -41.49 4.12 -15.39
CA SER A 184 -42.20 5.04 -14.47
C SER A 184 -42.01 4.64 -13.00
N GLY A 185 -41.50 3.46 -12.76
CA GLY A 185 -41.25 3.09 -11.40
C GLY A 185 -42.54 2.73 -10.72
N GLY A 186 -42.64 3.07 -9.45
CA GLY A 186 -43.81 2.76 -8.64
C GLY A 186 -43.78 1.33 -8.15
N LEU A 187 -44.69 0.99 -7.23
CA LEU A 187 -44.88 -0.35 -6.68
C LEU A 187 -46.35 -0.74 -6.58
N ARG A 188 -46.63 -2.01 -6.86
CA ARG A 188 -47.96 -2.64 -6.64
C ARG A 188 -47.81 -3.98 -5.94
N VAL A 189 -48.55 -4.21 -4.87
CA VAL A 189 -48.35 -5.40 -4.05
C VAL A 189 -49.61 -6.20 -4.17
N PHE A 190 -49.47 -7.53 -4.38
CA PHE A 190 -50.62 -8.46 -4.47
C PHE A 190 -50.50 -9.55 -3.39
N ASP A 191 -51.51 -9.65 -2.52
CA ASP A 191 -51.50 -10.54 -1.36
C ASP A 191 -52.50 -11.65 -1.64
N SER A 192 -52.15 -12.87 -1.24
CA SER A 192 -53.09 -13.97 -1.24
C SER A 192 -53.55 -14.25 0.21
N GLY A 193 -54.85 -14.29 0.41
CA GLY A 193 -55.42 -14.80 1.66
C GLY A 193 -55.38 -16.35 1.71
N GLU A 194 -54.88 -16.99 0.66
CA GLU A 194 -54.80 -18.45 0.62
C GLU A 194 -53.41 -19.01 0.98
N GLY A 195 -52.37 -18.18 0.84
CA GLY A 195 -51.00 -18.63 1.09
C GLY A 195 -49.96 -17.64 0.59
N SER A 196 -48.93 -18.15 -0.09
CA SER A 196 -47.79 -17.32 -0.48
C SER A 196 -47.32 -17.65 -1.85
N PHE A 197 -46.89 -16.62 -2.58
CA PHE A 197 -46.29 -16.79 -3.93
C PHE A 197 -44.84 -17.24 -3.82
N SER A 198 -44.45 -18.22 -4.61
CA SER A 198 -43.14 -18.82 -4.46
C SER A 198 -42.17 -18.59 -5.62
N SER A 199 -42.71 -18.37 -6.82
CA SER A 199 -41.87 -17.85 -7.91
C SER A 199 -42.76 -17.32 -8.97
N ALA A 200 -42.20 -16.52 -9.88
CA ALA A 200 -43.00 -15.77 -10.85
C ALA A 200 -42.26 -15.61 -12.17
N SER A 201 -43.02 -15.54 -13.26
CA SER A 201 -42.49 -15.25 -14.58
C SER A 201 -43.61 -14.59 -15.36
N ILE A 202 -43.24 -13.74 -16.32
CA ILE A 202 -44.27 -12.99 -17.05
C ILE A 202 -44.50 -13.62 -18.40
N SER A 203 -45.74 -14.00 -18.64
CA SER A 203 -46.17 -14.64 -19.91
C SER A 203 -45.92 -13.74 -21.14
N PRO A 204 -45.94 -14.34 -22.36
CA PRO A 204 -45.99 -13.48 -23.56
C PRO A 204 -47.14 -12.54 -23.44
N GLY A 205 -48.21 -13.00 -22.80
CA GLY A 205 -49.40 -12.16 -22.60
C GLY A 205 -49.26 -10.95 -21.67
N MET A 206 -48.15 -10.84 -20.93
CA MET A 206 -48.00 -9.74 -19.94
C MET A 206 -48.91 -9.93 -18.73
N LYS A 207 -49.12 -11.19 -18.37
CA LYS A 207 -49.75 -11.53 -17.12
C LYS A 207 -48.66 -12.19 -16.33
N VAL A 208 -48.87 -12.41 -15.04
CA VAL A 208 -47.82 -12.99 -14.22
C VAL A 208 -48.20 -14.40 -13.77
N THR A 209 -47.51 -15.39 -14.30
CA THR A 209 -47.67 -16.74 -13.80
C THR A 209 -46.85 -16.89 -12.52
N ALA A 210 -47.47 -17.42 -11.47
CA ALA A 210 -46.73 -17.64 -10.24
C ALA A 210 -47.16 -18.92 -9.55
N GLY A 211 -46.27 -19.48 -8.76
CA GLY A 211 -46.66 -20.52 -7.84
C GLY A 211 -47.39 -19.93 -6.64
N LEU A 212 -48.39 -20.63 -6.14
CA LEU A 212 -49.06 -20.17 -4.95
C LEU A 212 -49.06 -21.35 -4.03
N GLU A 213 -48.35 -21.23 -2.92
CA GLU A 213 -48.27 -22.32 -1.95
C GLU A 213 -49.32 -22.11 -0.87
N THR A 214 -50.29 -23.01 -0.81
CA THR A 214 -51.38 -22.91 0.14
C THR A 214 -51.13 -23.85 1.31
N ALA A 215 -52.09 -23.97 2.23
CA ALA A 215 -51.94 -24.72 3.47
C ALA A 215 -51.03 -25.95 3.37
N ARG A 216 -51.28 -26.82 2.39
CA ARG A 216 -50.58 -28.12 2.22
C ARG A 216 -50.32 -28.52 0.75
N GLU A 217 -50.60 -27.61 -0.19
CA GLU A 217 -50.52 -27.94 -1.61
C GLU A 217 -50.04 -26.70 -2.36
N ALA A 218 -49.67 -26.85 -3.62
CA ALA A 218 -49.23 -25.71 -4.39
C ALA A 218 -49.93 -25.77 -5.69
N ARG A 219 -50.10 -24.62 -6.30
CA ARG A 219 -50.64 -24.59 -7.64
C ARG A 219 -50.15 -23.39 -8.39
N LEU A 220 -50.54 -23.33 -9.66
CA LEU A 220 -50.11 -22.27 -10.53
C LEU A 220 -51.29 -21.36 -10.72
N VAL A 221 -51.03 -20.06 -10.65
CA VAL A 221 -52.02 -19.04 -10.84
C VAL A 221 -51.54 -17.99 -11.84
N THR A 222 -52.47 -17.29 -12.45
CA THR A 222 -52.22 -16.18 -13.34
C THR A 222 -52.77 -14.95 -12.64
N VAL A 223 -51.99 -13.90 -12.63
CA VAL A 223 -52.32 -12.66 -11.96
C VAL A 223 -52.17 -11.54 -12.98
N ASP A 224 -53.26 -10.85 -13.21
CA ASP A 224 -53.26 -9.76 -14.17
C ASP A 224 -52.76 -8.54 -13.42
N PRO A 225 -51.67 -7.94 -13.90
CA PRO A 225 -51.06 -6.85 -13.13
C PRO A 225 -51.78 -5.52 -13.26
N ARG A 226 -52.78 -5.46 -14.13
CA ARG A 226 -53.57 -4.26 -14.32
C ARG A 226 -54.72 -4.14 -13.33
N ASP A 227 -55.27 -5.27 -12.84
CA ASP A 227 -56.45 -5.23 -11.91
C ASP A 227 -56.33 -6.16 -10.71
N GLY A 228 -55.26 -6.92 -10.63
CA GLY A 228 -55.04 -7.81 -9.51
C GLY A 228 -55.93 -9.04 -9.47
N SER A 229 -56.62 -9.36 -10.56
CA SER A 229 -57.45 -10.58 -10.60
C SER A 229 -56.57 -11.85 -10.73
N VAL A 230 -56.94 -12.89 -9.97
CA VAL A 230 -56.16 -14.11 -9.88
C VAL A 230 -57.03 -15.26 -10.38
N GLU A 231 -56.44 -16.18 -11.11
CA GLU A 231 -57.20 -17.34 -11.54
C GLU A 231 -56.25 -18.50 -11.72
N ASP A 232 -56.77 -19.71 -11.60
CA ASP A 232 -55.92 -20.89 -11.76
C ASP A 232 -55.43 -20.95 -13.22
N LEU A 233 -54.17 -21.34 -13.38
CA LEU A 233 -53.63 -21.60 -14.70
C LEU A 233 -53.82 -23.07 -14.99
N GLU A 234 -54.59 -23.40 -16.03
CA GLU A 234 -54.55 -24.78 -16.56
C GLU A 234 -53.48 -24.93 -17.63
N LEU A 235 -52.73 -26.00 -17.52
CA LEU A 235 -51.77 -26.36 -18.53
C LEU A 235 -52.30 -27.46 -19.48
N PRO A 236 -51.77 -27.49 -20.72
CA PRO A 236 -52.26 -28.48 -21.71
C PRO A 236 -52.08 -29.93 -21.25
N SER A 237 -51.00 -30.22 -20.53
CA SER A 237 -50.83 -31.53 -19.95
C SER A 237 -51.09 -31.55 -18.45
N LYS A 238 -51.72 -32.62 -17.98
CA LYS A 238 -52.09 -32.77 -16.58
C LYS A 238 -51.12 -33.56 -15.69
N ASP A 239 -49.91 -33.87 -16.16
CA ASP A 239 -48.92 -34.60 -15.33
C ASP A 239 -48.64 -33.79 -14.09
N PHE A 240 -48.49 -32.49 -14.29
CA PHE A 240 -48.25 -31.55 -13.21
C PHE A 240 -49.36 -31.54 -12.19
N SER A 241 -50.63 -31.41 -12.59
CA SER A 241 -51.65 -31.36 -11.56
C SER A 241 -51.77 -32.70 -10.84
N SER A 242 -51.50 -33.78 -11.55
CA SER A 242 -51.59 -35.12 -10.96
C SER A 242 -50.37 -35.45 -10.09
N TYR A 243 -49.28 -34.70 -10.24
CA TYR A 243 -48.10 -34.89 -9.41
C TYR A 243 -48.37 -34.46 -7.99
N ARG A 244 -49.34 -33.55 -7.84
CA ARG A 244 -49.79 -33.01 -6.54
C ARG A 244 -48.65 -32.38 -5.74
N PRO A 245 -47.95 -31.42 -6.33
CA PRO A 245 -46.80 -30.77 -5.70
C PRO A 245 -47.16 -30.06 -4.39
N THR A 246 -46.27 -30.12 -3.41
CA THR A 246 -46.55 -29.47 -2.15
C THR A 246 -45.81 -28.19 -2.07
N ALA A 247 -44.98 -27.88 -3.07
CA ALA A 247 -44.21 -26.60 -3.17
C ALA A 247 -43.67 -26.37 -4.60
N ILE A 248 -43.36 -25.12 -4.96
CA ILE A 248 -42.86 -24.87 -6.31
C ILE A 248 -41.50 -24.22 -6.31
N THR A 249 -40.46 -24.96 -6.69
CA THR A 249 -39.09 -24.48 -6.57
C THR A 249 -38.80 -23.30 -7.49
N TRP A 250 -39.24 -23.41 -8.75
CA TRP A 250 -39.00 -22.38 -9.75
C TRP A 250 -39.93 -22.53 -10.95
N LEU A 251 -40.13 -21.42 -11.68
CA LEU A 251 -40.77 -21.47 -12.99
C LEU A 251 -40.32 -20.31 -13.87
N GLY A 252 -40.39 -20.56 -15.18
CA GLY A 252 -39.98 -19.56 -16.16
C GLY A 252 -40.43 -19.91 -17.57
N TYR A 253 -40.73 -18.88 -18.36
CA TYR A 253 -41.04 -19.05 -19.75
C TYR A 253 -39.75 -19.22 -20.54
N LEU A 254 -39.67 -20.27 -21.34
CA LEU A 254 -38.53 -20.45 -22.22
C LEU A 254 -38.68 -19.47 -23.38
N PRO A 255 -37.68 -19.39 -24.27
CA PRO A 255 -37.78 -18.50 -25.41
C PRO A 255 -38.79 -18.91 -26.42
N ASP A 256 -39.07 -20.21 -26.58
CA ASP A 256 -40.14 -20.72 -27.51
C ASP A 256 -41.56 -20.63 -26.95
N GLY A 257 -41.76 -19.83 -25.92
CA GLY A 257 -43.08 -19.65 -25.31
C GLY A 257 -43.52 -20.67 -24.26
N ARG A 258 -42.82 -21.78 -24.12
CA ARG A 258 -43.32 -22.85 -23.26
C ARG A 258 -43.05 -22.51 -21.80
N LEU A 259 -43.89 -23.02 -20.91
CA LEU A 259 -43.72 -22.81 -19.47
C LEU A 259 -43.08 -24.01 -18.77
N ALA A 260 -41.91 -23.74 -18.19
CA ALA A 260 -41.06 -24.71 -17.49
C ALA A 260 -41.32 -24.55 -16.00
N VAL A 261 -41.55 -25.65 -15.34
CA VAL A 261 -41.91 -25.63 -13.94
C VAL A 261 -41.17 -26.74 -13.21
N VAL A 262 -40.47 -26.36 -12.13
CA VAL A 262 -39.86 -27.32 -11.25
C VAL A 262 -40.61 -27.27 -9.93
N ALA A 263 -41.23 -28.37 -9.55
CA ALA A 263 -42.04 -28.39 -8.36
C ALA A 263 -41.69 -29.61 -7.53
N ARG A 264 -42.15 -29.66 -6.27
CA ARG A 264 -41.64 -30.69 -5.39
C ARG A 264 -42.56 -31.15 -4.28
N ARG A 265 -42.23 -32.31 -3.76
CA ARG A 265 -42.92 -32.85 -2.62
C ARG A 265 -42.04 -33.88 -1.96
N GLU A 266 -42.13 -33.94 -0.65
CA GLU A 266 -41.32 -34.83 0.18
C GLU A 266 -39.81 -34.71 -0.06
N GLY A 267 -39.37 -33.55 -0.48
CA GLY A 267 -37.95 -33.29 -0.60
C GLY A 267 -37.34 -33.71 -1.92
N ARG A 268 -38.17 -34.15 -2.86
CA ARG A 268 -37.72 -34.38 -4.23
C ARG A 268 -38.53 -33.57 -5.18
N SER A 269 -37.91 -33.21 -6.29
CA SER A 269 -38.55 -32.38 -7.30
C SER A 269 -38.68 -33.11 -8.63
N ALA A 270 -39.54 -32.54 -9.48
CA ALA A 270 -39.92 -33.04 -10.81
C ALA A 270 -40.07 -31.86 -11.79
N VAL A 271 -39.76 -32.11 -13.07
CA VAL A 271 -39.70 -31.05 -14.08
C VAL A 271 -40.85 -31.24 -15.08
N PHE A 272 -41.51 -30.13 -15.43
CA PHE A 272 -42.63 -30.14 -16.34
C PHE A 272 -42.48 -29.04 -17.43
N ILE A 273 -42.85 -29.36 -18.65
CA ILE A 273 -42.86 -28.39 -19.73
C ILE A 273 -44.30 -28.30 -20.21
N ASP A 274 -44.93 -27.13 -20.07
CA ASP A 274 -46.35 -26.98 -20.46
C ASP A 274 -47.26 -28.04 -19.79
N GLY A 275 -46.93 -28.40 -18.56
CA GLY A 275 -47.67 -29.34 -17.77
C GLY A 275 -47.09 -30.74 -17.80
N GLU A 276 -46.30 -31.06 -18.83
CA GLU A 276 -45.84 -32.44 -19.08
C GLU A 276 -44.53 -32.81 -18.39
N ARG A 277 -44.50 -33.98 -17.76
CA ARG A 277 -43.29 -34.49 -17.10
C ARG A 277 -42.14 -34.60 -18.11
N VAL A 278 -40.95 -34.20 -17.69
CA VAL A 278 -39.72 -34.55 -18.37
C VAL A 278 -38.89 -35.34 -17.37
N GLU A 279 -38.38 -36.47 -17.79
CA GLU A 279 -37.60 -37.32 -16.90
C GLU A 279 -36.33 -36.61 -16.46
N ALA A 280 -36.02 -36.75 -15.18
CA ALA A 280 -34.89 -36.05 -14.60
C ALA A 280 -34.32 -36.93 -13.55
N PRO A 281 -33.06 -36.72 -13.18
CA PRO A 281 -32.50 -37.62 -12.21
C PRO A 281 -33.08 -37.38 -10.84
N GLN A 282 -33.23 -38.44 -10.08
CA GLN A 282 -33.83 -38.34 -8.76
C GLN A 282 -33.04 -37.35 -7.89
N GLY A 283 -33.74 -36.42 -7.24
CA GLY A 283 -33.16 -35.49 -6.29
C GLY A 283 -33.80 -34.13 -6.46
N ASN A 284 -33.02 -33.06 -6.47
CA ASN A 284 -33.60 -31.76 -6.72
C ASN A 284 -33.05 -31.07 -7.92
N HIS A 285 -33.82 -30.13 -8.47
CA HIS A 285 -33.42 -29.44 -9.67
C HIS A 285 -33.58 -27.95 -9.53
N GLY A 286 -32.79 -27.24 -10.32
CA GLY A 286 -32.80 -25.77 -10.30
C GLY A 286 -33.53 -25.31 -11.53
N ARG A 287 -33.17 -24.13 -12.06
CA ARG A 287 -33.86 -23.69 -13.24
C ARG A 287 -33.63 -24.63 -14.43
N VAL A 288 -34.51 -24.54 -15.42
CA VAL A 288 -34.47 -25.27 -16.66
C VAL A 288 -34.29 -24.25 -17.77
N VAL A 289 -33.39 -24.53 -18.70
CA VAL A 289 -33.14 -23.58 -19.79
C VAL A 289 -33.17 -24.37 -21.05
N LEU A 290 -33.22 -23.63 -22.17
CA LEU A 290 -33.18 -24.24 -23.52
C LEU A 290 -31.84 -23.91 -24.12
N TRP A 291 -31.07 -24.96 -24.39
CA TRP A 291 -29.72 -24.80 -24.87
C TRP A 291 -29.56 -25.70 -26.05
N ARG A 292 -29.18 -25.11 -27.18
CA ARG A 292 -28.96 -25.86 -28.40
C ARG A 292 -30.15 -26.78 -28.71
N GLY A 293 -31.35 -26.29 -28.44
CA GLY A 293 -32.54 -27.07 -28.74
C GLY A 293 -33.07 -27.94 -27.60
N LYS A 294 -32.21 -28.31 -26.66
CA LYS A 294 -32.61 -29.23 -25.60
C LYS A 294 -32.67 -28.57 -24.23
N LEU A 295 -33.28 -29.30 -23.32
CA LEU A 295 -33.49 -28.81 -21.97
C LEU A 295 -32.29 -29.11 -21.06
N VAL A 296 -31.88 -28.11 -20.28
CA VAL A 296 -30.81 -28.28 -19.33
C VAL A 296 -31.23 -27.75 -17.98
N THR A 297 -30.99 -28.54 -16.94
CA THR A 297 -31.22 -28.09 -15.58
C THR A 297 -29.99 -28.42 -14.75
N SER A 298 -29.99 -27.96 -13.52
CA SER A 298 -29.04 -28.41 -12.52
C SER A 298 -29.67 -29.55 -11.75
N HIS A 299 -28.87 -30.38 -11.12
CA HIS A 299 -29.35 -31.55 -10.37
C HIS A 299 -28.45 -31.79 -9.14
N THR A 300 -29.08 -32.20 -8.03
CA THR A 300 -28.37 -32.53 -6.80
C THR A 300 -29.11 -33.62 -6.04
N SER A 301 -28.40 -34.31 -5.17
CA SER A 301 -29.03 -35.27 -4.23
C SER A 301 -28.13 -35.39 -3.03
N LEU A 302 -28.59 -36.08 -1.98
CA LEU A 302 -27.73 -36.21 -0.80
C LEU A 302 -26.40 -36.91 -1.13
N SER A 303 -26.37 -37.74 -2.16
CA SER A 303 -25.12 -38.38 -2.54
C SER A 303 -24.48 -37.79 -3.81
N THR A 304 -25.19 -36.85 -4.46
CA THR A 304 -24.70 -36.17 -5.68
C THR A 304 -24.52 -34.66 -5.57
N PRO A 305 -23.27 -34.24 -5.56
CA PRO A 305 -23.03 -32.79 -5.46
C PRO A 305 -23.62 -32.05 -6.64
N PRO A 306 -24.02 -30.79 -6.45
CA PRO A 306 -24.76 -30.03 -7.50
C PRO A 306 -24.05 -30.05 -8.85
N ARG A 307 -24.77 -30.42 -9.91
CA ARG A 307 -24.23 -30.57 -11.24
C ARG A 307 -25.19 -30.09 -12.33
N ILE A 308 -24.68 -29.92 -13.55
CA ILE A 308 -25.51 -29.51 -14.67
C ILE A 308 -25.74 -30.75 -15.52
N VAL A 309 -27.00 -31.12 -15.72
CA VAL A 309 -27.34 -32.27 -16.54
C VAL A 309 -28.28 -31.83 -17.65
N SER A 310 -28.33 -32.59 -18.75
CA SER A 310 -29.29 -32.32 -19.81
C SER A 310 -30.46 -33.29 -19.66
N LEU A 311 -31.63 -32.89 -20.16
CA LEU A 311 -32.86 -33.68 -20.02
C LEU A 311 -33.48 -33.98 -21.39
N PRO A 312 -34.07 -35.17 -21.56
CA PRO A 312 -34.39 -36.19 -20.53
C PRO A 312 -33.33 -37.20 -20.16
N SER A 313 -32.21 -37.21 -20.88
CA SER A 313 -31.20 -38.28 -20.69
C SER A 313 -30.60 -38.30 -19.30
N GLY A 314 -30.51 -37.14 -18.66
CA GLY A 314 -29.93 -37.02 -17.34
C GLY A 314 -28.43 -37.13 -17.34
N GLU A 315 -27.82 -36.90 -18.51
CA GLU A 315 -26.36 -37.03 -18.64
C GLU A 315 -25.74 -35.72 -18.26
N PRO A 316 -24.70 -35.77 -17.45
CA PRO A 316 -24.11 -34.52 -16.99
C PRO A 316 -23.29 -33.80 -18.06
N LEU A 317 -23.35 -32.47 -18.06
CA LEU A 317 -22.49 -31.63 -18.85
C LEU A 317 -21.27 -31.17 -18.05
N LEU A 318 -21.52 -30.76 -16.81
CA LEU A 318 -20.51 -30.43 -15.81
C LEU A 318 -20.90 -31.13 -14.53
N GLU A 319 -19.95 -31.85 -13.92
CA GLU A 319 -20.09 -32.40 -12.57
C GLU A 319 -18.72 -32.56 -11.91
N GLY A 320 -18.72 -32.51 -10.57
CA GLY A 320 -17.54 -32.86 -9.80
C GLY A 320 -17.57 -34.35 -9.47
N GLY A 321 -16.42 -34.99 -9.31
CA GLY A 321 -16.42 -36.39 -8.87
C GLY A 321 -15.96 -36.56 -7.44
N LEU A 322 -16.55 -37.51 -6.75
CA LEU A 322 -16.08 -37.89 -5.42
C LEU A 322 -15.36 -39.21 -5.59
N PRO A 323 -14.34 -39.47 -4.77
CA PRO A 323 -13.68 -40.77 -4.89
C PRO A 323 -14.45 -41.90 -4.24
N GLU A 324 -14.14 -43.12 -4.61
CA GLU A 324 -14.89 -44.27 -4.09
C GLU A 324 -14.97 -44.28 -2.53
N ASP A 325 -13.87 -44.09 -1.81
CA ASP A 325 -13.89 -44.16 -0.35
C ASP A 325 -14.92 -43.23 0.23
N LEU A 326 -15.01 -42.04 -0.30
CA LEU A 326 -15.97 -41.09 0.20
C LEU A 326 -17.37 -41.40 -0.15
N ARG A 327 -17.62 -41.89 -1.36
CA ARG A 327 -18.97 -42.22 -1.75
C ARG A 327 -19.50 -43.30 -0.85
N ARG A 328 -18.68 -44.27 -0.47
CA ARG A 328 -19.14 -45.38 0.38
C ARG A 328 -19.39 -44.94 1.82
N SER A 329 -18.90 -43.75 2.19
CA SER A 329 -19.09 -43.21 3.53
C SER A 329 -20.54 -42.85 3.78
N ILE A 330 -21.30 -42.66 2.71
CA ILE A 330 -22.76 -42.56 2.80
C ILE A 330 -23.43 -43.91 2.45
N ALA A 331 -23.95 -44.60 3.46
CA ALA A 331 -24.55 -45.93 3.30
C ALA A 331 -25.89 -45.80 2.60
N GLY A 332 -26.59 -44.70 2.87
CA GLY A 332 -27.93 -44.49 2.36
C GLY A 332 -28.61 -43.30 2.98
N SER A 333 -29.83 -43.03 2.49
CA SER A 333 -30.59 -41.91 2.97
C SER A 333 -32.07 -42.27 2.94
N ARG A 334 -32.85 -41.75 3.89
CA ARG A 334 -34.27 -41.87 3.79
C ARG A 334 -35.02 -40.77 4.51
N LEU A 335 -36.31 -40.67 4.21
CA LEU A 335 -37.22 -39.70 4.77
C LEU A 335 -38.11 -40.44 5.74
N VAL A 336 -38.01 -40.08 7.01
CA VAL A 336 -38.86 -40.64 8.06
C VAL A 336 -39.70 -39.50 8.60
N TRP A 337 -40.82 -39.84 9.19
CA TRP A 337 -41.80 -38.86 9.60
C TRP A 337 -41.97 -38.96 11.12
N VAL A 338 -41.44 -37.96 11.80
CA VAL A 338 -41.36 -38.08 13.25
C VAL A 338 -42.52 -37.43 13.98
N GLU A 339 -43.18 -38.21 14.83
CA GLU A 339 -44.23 -37.65 15.66
C GLU A 339 -43.68 -36.66 16.72
N SER A 340 -44.10 -35.41 16.60
CA SER A 340 -43.72 -34.37 17.54
C SER A 340 -44.76 -34.22 18.66
N PHE A 341 -44.55 -33.18 19.46
CA PHE A 341 -45.28 -32.96 20.72
C PHE A 341 -46.79 -32.76 20.63
N ASP A 342 -47.25 -32.27 19.48
CA ASP A 342 -48.66 -31.97 19.23
C ASP A 342 -49.24 -32.88 18.16
N GLY A 343 -48.57 -33.98 17.89
CA GLY A 343 -49.05 -34.96 16.90
C GLY A 343 -48.71 -34.57 15.47
N SER A 344 -47.97 -33.48 15.31
CA SER A 344 -47.54 -33.11 13.98
C SER A 344 -46.44 -34.03 13.52
N ARG A 345 -46.51 -34.46 12.27
CA ARG A 345 -45.54 -35.40 11.73
C ARG A 345 -44.44 -34.55 11.11
N VAL A 346 -43.22 -34.67 11.65
CA VAL A 346 -42.06 -33.88 11.19
C VAL A 346 -41.27 -34.68 10.15
N PRO A 347 -41.21 -34.18 8.88
CA PRO A 347 -40.39 -34.83 7.87
C PRO A 347 -38.91 -34.60 8.13
N THR A 348 -38.20 -35.70 8.23
CA THR A 348 -36.85 -35.71 8.67
C THR A 348 -36.05 -36.63 7.73
N TYR A 349 -35.02 -36.05 7.12
CA TYR A 349 -34.11 -36.79 6.28
C TYR A 349 -33.08 -37.44 7.19
N VAL A 350 -32.74 -38.69 6.93
CA VAL A 350 -31.70 -39.38 7.67
C VAL A 350 -30.61 -39.83 6.70
N LEU A 351 -29.37 -39.44 6.94
CA LEU A 351 -28.24 -39.90 6.20
C LEU A 351 -27.46 -40.86 7.08
N GLU A 352 -27.40 -42.13 6.69
CA GLU A 352 -26.65 -43.18 7.41
C GLU A 352 -25.21 -43.28 6.95
N SER A 353 -24.29 -43.14 7.90
CA SER A 353 -22.86 -43.23 7.61
C SER A 353 -22.48 -44.69 7.40
N GLY A 354 -21.67 -44.95 6.37
CA GLY A 354 -21.06 -46.25 6.16
C GLY A 354 -19.88 -46.49 7.09
N ARG A 355 -19.54 -45.49 7.91
CA ARG A 355 -18.43 -45.61 8.84
C ARG A 355 -18.83 -45.60 10.30
N ALA A 356 -20.12 -45.86 10.58
CA ALA A 356 -20.67 -45.95 11.96
C ALA A 356 -21.41 -47.22 12.12
N PRO A 357 -21.45 -47.78 13.33
CA PRO A 357 -22.34 -48.93 13.56
C PRO A 357 -23.77 -48.46 13.81
N THR A 358 -24.67 -49.40 14.02
CA THR A 358 -26.05 -49.11 14.39
C THR A 358 -26.38 -50.00 15.59
N PRO A 359 -26.73 -49.39 16.74
CA PRO A 359 -26.78 -47.95 16.98
C PRO A 359 -25.38 -47.34 16.89
N GLY A 360 -25.30 -46.08 16.47
CA GLY A 360 -24.04 -45.35 16.53
C GLY A 360 -24.13 -43.85 16.80
N PRO A 361 -22.98 -43.21 16.79
CA PRO A 361 -22.97 -41.77 17.04
C PRO A 361 -23.75 -41.02 16.00
N THR A 362 -24.66 -40.15 16.43
CA THR A 362 -25.56 -39.46 15.53
C THR A 362 -25.56 -37.96 15.83
N VAL A 363 -25.60 -37.14 14.77
CA VAL A 363 -25.72 -35.71 14.92
C VAL A 363 -27.06 -35.28 14.37
N VAL A 364 -27.84 -34.51 15.13
CA VAL A 364 -29.01 -33.86 14.59
C VAL A 364 -28.52 -32.55 14.03
N LEU A 365 -28.53 -32.44 12.72
CA LEU A 365 -27.95 -31.30 12.01
C LEU A 365 -29.06 -30.36 11.60
N VAL A 366 -29.20 -29.23 12.29
CA VAL A 366 -30.45 -28.47 12.17
C VAL A 366 -30.27 -27.49 11.06
N HIS A 367 -31.14 -27.52 10.07
CA HIS A 367 -30.95 -26.58 8.92
C HIS A 367 -31.18 -25.15 9.33
N GLY A 368 -30.67 -24.22 8.55
CA GLY A 368 -30.87 -22.82 8.81
C GLY A 368 -32.13 -22.27 8.17
N GLY A 369 -32.15 -20.95 8.02
CA GLY A 369 -33.28 -20.28 7.38
C GLY A 369 -33.90 -19.21 8.27
N PRO A 370 -35.06 -19.47 8.88
CA PRO A 370 -35.60 -20.82 9.04
C PRO A 370 -36.44 -21.28 7.86
N PHE A 371 -36.70 -20.37 6.92
CA PHE A 371 -37.48 -20.76 5.74
C PHE A 371 -36.59 -21.43 4.73
N ALA A 372 -36.32 -22.70 5.01
CA ALA A 372 -35.47 -23.54 4.17
C ALA A 372 -35.76 -24.98 4.55
N GLU A 373 -35.16 -25.92 3.84
CA GLU A 373 -35.46 -27.32 4.15
C GLU A 373 -34.35 -28.31 3.96
N ASP A 374 -34.40 -29.37 4.74
CA ASP A 374 -33.53 -30.53 4.51
C ASP A 374 -34.22 -31.42 3.50
N SER A 375 -33.59 -31.61 2.35
CA SER A 375 -34.18 -32.37 1.27
C SER A 375 -33.20 -33.39 0.72
N ASP A 376 -33.59 -34.10 -0.34
CA ASP A 376 -32.67 -34.96 -1.07
C ASP A 376 -31.85 -34.03 -1.97
N SER A 377 -30.95 -33.28 -1.33
CA SER A 377 -30.03 -32.31 -1.93
C SER A 377 -28.66 -32.46 -1.22
N TRP A 378 -27.58 -32.27 -1.95
CA TRP A 378 -26.26 -32.30 -1.37
C TRP A 378 -26.14 -31.35 -0.20
N ASP A 379 -25.50 -31.83 0.87
CA ASP A 379 -25.17 -31.06 2.07
C ASP A 379 -23.74 -31.42 2.52
N THR A 380 -22.80 -30.48 2.38
CA THR A 380 -21.39 -30.68 2.63
C THR A 380 -21.20 -31.01 4.08
N PHE A 381 -21.89 -30.33 4.94
CA PHE A 381 -21.83 -30.66 6.35
C PHE A 381 -22.30 -32.06 6.66
N ALA A 382 -23.44 -32.44 6.12
CA ALA A 382 -23.91 -33.80 6.37
C ALA A 382 -22.92 -34.85 5.83
N ALA A 383 -22.37 -34.63 4.64
CA ALA A 383 -21.44 -35.55 4.02
C ALA A 383 -20.20 -35.69 4.89
N SER A 384 -19.68 -34.55 5.36
CA SER A 384 -18.54 -34.55 6.28
C SER A 384 -18.77 -35.34 7.52
N LEU A 385 -19.97 -35.24 8.07
CA LEU A 385 -20.24 -35.94 9.32
C LEU A 385 -20.29 -37.41 9.06
N ALA A 386 -20.93 -37.80 7.98
CA ALA A 386 -20.98 -39.26 7.61
C ALA A 386 -19.58 -39.78 7.34
N ALA A 387 -18.72 -38.96 6.76
CA ALA A 387 -17.32 -39.36 6.54
C ALA A 387 -16.65 -39.60 7.86
N ALA A 388 -16.96 -38.76 8.83
CA ALA A 388 -16.31 -38.80 10.13
C ALA A 388 -16.91 -39.85 11.05
N GLY A 389 -17.96 -40.52 10.60
CA GLY A 389 -18.50 -41.67 11.35
C GLY A 389 -19.69 -41.34 12.23
N PHE A 390 -20.42 -40.32 11.81
CA PHE A 390 -21.68 -40.00 12.44
C PHE A 390 -22.80 -40.20 11.43
N HIS A 391 -23.90 -40.78 11.89
CA HIS A 391 -25.16 -40.69 11.18
C HIS A 391 -25.65 -39.26 11.36
N VAL A 392 -26.40 -38.77 10.37
CA VAL A 392 -26.92 -37.42 10.40
C VAL A 392 -28.43 -37.38 10.28
N VAL A 393 -29.10 -36.66 11.18
CA VAL A 393 -30.57 -36.58 11.26
C VAL A 393 -30.95 -35.12 10.99
N MET A 394 -31.81 -34.90 10.00
CA MET A 394 -32.05 -33.57 9.49
C MET A 394 -33.55 -33.23 9.47
N PRO A 395 -34.08 -32.76 10.60
CA PRO A 395 -35.50 -32.58 10.76
C PRO A 395 -35.96 -31.24 10.27
N ASN A 396 -36.92 -31.31 9.40
CA ASN A 396 -37.58 -30.11 8.97
C ASN A 396 -38.54 -29.61 10.03
N TYR A 397 -38.09 -28.86 10.99
CA TYR A 397 -38.94 -28.25 11.98
C TYR A 397 -39.95 -27.28 11.38
N ARG A 398 -41.03 -27.05 12.11
CA ARG A 398 -42.05 -26.14 11.63
C ARG A 398 -41.33 -24.80 11.40
N GLY A 399 -41.75 -24.07 10.38
CA GLY A 399 -40.97 -23.03 9.79
C GLY A 399 -40.29 -23.47 8.53
N SER A 400 -40.09 -24.77 8.34
CA SER A 400 -39.41 -25.26 7.15
C SER A 400 -40.19 -24.98 5.86
N THR A 401 -39.51 -24.76 4.74
CA THR A 401 -40.21 -24.73 3.43
C THR A 401 -40.43 -26.14 3.00
N GLY A 402 -41.28 -26.34 2.00
CA GLY A 402 -41.40 -27.61 1.32
C GLY A 402 -42.60 -28.50 1.66
N TYR A 403 -43.30 -28.16 2.73
CA TYR A 403 -44.38 -28.99 3.19
C TYR A 403 -45.63 -28.21 3.42
N GLY A 404 -45.72 -27.04 2.78
CA GLY A 404 -46.95 -26.27 2.85
C GLY A 404 -46.85 -25.03 3.68
N GLU A 405 -47.75 -24.11 3.40
CA GLU A 405 -47.76 -22.82 4.06
C GLU A 405 -48.10 -22.94 5.55
N GLU A 406 -48.94 -23.89 5.91
CA GLU A 406 -49.35 -24.01 7.32
C GLU A 406 -48.14 -24.29 8.17
N TRP A 407 -47.42 -25.35 7.83
CA TRP A 407 -46.18 -25.71 8.52
C TRP A 407 -45.10 -24.59 8.50
N ARG A 408 -44.98 -23.87 7.41
CA ARG A 408 -43.97 -22.82 7.35
C ARG A 408 -44.37 -21.71 8.32
N LEU A 409 -45.62 -21.28 8.32
CA LEU A 409 -45.96 -20.12 9.14
C LEU A 409 -46.13 -20.40 10.64
N LYS A 410 -46.18 -21.65 11.09
CA LYS A 410 -46.33 -21.90 12.52
C LYS A 410 -45.14 -21.39 13.37
N ILE A 411 -43.99 -21.14 12.75
CA ILE A 411 -42.84 -20.63 13.46
C ILE A 411 -42.97 -19.15 13.75
N ILE A 412 -43.87 -18.46 13.04
CA ILE A 412 -44.05 -17.00 13.23
C ILE A 412 -44.58 -16.64 14.63
N GLY A 413 -43.84 -15.82 15.37
CA GLY A 413 -44.22 -15.45 16.74
C GLY A 413 -43.77 -16.43 17.82
N ASP A 414 -43.10 -17.53 17.41
CA ASP A 414 -42.79 -18.64 18.32
C ASP A 414 -41.42 -19.26 18.10
N PRO A 415 -40.37 -18.43 17.98
CA PRO A 415 -39.03 -18.94 17.83
C PRO A 415 -38.55 -19.52 19.14
N CYS A 416 -37.76 -20.57 19.08
CA CYS A 416 -37.44 -21.36 20.26
C CYS A 416 -38.72 -21.74 20.99
N GLY A 417 -39.66 -22.32 20.25
CA GLY A 417 -40.90 -22.86 20.82
C GLY A 417 -41.14 -24.21 20.20
N GLY A 418 -42.16 -24.27 19.33
CA GLY A 418 -42.61 -25.53 18.73
C GLY A 418 -41.54 -26.14 17.85
N GLU A 419 -40.75 -25.30 17.19
CA GLU A 419 -39.77 -25.84 16.26
C GLU A 419 -38.61 -26.56 16.99
N LEU A 420 -38.33 -26.16 18.21
CA LEU A 420 -37.33 -26.86 19.03
C LEU A 420 -37.88 -28.20 19.51
N GLU A 421 -39.18 -28.23 19.77
CA GLU A 421 -39.84 -29.49 20.12
C GLU A 421 -39.75 -30.50 18.95
N ASP A 422 -39.86 -30.01 17.73
CA ASP A 422 -39.67 -30.85 16.58
C ASP A 422 -38.23 -31.37 16.54
N VAL A 423 -37.26 -30.50 16.75
CA VAL A 423 -35.89 -30.93 16.77
C VAL A 423 -35.73 -31.96 17.85
N SER A 424 -36.31 -31.71 19.02
CA SER A 424 -36.20 -32.62 20.15
C SER A 424 -36.85 -34.01 19.90
N ALA A 425 -37.99 -33.99 19.18
CA ALA A 425 -38.69 -35.20 18.76
C ALA A 425 -37.81 -36.00 17.76
N ALA A 426 -37.09 -35.30 16.89
CA ALA A 426 -36.21 -35.99 15.97
C ALA A 426 -35.07 -36.64 16.74
N ALA A 427 -34.54 -35.94 17.72
CA ALA A 427 -33.51 -36.48 18.60
C ALA A 427 -33.99 -37.77 19.28
N ARG A 428 -35.21 -37.73 19.83
CA ARG A 428 -35.77 -38.87 20.50
C ARG A 428 -36.03 -40.01 19.55
N TRP A 429 -36.49 -39.68 18.34
CA TRP A 429 -36.70 -40.71 17.34
C TRP A 429 -35.37 -41.43 17.06
N ALA A 430 -34.28 -40.65 16.91
CA ALA A 430 -32.97 -41.20 16.56
C ALA A 430 -32.60 -42.23 17.57
N ARG A 431 -32.97 -41.98 18.82
CA ARG A 431 -32.70 -42.88 19.91
C ARG A 431 -33.58 -44.10 19.93
N GLU A 432 -34.90 -43.89 19.96
CA GLU A 432 -35.86 -44.97 20.23
C GLU A 432 -35.93 -45.92 19.04
N SER A 433 -35.68 -45.42 17.84
CA SER A 433 -35.73 -46.23 16.64
C SER A 433 -34.58 -47.21 16.56
N GLY A 434 -33.49 -46.91 17.27
CA GLY A 434 -32.27 -47.73 17.26
C GLY A 434 -31.09 -47.17 16.45
N LEU A 435 -31.27 -46.00 15.84
CA LEU A 435 -30.20 -45.39 15.07
C LEU A 435 -29.04 -44.92 15.93
N ALA A 436 -29.33 -44.24 17.03
CA ALA A 436 -28.34 -43.45 17.75
C ALA A 436 -27.87 -44.04 19.08
N SER A 437 -26.59 -44.32 19.17
CA SER A 437 -25.96 -44.64 20.45
C SER A 437 -25.70 -43.39 21.32
N GLU A 438 -25.44 -42.25 20.71
CA GLU A 438 -25.33 -41.02 21.45
C GLU A 438 -25.72 -39.88 20.51
N LEU A 439 -26.18 -38.76 21.07
CA LEU A 439 -26.72 -37.66 20.26
C LEU A 439 -25.98 -36.38 20.44
N TYR A 440 -25.65 -35.72 19.33
CA TYR A 440 -25.05 -34.36 19.28
C TYR A 440 -25.98 -33.45 18.48
N ILE A 441 -25.86 -32.14 18.68
CA ILE A 441 -26.57 -31.18 17.87
C ILE A 441 -25.60 -30.17 17.22
N MET A 442 -25.85 -29.85 15.97
CA MET A 442 -24.98 -28.99 15.25
C MET A 442 -25.85 -28.21 14.31
N GLY A 443 -25.48 -26.96 14.05
CA GLY A 443 -26.20 -26.12 13.12
C GLY A 443 -25.50 -24.80 12.84
N TYR A 444 -25.79 -24.19 11.70
CA TYR A 444 -25.22 -22.93 11.30
C TYR A 444 -26.35 -21.93 11.17
N SER A 445 -26.13 -20.69 11.58
CA SER A 445 -27.12 -19.68 11.40
C SER A 445 -28.37 -20.01 12.23
N TYR A 446 -29.58 -19.98 11.66
CA TYR A 446 -30.72 -20.35 12.50
C TYR A 446 -30.52 -21.71 13.19
N GLY A 447 -29.78 -22.60 12.54
CA GLY A 447 -29.47 -23.94 13.09
C GLY A 447 -28.56 -23.83 14.29
N GLY A 448 -27.65 -22.86 14.21
CA GLY A 448 -26.84 -22.50 15.35
C GLY A 448 -27.67 -21.98 16.51
N TYR A 449 -28.57 -21.05 16.22
CA TYR A 449 -29.56 -20.63 17.20
C TYR A 449 -30.22 -21.83 17.85
N MET A 450 -30.64 -22.79 17.04
CA MET A 450 -31.30 -23.98 17.59
C MET A 450 -30.39 -24.79 18.47
N THR A 451 -29.09 -24.89 18.13
CA THR A 451 -28.14 -25.58 19.01
C THR A 451 -28.15 -24.93 20.36
N LEU A 452 -28.07 -23.60 20.39
CA LEU A 452 -28.03 -22.84 21.66
C LEU A 452 -29.35 -22.97 22.43
N CYS A 453 -30.46 -22.97 21.73
CA CYS A 453 -31.72 -23.15 22.37
C CYS A 453 -31.89 -24.58 22.94
N ALA A 454 -31.39 -25.57 22.23
CA ALA A 454 -31.45 -26.92 22.75
C ALA A 454 -30.63 -27.00 24.02
N LEU A 455 -29.45 -26.37 24.01
CA LEU A 455 -28.54 -26.50 25.14
C LEU A 455 -29.00 -25.72 26.37
N THR A 456 -29.76 -24.64 26.16
CA THR A 456 -30.27 -23.84 27.28
C THR A 456 -31.63 -24.35 27.77
N MET A 457 -32.53 -24.64 26.85
CA MET A 457 -33.88 -25.04 27.23
C MET A 457 -34.05 -26.54 27.41
N LYS A 458 -33.17 -27.32 26.80
CA LYS A 458 -33.30 -28.78 26.85
C LYS A 458 -32.01 -29.46 27.23
N PRO A 459 -31.46 -29.07 28.39
CA PRO A 459 -30.19 -29.63 28.84
C PRO A 459 -30.37 -31.10 29.10
N GLY A 460 -29.35 -31.87 28.70
CA GLY A 460 -29.37 -33.32 28.89
C GLY A 460 -29.98 -34.06 27.71
N LEU A 461 -30.50 -33.31 26.73
CA LEU A 461 -31.01 -33.93 25.50
C LEU A 461 -29.82 -34.40 24.68
N PHE A 462 -28.90 -33.48 24.36
CA PHE A 462 -27.69 -33.76 23.57
C PHE A 462 -26.45 -33.93 24.43
N LYS A 463 -25.46 -34.63 23.95
CA LYS A 463 -24.21 -34.80 24.68
C LYS A 463 -23.32 -33.57 24.56
N ALA A 464 -23.43 -32.87 23.42
CA ALA A 464 -22.62 -31.68 23.14
C ALA A 464 -23.21 -30.96 21.95
N GLY A 465 -22.87 -29.70 21.74
CA GLY A 465 -23.44 -28.93 20.63
C GLY A 465 -22.46 -28.02 19.92
N VAL A 466 -22.63 -27.90 18.61
CA VAL A 466 -21.82 -27.02 17.78
C VAL A 466 -22.76 -25.95 17.26
N ALA A 467 -22.41 -24.69 17.55
CA ALA A 467 -23.24 -23.59 17.16
C ALA A 467 -22.42 -22.69 16.29
N GLY A 468 -22.76 -22.68 15.01
CA GLY A 468 -22.11 -21.83 14.04
C GLY A 468 -22.95 -20.67 13.56
N ALA A 469 -22.32 -19.50 13.41
CA ALA A 469 -22.95 -18.27 12.92
C ALA A 469 -24.30 -18.05 13.62
N SER A 470 -24.29 -18.21 14.93
CA SER A 470 -25.55 -18.47 15.60
C SER A 470 -26.23 -17.18 16.03
N VAL A 471 -27.52 -17.26 16.27
CA VAL A 471 -28.22 -16.13 16.88
C VAL A 471 -28.13 -16.31 18.39
N VAL A 472 -27.77 -15.27 19.12
CA VAL A 472 -27.54 -15.35 20.58
C VAL A 472 -28.52 -14.47 21.36
N ASP A 473 -28.76 -13.30 20.79
CA ASP A 473 -29.65 -12.33 21.36
C ASP A 473 -30.36 -11.58 20.26
N TRP A 474 -31.68 -11.77 20.21
CA TRP A 474 -32.51 -11.07 19.23
C TRP A 474 -32.47 -9.55 19.42
N GLU A 475 -32.30 -9.07 20.65
CA GLU A 475 -32.29 -7.64 20.89
C GLU A 475 -31.06 -6.99 20.27
N GLU A 476 -29.88 -7.43 20.65
CA GLU A 476 -28.72 -6.74 20.20
C GLU A 476 -28.59 -6.92 18.69
N MET A 477 -28.97 -8.08 18.19
CA MET A 477 -28.94 -8.36 16.76
C MET A 477 -29.80 -7.38 16.00
N TYR A 478 -31.02 -7.18 16.48
CA TYR A 478 -31.95 -6.23 15.91
C TYR A 478 -31.36 -4.87 15.82
N GLU A 479 -30.75 -4.38 16.89
CA GLU A 479 -30.14 -3.01 16.84
C GLU A 479 -29.04 -2.89 15.78
N LEU A 480 -28.27 -3.95 15.59
CA LEU A 480 -27.13 -3.96 14.66
C LEU A 480 -27.51 -4.41 13.21
N SER A 481 -28.80 -4.51 12.93
CA SER A 481 -29.25 -5.05 11.63
C SER A 481 -29.59 -3.95 10.66
N ASP A 482 -29.51 -4.27 9.38
CA ASP A 482 -29.95 -3.32 8.36
C ASP A 482 -31.48 -3.40 8.20
N ALA A 483 -32.03 -2.61 7.29
CA ALA A 483 -33.50 -2.54 7.17
C ALA A 483 -34.12 -3.89 6.87
N ALA A 484 -33.48 -4.70 6.04
CA ALA A 484 -34.07 -5.96 5.65
C ALA A 484 -34.12 -6.88 6.86
N PHE A 485 -33.02 -6.97 7.59
CA PHE A 485 -33.01 -7.89 8.70
C PHE A 485 -33.87 -7.41 9.88
N ARG A 486 -33.96 -6.09 10.07
CA ARG A 486 -34.81 -5.59 11.14
C ARG A 486 -36.22 -6.04 10.86
N ASN A 487 -36.68 -5.82 9.62
CA ASN A 487 -38.02 -6.23 9.25
C ASN A 487 -38.27 -7.69 9.41
N PHE A 488 -37.26 -8.47 9.06
CA PHE A 488 -37.40 -9.87 9.14
C PHE A 488 -37.55 -10.32 10.58
N ILE A 489 -36.71 -9.78 11.44
CA ILE A 489 -36.78 -10.10 12.87
C ILE A 489 -38.16 -9.74 13.49
N GLU A 490 -38.70 -8.60 13.09
CA GLU A 490 -40.02 -8.19 13.53
C GLU A 490 -41.03 -9.24 13.14
N GLN A 491 -40.95 -9.66 11.89
CA GLN A 491 -41.88 -10.66 11.38
C GLN A 491 -41.81 -11.94 12.21
N LEU A 492 -40.59 -12.43 12.41
CA LEU A 492 -40.36 -13.69 13.08
C LEU A 492 -40.74 -13.68 14.55
N THR A 493 -40.55 -12.55 15.21
CA THR A 493 -40.80 -12.47 16.65
C THR A 493 -42.19 -12.00 16.92
N GLY A 494 -42.95 -11.81 15.84
CA GLY A 494 -44.31 -11.29 15.93
C GLY A 494 -44.36 -9.91 16.48
N GLY A 495 -43.32 -9.14 16.22
CA GLY A 495 -43.23 -7.76 16.69
C GLY A 495 -43.10 -7.59 18.20
N SER A 496 -42.76 -8.65 18.94
CA SER A 496 -42.82 -8.64 20.40
C SER A 496 -41.44 -8.66 21.01
N ARG A 497 -41.12 -7.61 21.74
CA ARG A 497 -39.84 -7.49 22.43
C ARG A 497 -39.73 -8.52 23.56
N GLU A 498 -40.86 -8.84 24.17
CA GLU A 498 -40.92 -9.91 25.16
C GLU A 498 -40.41 -11.20 24.53
N ILE A 499 -40.86 -11.49 23.32
CA ILE A 499 -40.38 -12.69 22.62
C ILE A 499 -38.90 -12.53 22.27
N MET A 500 -38.50 -11.37 21.79
CA MET A 500 -37.07 -11.10 21.52
C MET A 500 -36.21 -11.46 22.72
N ARG A 501 -36.67 -11.10 23.90
CA ARG A 501 -35.93 -11.35 25.10
C ARG A 501 -36.01 -12.82 25.54
N SER A 502 -37.21 -13.36 25.64
CA SER A 502 -37.41 -14.66 26.30
C SER A 502 -36.88 -15.81 25.49
N ARG A 503 -36.81 -15.63 24.19
CA ARG A 503 -36.32 -16.62 23.27
C ARG A 503 -34.85 -16.41 22.81
N SER A 504 -34.09 -15.62 23.54
CA SER A 504 -32.67 -15.42 23.27
C SER A 504 -31.86 -16.24 24.26
N PRO A 505 -30.96 -17.06 23.77
CA PRO A 505 -30.17 -17.92 24.62
C PRO A 505 -29.31 -17.19 25.60
N ILE A 506 -28.88 -16.00 25.23
CA ILE A 506 -28.07 -15.20 26.12
C ILE A 506 -28.69 -15.05 27.52
N ASN A 507 -30.00 -15.04 27.61
CA ASN A 507 -30.67 -14.85 28.88
C ASN A 507 -30.95 -16.16 29.63
N HIS A 508 -30.39 -17.28 29.19
CA HIS A 508 -30.57 -18.54 29.91
C HIS A 508 -29.27 -19.35 29.98
N VAL A 509 -28.13 -18.67 30.04
CA VAL A 509 -26.85 -19.34 29.95
C VAL A 509 -26.66 -20.31 31.09
N ASP A 510 -27.19 -19.96 32.24
CA ASP A 510 -27.08 -20.72 33.48
C ASP A 510 -27.52 -22.13 33.37
N ARG A 511 -28.43 -22.39 32.47
CA ARG A 511 -29.04 -23.71 32.36
C ARG A 511 -28.15 -24.73 31.66
N ILE A 512 -27.23 -24.22 30.85
CA ILE A 512 -26.37 -25.07 30.05
C ILE A 512 -25.57 -26.03 30.91
N LYS A 513 -25.69 -27.31 30.61
CA LYS A 513 -24.96 -28.34 31.30
C LYS A 513 -24.02 -29.12 30.37
N GLU A 514 -24.08 -28.89 29.06
CA GLU A 514 -23.26 -29.63 28.11
C GLU A 514 -22.21 -28.78 27.43
N PRO A 515 -21.14 -29.42 26.95
CA PRO A 515 -20.08 -28.71 26.25
C PRO A 515 -20.54 -28.11 24.94
N LEU A 516 -20.00 -26.95 24.58
CA LEU A 516 -20.43 -26.20 23.44
C LEU A 516 -19.26 -25.70 22.60
N ALA A 517 -19.32 -25.96 21.31
CA ALA A 517 -18.33 -25.40 20.40
C ALA A 517 -18.98 -24.24 19.68
N LEU A 518 -18.45 -23.04 19.82
CA LEU A 518 -18.94 -21.87 19.05
C LEU A 518 -18.05 -21.56 17.86
N ILE A 519 -18.62 -21.37 16.68
CA ILE A 519 -17.83 -21.08 15.48
C ILE A 519 -18.44 -19.86 14.89
N HIS A 520 -17.70 -18.83 14.54
CA HIS A 520 -18.34 -17.63 14.06
C HIS A 520 -17.40 -16.83 13.16
N PRO A 521 -17.84 -16.38 12.00
CA PRO A 521 -17.03 -15.50 11.18
C PRO A 521 -17.09 -14.05 11.65
N GLN A 522 -15.95 -13.47 11.88
CA GLN A 522 -15.94 -12.15 12.48
C GLN A 522 -16.81 -11.10 11.82
N ASN A 523 -16.93 -11.08 10.50
CA ASN A 523 -17.72 -10.07 9.82
C ASN A 523 -19.16 -10.49 9.44
N ASN A 524 -19.68 -11.55 10.01
CA ASN A 524 -21.08 -11.88 9.72
C ASN A 524 -21.96 -10.66 9.99
N SER A 525 -22.75 -10.23 9.01
CA SER A 525 -23.55 -9.03 9.18
C SER A 525 -25.00 -9.37 9.30
N ARG A 526 -25.28 -10.65 9.44
CA ARG A 526 -26.64 -11.10 9.65
C ARG A 526 -26.78 -11.43 11.10
N THR A 527 -25.93 -12.35 11.57
CA THR A 527 -25.78 -12.68 13.00
C THR A 527 -24.42 -12.22 13.47
N PRO A 528 -24.31 -10.99 14.03
CA PRO A 528 -23.00 -10.34 14.22
C PRO A 528 -22.25 -10.90 15.40
N LEU A 529 -20.94 -10.69 15.44
CA LEU A 529 -20.08 -11.33 16.47
C LEU A 529 -20.28 -10.76 17.86
N LYS A 530 -20.69 -9.51 17.94
CA LYS A 530 -20.67 -8.84 19.24
C LYS A 530 -21.46 -9.57 20.34
N PRO A 531 -22.72 -9.90 20.07
CA PRO A 531 -23.47 -10.69 21.02
C PRO A 531 -22.84 -12.04 21.39
N LEU A 532 -22.05 -12.59 20.50
CA LEU A 532 -21.41 -13.85 20.76
C LEU A 532 -20.19 -13.70 21.67
N LEU A 533 -19.48 -12.58 21.54
CA LEU A 533 -18.49 -12.24 22.52
C LEU A 533 -19.14 -12.12 23.89
N ARG A 534 -20.37 -11.62 23.95
CA ARG A 534 -21.02 -11.46 25.24
C ARG A 534 -21.46 -12.81 25.77
N LEU A 535 -21.85 -13.71 24.89
CA LEU A 535 -22.12 -15.07 25.34
C LEU A 535 -20.89 -15.69 25.91
N MET A 536 -19.75 -15.51 25.25
CA MET A 536 -18.48 -16.06 25.76
C MET A 536 -18.21 -15.56 27.16
N GLY A 537 -18.48 -14.29 27.39
CA GLY A 537 -18.27 -13.71 28.71
C GLY A 537 -19.17 -14.30 29.78
N GLU A 538 -20.43 -14.53 29.41
CA GLU A 538 -21.38 -15.18 30.29
C GLU A 538 -21.03 -16.65 30.50
N LEU A 539 -20.62 -17.37 29.46
CA LEU A 539 -20.19 -18.77 29.65
C LEU A 539 -19.03 -18.91 30.63
N LEU A 540 -18.06 -17.98 30.54
CA LEU A 540 -16.89 -17.95 31.43
C LEU A 540 -17.27 -17.59 32.85
N ALA A 541 -18.00 -16.49 33.01
CA ALA A 541 -18.41 -16.02 34.34
C ALA A 541 -19.15 -17.11 35.14
N ARG A 542 -19.88 -17.96 34.42
CA ARG A 542 -20.66 -19.03 35.03
C ARG A 542 -20.05 -20.42 34.97
N GLY A 543 -18.77 -20.48 34.60
CA GLY A 543 -17.98 -21.72 34.62
C GLY A 543 -18.45 -22.84 33.71
N LYS A 544 -18.95 -22.50 32.51
CA LYS A 544 -19.41 -23.50 31.57
C LYS A 544 -18.29 -23.89 30.62
N THR A 545 -18.19 -25.16 30.21
CA THR A 545 -17.13 -25.56 29.28
C THR A 545 -17.51 -25.07 27.89
N PHE A 546 -16.62 -24.40 27.18
CA PHE A 546 -16.85 -24.19 25.76
C PHE A 546 -15.57 -24.06 24.97
N GLU A 547 -15.67 -24.15 23.65
CA GLU A 547 -14.59 -23.68 22.83
C GLU A 547 -15.18 -22.75 21.78
N ALA A 548 -14.37 -21.86 21.21
CA ALA A 548 -14.89 -20.87 20.31
C ALA A 548 -13.89 -20.69 19.21
N HIS A 549 -14.34 -20.48 17.98
CA HIS A 549 -13.42 -20.22 16.90
C HIS A 549 -13.93 -19.05 16.10
N ILE A 550 -13.15 -18.00 15.97
CA ILE A 550 -13.57 -16.86 15.22
C ILE A 550 -12.72 -16.77 13.96
N ILE A 551 -13.37 -16.78 12.81
CA ILE A 551 -12.70 -16.85 11.49
C ILE A 551 -12.49 -15.45 10.93
N PRO A 552 -11.29 -15.10 10.51
CA PRO A 552 -11.01 -13.74 10.03
C PRO A 552 -11.52 -13.44 8.63
N ASP A 553 -11.73 -12.16 8.35
CA ASP A 553 -12.14 -11.67 7.05
C ASP A 553 -13.19 -12.53 6.34
N ALA A 554 -14.18 -13.04 7.06
CA ALA A 554 -15.25 -13.74 6.43
C ALA A 554 -16.60 -13.43 7.13
N GLY A 555 -17.70 -13.85 6.53
CA GLY A 555 -19.03 -13.53 7.00
C GLY A 555 -19.97 -14.70 6.78
N HIS A 556 -21.26 -14.45 6.55
CA HIS A 556 -22.25 -15.55 6.52
CA HIS A 556 -22.23 -15.56 6.55
C HIS A 556 -21.99 -16.49 5.37
N ALA A 557 -21.71 -15.90 4.22
CA ALA A 557 -21.63 -16.62 2.97
C ALA A 557 -20.21 -16.99 2.72
N ILE A 558 -19.92 -18.27 2.76
CA ILE A 558 -18.57 -18.78 2.60
C ILE A 558 -18.33 -19.05 1.13
N ASN A 559 -17.36 -18.42 0.53
CA ASN A 559 -17.16 -18.54 -0.91
C ASN A 559 -15.74 -18.96 -1.27
N THR A 560 -14.98 -19.49 -0.30
CA THR A 560 -13.63 -20.03 -0.60
C THR A 560 -13.37 -21.28 0.20
N MET A 561 -12.54 -22.19 -0.32
CA MET A 561 -12.17 -23.45 0.36
C MET A 561 -11.65 -23.24 1.74
N GLU A 562 -10.77 -22.26 1.85
CA GLU A 562 -10.15 -21.92 3.11
C GLU A 562 -11.15 -21.54 4.20
N ASP A 563 -12.10 -20.67 3.89
CA ASP A 563 -13.05 -20.26 4.90
C ASP A 563 -13.94 -21.45 5.23
N ALA A 564 -14.24 -22.26 4.23
CA ALA A 564 -15.10 -23.39 4.44
C ALA A 564 -14.43 -24.37 5.40
N VAL A 565 -13.11 -24.52 5.27
CA VAL A 565 -12.38 -25.45 6.11
C VAL A 565 -12.37 -24.90 7.53
N LYS A 566 -12.12 -23.59 7.66
CA LYS A 566 -12.04 -22.95 8.98
C LYS A 566 -13.39 -23.01 9.69
N ILE A 567 -14.49 -22.85 8.99
CA ILE A 567 -15.73 -23.01 9.71
C ILE A 567 -16.17 -24.47 9.90
N LEU A 568 -15.78 -25.41 9.04
CA LEU A 568 -16.30 -26.80 9.21
C LEU A 568 -15.46 -27.75 10.05
N LEU A 569 -14.16 -27.63 9.91
CA LEU A 569 -13.21 -28.48 10.58
C LEU A 569 -13.23 -28.42 12.11
N PRO A 570 -13.36 -27.24 12.72
CA PRO A 570 -13.48 -27.31 14.17
C PRO A 570 -14.71 -28.06 14.59
N ALA A 571 -15.75 -28.04 13.79
CA ALA A 571 -16.98 -28.72 14.16
C ALA A 571 -16.72 -30.21 14.23
N VAL A 572 -16.09 -30.73 13.18
CA VAL A 572 -15.88 -32.16 13.08
C VAL A 572 -14.86 -32.64 14.15
N PHE A 573 -13.80 -31.87 14.34
CA PHE A 573 -12.81 -32.20 15.33
C PHE A 573 -13.44 -32.27 16.72
N PHE A 574 -14.24 -31.26 17.03
CA PHE A 574 -14.95 -31.18 18.30
C PHE A 574 -15.79 -32.38 18.52
N LEU A 575 -16.63 -32.68 17.53
CA LEU A 575 -17.56 -33.78 17.68
C LEU A 575 -16.80 -35.07 17.78
N ALA A 576 -15.73 -35.26 17.01
CA ALA A 576 -14.92 -36.49 17.15
C ALA A 576 -14.27 -36.62 18.51
N THR A 577 -13.80 -35.50 19.08
CA THR A 577 -13.23 -35.49 20.42
C THR A 577 -14.29 -35.83 21.46
N GLN A 578 -15.43 -35.18 21.37
CA GLN A 578 -16.55 -35.52 22.24
C GLN A 578 -16.91 -37.02 22.19
N ARG A 579 -16.79 -37.63 21.04
CA ARG A 579 -17.14 -39.01 20.91
C ARG A 579 -16.24 -39.94 21.73
N GLU A 580 -15.00 -39.50 21.98
CA GLU A 580 -14.04 -40.29 22.73
C GLU A 580 -14.02 -40.00 24.25
N ARG A 581 -14.87 -39.12 24.74
CA ARG A 581 -15.18 -39.08 26.18
C ARG A 581 -15.88 -40.40 26.56
N PRO B 6 -3.20 -22.61 -3.16
CA PRO B 6 -4.20 -23.02 -2.11
C PRO B 6 -3.51 -23.80 -0.94
N VAL B 7 -3.95 -23.57 0.30
CA VAL B 7 -3.34 -24.19 1.47
C VAL B 7 -3.63 -25.68 1.56
N GLU B 8 -2.58 -26.42 1.83
CA GLU B 8 -2.67 -27.86 1.90
C GLU B 8 -2.88 -28.27 3.35
N PHE B 9 -4.10 -28.10 3.82
CA PHE B 9 -4.39 -28.27 5.20
C PHE B 9 -4.06 -29.68 5.68
N SER B 10 -4.50 -30.68 4.94
CA SER B 10 -4.27 -32.00 5.40
C SER B 10 -2.81 -32.36 5.30
N ARG B 11 -2.09 -31.79 4.35
CA ARG B 11 -0.66 -32.07 4.27
C ARG B 11 0.08 -31.57 5.55
N ILE B 12 -0.27 -30.38 6.01
CA ILE B 12 0.22 -29.87 7.27
C ILE B 12 -0.15 -30.77 8.48
N VAL B 13 -1.40 -31.22 8.57
CA VAL B 13 -1.84 -32.05 9.66
C VAL B 13 -1.02 -33.35 9.68
N ARG B 14 -0.75 -33.97 8.54
CA ARG B 14 0.07 -35.18 8.47
C ARG B 14 1.51 -34.91 8.96
N ASP B 15 2.06 -33.78 8.59
CA ASP B 15 3.38 -33.49 8.99
C ASP B 15 3.43 -33.27 10.48
N VAL B 16 2.55 -32.44 11.03
CA VAL B 16 2.57 -32.18 12.46
C VAL B 16 2.45 -33.52 13.19
N GLU B 17 1.58 -34.41 12.73
CA GLU B 17 1.36 -35.67 13.38
C GLU B 17 2.64 -36.50 13.37
N ARG B 18 3.42 -36.39 12.31
CA ARG B 18 4.66 -37.17 12.20
C ARG B 18 5.75 -36.56 13.06
N LEU B 19 5.76 -35.26 13.23
CA LEU B 19 6.73 -34.65 14.08
C LEU B 19 6.37 -34.86 15.54
N ILE B 20 5.08 -35.00 15.84
CA ILE B 20 4.63 -35.24 17.20
C ILE B 20 4.88 -36.69 17.61
N ALA B 21 4.82 -37.63 16.68
CA ALA B 21 4.91 -39.07 17.00
C ALA B 21 6.31 -39.61 16.96
N VAL B 22 7.23 -38.83 16.43
CA VAL B 22 8.55 -39.35 16.15
C VAL B 22 9.10 -39.78 17.50
N GLU B 23 9.67 -40.95 17.57
CA GLU B 23 10.25 -41.38 18.83
C GLU B 23 11.53 -40.60 19.11
N LYS B 24 11.69 -40.24 20.38
CA LYS B 24 12.83 -39.49 20.85
C LYS B 24 13.52 -40.22 21.98
N TYR B 25 14.85 -40.18 22.01
CA TYR B 25 15.57 -41.04 22.95
C TYR B 25 16.48 -40.25 23.90
N SER B 26 16.51 -40.70 25.15
CA SER B 26 17.52 -40.27 26.09
C SER B 26 18.29 -41.50 26.59
N LEU B 27 19.53 -41.24 26.97
CA LEU B 27 20.43 -42.31 27.37
C LEU B 27 20.44 -42.30 28.87
N GLN B 28 20.28 -43.45 29.49
CA GLN B 28 20.25 -43.51 30.93
C GLN B 28 21.47 -44.18 31.51
N GLY B 29 21.97 -45.25 30.90
CA GLY B 29 23.16 -45.92 31.45
C GLY B 29 23.49 -47.22 30.76
N VAL B 30 24.33 -47.99 31.40
CA VAL B 30 24.63 -49.33 30.94
C VAL B 30 24.14 -50.28 32.01
N VAL B 31 23.47 -51.34 31.62
CA VAL B 31 22.88 -52.25 32.57
C VAL B 31 23.03 -53.68 32.05
N ASP B 32 22.59 -54.70 32.83
CA ASP B 32 22.47 -56.09 32.32
C ASP B 32 23.83 -56.63 31.90
N GLY B 33 23.85 -57.53 30.90
CA GLY B 33 25.08 -57.87 30.15
C GLY B 33 25.57 -56.84 29.12
N ASP B 34 26.18 -55.77 29.62
CA ASP B 34 26.83 -54.73 28.78
C ASP B 34 25.85 -54.24 27.73
N LYS B 35 24.69 -53.75 28.18
CA LYS B 35 23.66 -53.27 27.25
C LYS B 35 23.30 -51.84 27.62
N LEU B 36 23.03 -50.96 26.63
CA LEU B 36 22.61 -49.60 26.91
C LEU B 36 21.18 -49.60 27.43
N LEU B 37 20.92 -48.75 28.41
CA LEU B 37 19.58 -48.49 28.90
C LEU B 37 19.13 -47.16 28.28
N VAL B 38 18.12 -47.18 27.47
CA VAL B 38 17.61 -45.99 26.84
C VAL B 38 16.12 -45.85 27.12
N VAL B 39 15.62 -44.63 27.11
CA VAL B 39 14.22 -44.34 27.31
C VAL B 39 13.72 -43.65 26.03
N GLY B 40 12.60 -44.12 25.52
CA GLY B 40 12.01 -43.54 24.36
C GLY B 40 10.67 -42.92 24.60
N PHE B 41 10.46 -41.74 24.05
CA PHE B 41 9.20 -41.10 24.16
C PHE B 41 8.63 -40.81 22.83
N SER B 42 7.35 -41.08 22.76
CA SER B 42 6.60 -40.85 21.58
C SER B 42 5.23 -40.47 22.04
N GLU B 43 4.83 -39.25 21.64
CA GLU B 43 3.51 -38.68 21.90
C GLU B 43 3.09 -38.69 23.33
N GLY B 44 4.03 -38.36 24.20
CA GLY B 44 3.73 -38.36 25.65
C GLY B 44 3.71 -39.72 26.33
N SER B 45 4.13 -40.74 25.58
CA SER B 45 4.16 -42.11 26.08
C SER B 45 5.63 -42.53 26.17
N VAL B 46 6.08 -42.79 27.40
CA VAL B 46 7.46 -43.13 27.69
C VAL B 46 7.63 -44.61 27.87
N ASN B 47 8.68 -45.19 27.31
CA ASN B 47 9.07 -46.60 27.56
C ASN B 47 10.58 -46.73 27.76
N ALA B 48 11.01 -47.87 28.32
CA ALA B 48 12.43 -48.15 28.61
C ALA B 48 12.89 -49.36 27.83
N TYR B 49 14.10 -49.28 27.30
CA TYR B 49 14.63 -50.38 26.48
C TYR B 49 16.05 -50.75 26.80
N LEU B 50 16.38 -52.02 26.61
CA LEU B 50 17.76 -52.47 26.49
C LEU B 50 18.11 -52.29 25.02
N TYR B 51 19.26 -51.72 24.72
CA TYR B 51 19.72 -51.60 23.38
C TYR B 51 21.05 -52.28 23.15
N ASP B 52 21.10 -53.15 22.13
CA ASP B 52 22.35 -53.74 21.69
C ASP B 52 22.39 -54.05 20.22
N GLY B 53 23.37 -53.46 19.52
CA GLY B 53 23.60 -53.86 18.12
C GLY B 53 22.38 -53.64 17.28
N GLY B 54 21.74 -52.49 17.47
CA GLY B 54 20.69 -52.03 16.53
C GLY B 54 19.26 -52.47 16.84
N GLU B 55 19.09 -53.47 17.71
CA GLU B 55 17.71 -53.78 18.13
CA GLU B 55 17.76 -53.88 18.17
C GLU B 55 17.53 -53.49 19.64
N THR B 56 16.26 -53.31 20.01
CA THR B 56 15.92 -52.89 21.35
C THR B 56 14.92 -53.85 21.88
N VAL B 57 14.93 -54.08 23.18
CA VAL B 57 13.96 -54.93 23.82
C VAL B 57 13.30 -54.10 24.86
N LYS B 58 11.99 -54.14 24.90
CA LYS B 58 11.24 -53.33 25.84
C LYS B 58 11.31 -53.95 27.24
N LEU B 59 11.62 -53.12 28.23
CA LEU B 59 11.77 -53.55 29.59
C LEU B 59 10.44 -53.53 30.33
N ASN B 60 9.63 -52.52 30.08
CA ASN B 60 8.42 -52.28 30.83
C ASN B 60 7.26 -52.87 30.12
N ARG B 61 6.09 -52.86 30.76
CA ARG B 61 4.86 -53.35 30.17
C ARG B 61 4.06 -52.19 29.68
N GLU B 62 3.33 -51.56 30.57
CA GLU B 62 2.55 -50.38 30.23
C GLU B 62 3.52 -49.20 30.21
N PRO B 63 3.11 -48.09 29.62
CA PRO B 63 3.97 -46.92 29.64
C PRO B 63 4.35 -46.45 31.02
N ILE B 64 5.49 -45.80 31.15
CA ILE B 64 6.02 -45.32 32.41
C ILE B 64 6.20 -43.80 32.38
N ASN B 65 6.67 -43.23 33.48
CA ASN B 65 6.99 -41.79 33.57
C ASN B 65 8.47 -41.54 33.33
N SER B 66 9.31 -42.45 33.81
CA SER B 66 10.79 -42.30 33.79
C SER B 66 11.40 -43.57 34.46
N VAL B 67 12.73 -43.70 34.36
CA VAL B 67 13.46 -44.73 35.09
C VAL B 67 14.41 -44.04 36.00
N LEU B 68 14.80 -44.67 37.07
CA LEU B 68 15.88 -44.14 37.95
C LEU B 68 17.22 -44.47 37.32
N ASP B 69 18.26 -43.76 37.72
CA ASP B 69 19.60 -43.98 37.15
C ASP B 69 20.28 -45.19 37.77
N PRO B 70 20.61 -46.19 36.96
CA PRO B 70 21.30 -47.35 37.42
C PRO B 70 22.79 -47.16 37.42
N HIS B 71 23.50 -47.78 38.33
CA HIS B 71 24.95 -47.87 38.26
C HIS B 71 25.32 -48.79 37.10
N TYR B 72 26.55 -48.65 36.62
CA TYR B 72 27.02 -49.51 35.55
C TYR B 72 26.86 -51.01 35.87
N GLY B 73 26.20 -51.73 34.97
CA GLY B 73 26.09 -53.14 35.07
C GLY B 73 25.01 -53.67 36.01
N VAL B 74 24.15 -52.81 36.57
CA VAL B 74 23.14 -53.37 37.49
C VAL B 74 22.14 -54.22 36.74
N GLY B 75 21.76 -55.35 37.32
CA GLY B 75 20.88 -56.33 36.64
C GLY B 75 19.36 -56.06 36.74
N ARG B 76 19.00 -54.80 36.88
CA ARG B 76 17.63 -54.47 37.01
C ARG B 76 17.46 -53.01 36.71
N VAL B 77 16.20 -52.63 36.58
CA VAL B 77 15.81 -51.25 36.31
C VAL B 77 14.60 -50.92 37.18
N ILE B 78 14.58 -49.73 37.71
CA ILE B 78 13.50 -49.27 38.54
C ILE B 78 12.66 -48.26 37.73
N LEU B 79 11.43 -48.64 37.47
CA LEU B 79 10.47 -47.84 36.70
C LEU B 79 9.72 -46.93 37.63
N VAL B 80 9.46 -45.70 37.22
CA VAL B 80 8.57 -44.80 37.95
C VAL B 80 7.30 -44.70 37.11
N ARG B 81 6.13 -44.89 37.72
CA ARG B 81 4.87 -44.78 36.98
C ARG B 81 3.79 -43.96 37.71
N ASP B 82 3.10 -43.04 37.01
CA ASP B 82 1.94 -42.28 37.57
C ASP B 82 0.96 -43.33 38.12
N VAL B 83 0.45 -43.18 39.33
CA VAL B 83 -0.43 -44.20 39.90
C VAL B 83 -1.89 -44.13 39.42
N SER B 84 -2.26 -43.00 38.81
CA SER B 84 -3.60 -42.86 38.19
C SER B 84 -3.38 -42.15 36.85
N LYS B 85 -4.42 -42.11 36.02
CA LYS B 85 -4.36 -41.44 34.69
C LYS B 85 -4.01 -39.92 34.88
N GLY B 86 -2.79 -39.49 34.60
CA GLY B 86 -2.42 -38.07 34.87
C GLY B 86 -1.96 -37.64 36.28
N ALA B 87 -2.32 -38.40 37.34
CA ALA B 87 -1.94 -38.07 38.74
C ALA B 87 -0.49 -37.57 38.85
N GLU B 88 -0.21 -36.83 39.94
CA GLU B 88 1.16 -36.34 40.20
C GLU B 88 1.73 -37.09 41.45
N GLN B 89 1.46 -38.41 41.50
CA GLN B 89 2.02 -39.35 42.50
C GLN B 89 2.35 -40.66 41.80
N HIS B 90 3.45 -41.26 42.15
CA HIS B 90 3.96 -42.37 41.41
C HIS B 90 4.15 -43.62 42.27
N ALA B 91 4.41 -44.71 41.60
CA ALA B 91 4.81 -45.93 42.27
C ALA B 91 6.06 -46.44 41.57
N LEU B 92 6.84 -47.22 42.28
CA LEU B 92 8.04 -47.76 41.72
C LEU B 92 7.82 -49.22 41.40
N PHE B 93 8.40 -49.65 40.29
CA PHE B 93 8.39 -51.05 39.86
C PHE B 93 9.80 -51.52 39.47
N LYS B 94 10.10 -52.78 39.76
CA LYS B 94 11.39 -53.35 39.46
C LYS B 94 11.27 -54.35 38.31
N VAL B 95 12.16 -54.19 37.33
CA VAL B 95 12.31 -55.17 36.25
C VAL B 95 13.72 -55.76 36.20
N ASN B 96 13.80 -57.09 36.27
CA ASN B 96 15.06 -57.76 36.17
C ASN B 96 15.39 -57.82 34.70
N THR B 97 16.59 -57.36 34.36
CA THR B 97 16.99 -57.18 32.96
C THR B 97 17.04 -58.48 32.17
N SER B 98 17.30 -59.61 32.83
CA SER B 98 17.13 -60.93 32.19
C SER B 98 15.67 -61.27 31.79
N ARG B 99 14.68 -60.63 32.43
CA ARG B 99 13.27 -61.00 32.24
C ARG B 99 12.45 -59.77 31.93
N PRO B 100 12.57 -59.26 30.72
CA PRO B 100 11.90 -58.05 30.32
C PRO B 100 10.40 -58.22 30.27
N GLY B 101 9.66 -57.21 30.72
CA GLY B 101 8.21 -57.23 30.68
C GLY B 101 7.58 -57.84 31.91
N GLU B 102 8.39 -58.29 32.87
CA GLU B 102 7.88 -58.85 34.11
C GLU B 102 8.21 -57.81 35.17
N GLU B 103 7.17 -57.25 35.78
CA GLU B 103 7.29 -56.11 36.70
C GLU B 103 6.99 -56.55 38.12
N GLN B 104 7.72 -55.98 39.10
CA GLN B 104 7.42 -56.28 40.49
C GLN B 104 7.27 -54.94 41.17
N ARG B 105 6.08 -54.67 41.72
CA ARG B 105 5.86 -53.44 42.44
C ARG B 105 6.63 -53.46 43.75
N LEU B 106 7.26 -52.34 44.06
CA LEU B 106 7.95 -52.14 45.28
C LEU B 106 6.94 -51.64 46.35
N GLU B 107 6.33 -52.61 47.00
CA GLU B 107 5.20 -52.35 47.91
C GLU B 107 5.56 -51.59 49.18
N ALA B 108 6.82 -51.64 49.57
CA ALA B 108 7.31 -50.78 50.68
C ALA B 108 7.12 -49.27 50.45
N VAL B 109 7.15 -48.80 49.19
CA VAL B 109 7.12 -47.36 48.93
C VAL B 109 5.71 -46.91 48.56
N LYS B 110 5.07 -46.16 49.46
CA LYS B 110 3.71 -45.69 49.24
C LYS B 110 3.70 -44.70 48.10
N PRO B 111 2.53 -44.36 47.58
CA PRO B 111 2.48 -43.39 46.52
C PRO B 111 2.93 -42.02 47.00
N MET B 112 3.75 -41.40 46.16
CA MET B 112 4.26 -40.08 46.42
C MET B 112 4.78 -39.54 45.10
N ARG B 113 5.15 -38.29 45.11
CA ARG B 113 5.75 -37.72 43.95
C ARG B 113 7.24 -38.03 43.83
N ILE B 114 7.65 -38.89 42.93
CA ILE B 114 9.05 -39.21 42.82
C ILE B 114 9.78 -38.12 42.01
N LEU B 115 10.84 -37.59 42.59
CA LEU B 115 11.52 -36.46 42.01
C LEU B 115 12.82 -36.85 41.33
N SER B 116 13.45 -37.93 41.82
CA SER B 116 14.72 -38.39 41.28
C SER B 116 15.08 -39.69 41.93
N GLY B 117 16.06 -40.38 41.36
CA GLY B 117 16.44 -41.61 41.97
C GLY B 117 17.63 -42.24 41.32
N VAL B 118 18.27 -43.13 42.08
CA VAL B 118 19.49 -43.79 41.66
C VAL B 118 19.55 -45.16 42.25
N ASP B 119 20.05 -46.13 41.50
CA ASP B 119 19.97 -47.56 41.96
C ASP B 119 21.34 -48.17 41.87
N THR B 120 21.88 -48.57 43.00
CA THR B 120 23.25 -49.05 43.07
C THR B 120 23.19 -50.50 42.75
N GLY B 121 22.00 -51.12 42.82
CA GLY B 121 21.88 -52.54 42.58
C GLY B 121 21.59 -53.26 43.87
N GLU B 122 21.96 -52.67 45.01
CA GLU B 122 21.65 -53.19 46.29
C GLU B 122 20.79 -52.24 47.06
N ALA B 123 20.72 -51.00 46.60
CA ALA B 123 19.90 -50.03 47.26
C ALA B 123 19.36 -49.01 46.25
N VAL B 124 18.06 -48.75 46.33
CA VAL B 124 17.43 -47.71 45.58
C VAL B 124 17.36 -46.47 46.46
N VAL B 125 18.06 -45.40 46.09
CA VAL B 125 18.05 -44.12 46.80
C VAL B 125 17.30 -43.08 45.95
N PHE B 126 16.26 -42.45 46.50
CA PHE B 126 15.44 -41.51 45.76
C PHE B 126 14.88 -40.41 46.60
N THR B 127 14.42 -39.34 45.94
CA THR B 127 13.73 -38.27 46.66
C THR B 127 12.32 -38.25 46.17
N GLY B 128 11.46 -37.73 47.04
CA GLY B 128 10.03 -37.84 46.91
C GLY B 128 9.34 -36.82 47.76
N ALA B 129 8.19 -36.34 47.28
CA ALA B 129 7.41 -35.32 47.95
C ALA B 129 6.04 -35.86 48.24
N THR B 130 5.61 -35.73 49.49
CA THR B 130 4.36 -36.29 50.00
C THR B 130 3.46 -35.15 50.55
N GLU B 131 2.32 -35.52 51.13
CA GLU B 131 1.38 -34.50 51.69
C GLU B 131 2.20 -33.40 52.43
N ASP B 132 3.09 -33.85 53.34
CA ASP B 132 3.67 -33.00 54.37
C ASP B 132 5.18 -32.70 54.22
N ARG B 133 5.84 -33.17 53.16
CA ARG B 133 7.30 -32.99 53.08
C ARG B 133 7.99 -33.49 51.85
N VAL B 134 9.27 -33.13 51.75
CA VAL B 134 10.16 -33.71 50.77
C VAL B 134 11.25 -34.46 51.52
N ALA B 135 11.55 -35.68 51.11
CA ALA B 135 12.48 -36.52 51.86
C ALA B 135 13.35 -37.25 50.94
N LEU B 136 14.55 -37.58 51.39
CA LEU B 136 15.46 -38.49 50.70
C LEU B 136 15.30 -39.84 51.34
N TYR B 137 15.15 -40.87 50.53
CA TYR B 137 14.79 -42.19 50.97
C TYR B 137 15.80 -43.19 50.50
N ALA B 138 15.93 -44.29 51.26
CA ALA B 138 16.71 -45.44 50.80
C ALA B 138 15.90 -46.70 50.94
N LEU B 139 15.88 -47.49 49.88
CA LEU B 139 15.13 -48.75 49.90
C LEU B 139 16.08 -49.91 49.63
N ASP B 140 16.09 -50.88 50.53
CA ASP B 140 16.91 -52.04 50.31
C ASP B 140 16.25 -53.30 50.84
N GLY B 141 16.93 -54.43 50.74
CA GLY B 141 16.35 -55.72 51.12
C GLY B 141 15.78 -55.78 52.55
N GLY B 142 16.25 -54.87 53.41
CA GLY B 142 15.71 -54.66 54.75
C GLY B 142 14.50 -53.72 54.89
N GLY B 143 14.18 -52.91 53.88
CA GLY B 143 13.01 -52.01 53.95
C GLY B 143 13.30 -50.61 53.45
N LEU B 144 12.33 -49.73 53.63
CA LEU B 144 12.42 -48.34 53.29
C LEU B 144 12.90 -47.61 54.51
N ARG B 145 13.82 -46.66 54.33
CA ARG B 145 14.24 -45.77 55.40
C ARG B 145 14.22 -44.33 54.94
N GLU B 146 13.76 -43.43 55.81
CA GLU B 146 13.92 -42.00 55.54
C GLU B 146 15.34 -41.57 55.96
N LEU B 147 16.13 -41.11 55.02
CA LEU B 147 17.48 -40.67 55.35
C LEU B 147 17.48 -39.25 55.87
N ALA B 148 16.67 -38.40 55.28
CA ALA B 148 16.70 -36.96 55.56
C ALA B 148 15.42 -36.28 55.14
N ARG B 149 14.99 -35.25 55.88
CA ARG B 149 14.00 -34.30 55.42
C ARG B 149 14.71 -33.18 54.69
N LEU B 150 14.32 -32.95 53.47
CA LEU B 150 14.90 -31.88 52.70
C LEU B 150 14.10 -30.60 52.94
N PRO B 151 14.80 -29.46 53.00
CA PRO B 151 14.08 -28.21 53.19
C PRO B 151 13.46 -27.70 51.88
N GLY B 152 13.16 -28.57 50.94
CA GLY B 152 12.62 -28.18 49.65
C GLY B 152 12.76 -29.30 48.63
N PHE B 153 12.34 -29.02 47.41
CA PHE B 153 12.54 -29.99 46.37
C PHE B 153 14.05 -30.25 46.28
N GLY B 154 14.42 -31.51 46.09
CA GLY B 154 15.77 -31.90 45.96
C GLY B 154 15.87 -33.17 45.15
N PHE B 155 17.05 -33.42 44.60
CA PHE B 155 17.28 -34.47 43.65
C PHE B 155 18.60 -35.19 43.89
N VAL B 156 18.57 -36.51 43.80
CA VAL B 156 19.80 -37.27 43.95
C VAL B 156 20.60 -37.20 42.68
N SER B 157 21.88 -36.85 42.82
CA SER B 157 22.76 -36.81 41.67
C SER B 157 23.57 -38.03 41.56
N ASP B 158 24.01 -38.58 42.70
CA ASP B 158 24.96 -39.69 42.66
C ASP B 158 25.13 -40.38 44.02
N ILE B 159 25.51 -41.65 43.97
CA ILE B 159 25.88 -42.42 45.11
C ILE B 159 27.21 -43.09 44.77
N ARG B 160 28.13 -43.14 45.73
CA ARG B 160 29.34 -43.98 45.64
C ARG B 160 29.65 -44.47 47.06
N GLY B 161 29.67 -45.79 47.20
CA GLY B 161 29.80 -46.41 48.50
C GLY B 161 28.71 -45.94 49.41
N ASP B 162 29.08 -45.17 50.42
CA ASP B 162 28.17 -44.70 51.43
C ASP B 162 27.73 -43.25 51.22
N LEU B 163 28.36 -42.55 50.28
CA LEU B 163 28.17 -41.10 50.15
C LEU B 163 27.11 -40.82 49.10
N ILE B 164 26.14 -40.00 49.47
CA ILE B 164 25.12 -39.56 48.54
C ILE B 164 25.30 -38.08 48.27
N ALA B 165 25.23 -37.68 46.98
CA ALA B 165 25.26 -36.24 46.58
C ALA B 165 24.05 -35.86 45.77
N GLY B 166 23.65 -34.62 45.95
CA GLY B 166 22.44 -34.16 45.30
C GLY B 166 22.39 -32.67 45.21
N LEU B 167 21.27 -32.21 44.65
CA LEU B 167 21.02 -30.79 44.42
C LEU B 167 19.68 -30.42 44.99
N GLY B 168 19.59 -29.26 45.59
CA GLY B 168 18.34 -28.83 46.19
C GLY B 168 17.97 -27.37 45.98
N PHE B 169 16.67 -27.13 45.89
CA PHE B 169 16.15 -25.80 45.79
C PHE B 169 15.77 -25.46 47.23
N PHE B 170 16.78 -25.09 48.02
CA PHE B 170 16.59 -25.00 49.47
C PHE B 170 16.53 -23.59 49.97
N GLY B 171 16.33 -22.63 49.08
CA GLY B 171 16.23 -21.22 49.47
C GLY B 171 17.02 -20.30 48.58
N GLY B 172 17.01 -19.01 48.88
CA GLY B 172 17.76 -17.97 48.11
C GLY B 172 17.56 -17.91 46.58
N GLY B 173 16.59 -18.64 46.00
CA GLY B 173 16.50 -18.72 44.53
C GLY B 173 17.71 -19.31 43.78
N ARG B 174 18.68 -19.89 44.50
CA ARG B 174 19.87 -20.53 43.89
C ARG B 174 19.72 -22.04 44.12
N VAL B 175 20.41 -22.89 43.38
CA VAL B 175 20.40 -24.35 43.68
C VAL B 175 21.60 -24.73 44.58
N SER B 176 21.37 -25.42 45.70
CA SER B 176 22.45 -25.79 46.63
C SER B 176 22.92 -27.23 46.40
N LEU B 177 24.14 -27.55 46.80
CA LEU B 177 24.62 -28.94 46.83
C LEU B 177 24.26 -29.52 48.20
N PHE B 178 23.90 -30.80 48.23
CA PHE B 178 23.81 -31.50 49.51
C PHE B 178 24.48 -32.85 49.44
N THR B 179 24.83 -33.37 50.63
CA THR B 179 25.25 -34.74 50.74
C THR B 179 24.52 -35.40 51.93
N SER B 180 24.42 -36.72 51.83
CA SER B 180 23.91 -37.56 52.87
C SER B 180 24.68 -38.86 52.83
N ASN B 181 24.24 -39.83 53.61
CA ASN B 181 24.86 -41.10 53.58
C ASN B 181 23.84 -42.18 53.61
N LEU B 182 24.13 -43.28 52.93
CA LEU B 182 23.22 -44.37 52.86
C LEU B 182 23.02 -45.01 54.25
N SER B 183 24.06 -44.96 55.07
CA SER B 183 24.07 -45.54 56.41
C SER B 183 23.29 -44.74 57.45
N SER B 184 23.76 -43.54 57.74
CA SER B 184 23.21 -42.77 58.84
C SER B 184 22.21 -41.73 58.39
N GLY B 185 22.12 -41.48 57.08
CA GLY B 185 21.24 -40.43 56.59
C GLY B 185 21.85 -39.11 56.94
N GLY B 186 21.02 -38.13 57.25
CA GLY B 186 21.49 -36.79 57.59
C GLY B 186 21.65 -35.93 56.33
N LEU B 187 21.98 -34.67 56.51
CA LEU B 187 22.03 -33.78 55.43
C LEU B 187 23.03 -32.64 55.68
N ARG B 188 24.02 -32.51 54.81
CA ARG B 188 24.85 -31.34 54.83
C ARG B 188 24.55 -30.59 53.53
N VAL B 189 24.51 -29.27 53.63
CA VAL B 189 24.15 -28.39 52.57
C VAL B 189 25.32 -27.46 52.33
N PHE B 190 25.71 -27.30 51.07
CA PHE B 190 26.79 -26.39 50.70
C PHE B 190 26.21 -25.33 49.79
N ASP B 191 26.47 -24.10 50.14
CA ASP B 191 25.83 -23.03 49.51
C ASP B 191 26.62 -22.55 48.34
N SER B 192 25.89 -22.11 47.34
CA SER B 192 26.43 -21.69 46.04
C SER B 192 27.22 -20.42 46.12
N GLY B 193 26.68 -19.47 46.89
CA GLY B 193 27.23 -18.10 47.11
C GLY B 193 26.87 -17.23 45.90
N GLU B 194 27.90 -16.79 45.19
CA GLU B 194 27.70 -16.13 43.89
C GLU B 194 26.66 -16.87 42.98
N GLY B 195 26.86 -18.18 42.72
CA GLY B 195 26.09 -18.88 41.67
C GLY B 195 25.11 -19.94 42.10
N SER B 196 25.02 -21.00 41.32
CA SER B 196 24.05 -22.10 41.48
C SER B 196 24.62 -23.43 41.00
N PHE B 197 24.48 -24.49 41.76
CA PHE B 197 25.07 -25.78 41.39
C PHE B 197 24.18 -26.49 40.39
N SER B 198 24.76 -27.18 39.41
CA SER B 198 23.93 -27.74 38.34
C SER B 198 24.03 -29.23 38.17
N SER B 199 25.00 -29.83 38.82
CA SER B 199 25.35 -31.20 38.51
C SER B 199 26.42 -31.59 39.47
N ALA B 200 26.49 -32.88 39.74
CA ALA B 200 27.36 -33.38 40.78
C ALA B 200 27.63 -34.84 40.52
N SER B 201 28.90 -35.26 40.67
CA SER B 201 29.26 -36.68 40.74
C SER B 201 30.34 -36.88 41.77
N ILE B 202 30.42 -38.08 42.35
CA ILE B 202 31.35 -38.37 43.43
C ILE B 202 32.59 -39.05 42.85
N SER B 203 33.75 -38.54 43.22
CA SER B 203 35.04 -38.97 42.68
C SER B 203 35.51 -40.23 43.40
N PRO B 204 36.42 -41.02 42.77
CA PRO B 204 36.93 -42.21 43.49
C PRO B 204 37.45 -41.85 44.87
N GLY B 205 37.93 -40.61 45.05
CA GLY B 205 38.47 -40.19 46.34
C GLY B 205 37.41 -39.70 47.30
N MET B 206 36.13 -39.91 46.98
CA MET B 206 35.01 -39.49 47.81
C MET B 206 34.92 -37.96 47.99
N LYS B 207 35.38 -37.19 47.02
CA LYS B 207 35.08 -35.73 46.98
C LYS B 207 33.89 -35.53 46.04
N VAL B 208 33.13 -34.46 46.19
CA VAL B 208 32.01 -34.27 45.28
C VAL B 208 32.48 -33.28 44.22
N THR B 209 32.48 -33.69 42.97
CA THR B 209 32.77 -32.75 41.88
C THR B 209 31.46 -32.17 41.42
N ALA B 210 31.43 -30.85 41.23
CA ALA B 210 30.15 -30.17 40.93
C ALA B 210 30.31 -29.06 39.94
N GLY B 211 29.29 -28.90 39.11
CA GLY B 211 29.21 -27.75 38.19
C GLY B 211 28.64 -26.52 38.89
N LEU B 212 29.38 -25.43 38.87
CA LEU B 212 28.93 -24.19 39.45
C LEU B 212 28.67 -23.21 38.35
N GLU B 213 27.39 -22.88 38.19
CA GLU B 213 26.93 -21.89 37.25
C GLU B 213 26.94 -20.55 37.93
N THR B 214 27.43 -19.51 37.23
CA THR B 214 27.57 -18.21 37.86
C THR B 214 26.87 -17.16 37.01
N ALA B 215 27.10 -15.90 37.33
CA ALA B 215 26.62 -14.81 36.53
C ALA B 215 27.31 -14.75 35.15
N ARG B 216 28.39 -15.52 34.99
CA ARG B 216 29.16 -15.50 33.79
C ARG B 216 29.65 -16.82 33.27
N GLU B 217 30.79 -17.31 33.69
CA GLU B 217 31.30 -18.55 33.19
C GLU B 217 31.11 -19.55 34.27
N ALA B 218 30.86 -20.79 33.86
CA ALA B 218 30.67 -21.88 34.76
C ALA B 218 32.01 -22.53 35.08
N ARG B 219 32.10 -23.17 36.25
CA ARG B 219 33.29 -23.95 36.57
C ARG B 219 33.02 -25.11 37.43
N LEU B 220 34.01 -26.01 37.43
CA LEU B 220 34.01 -27.25 38.17
C LEU B 220 34.70 -26.99 39.49
N VAL B 221 34.14 -27.48 40.57
CA VAL B 221 34.70 -27.34 41.90
C VAL B 221 34.71 -28.69 42.58
N THR B 222 35.60 -28.80 43.54
CA THR B 222 35.76 -29.99 44.35
C THR B 222 35.27 -29.61 45.72
N VAL B 223 34.24 -30.30 46.20
CA VAL B 223 33.73 -30.08 47.53
C VAL B 223 34.08 -31.26 48.43
N ASP B 224 34.76 -31.00 49.55
CA ASP B 224 34.99 -32.07 50.55
C ASP B 224 33.84 -32.11 51.56
N PRO B 225 33.03 -33.14 51.53
CA PRO B 225 31.91 -33.13 52.47
C PRO B 225 32.29 -33.06 53.94
N ARG B 226 33.43 -33.59 54.33
CA ARG B 226 33.81 -33.61 55.70
C ARG B 226 34.00 -32.24 56.33
N ASP B 227 34.53 -31.28 55.56
CA ASP B 227 34.81 -29.96 56.12
C ASP B 227 34.13 -28.82 55.37
N GLY B 228 33.30 -29.17 54.40
CA GLY B 228 32.65 -28.15 53.57
C GLY B 228 33.51 -27.29 52.67
N SER B 229 34.79 -27.65 52.51
CA SER B 229 35.71 -26.83 51.70
C SER B 229 35.41 -26.99 50.20
N VAL B 230 35.56 -25.88 49.50
CA VAL B 230 35.31 -25.83 48.05
C VAL B 230 36.58 -25.30 47.41
N GLU B 231 37.15 -26.01 46.45
CA GLU B 231 38.18 -25.41 45.65
C GLU B 231 37.91 -25.65 44.17
N ASP B 232 38.43 -24.81 43.30
CA ASP B 232 38.37 -25.09 41.86
C ASP B 232 39.15 -26.36 41.52
N LEU B 233 38.54 -27.21 40.70
CA LEU B 233 39.14 -28.43 40.18
C LEU B 233 39.82 -28.11 38.90
N GLU B 234 41.06 -28.54 38.77
CA GLU B 234 41.79 -28.37 37.53
C GLU B 234 41.89 -29.72 36.79
N LEU B 235 41.57 -29.71 35.50
CA LEU B 235 41.65 -30.90 34.71
C LEU B 235 42.98 -30.99 33.89
N PRO B 236 43.43 -32.22 33.55
CA PRO B 236 44.77 -32.33 32.93
C PRO B 236 44.84 -31.67 31.60
N SER B 237 43.77 -31.81 30.82
CA SER B 237 43.61 -31.10 29.56
C SER B 237 42.81 -29.82 29.72
N LYS B 238 43.26 -28.76 29.05
CA LYS B 238 42.64 -27.47 29.15
C LYS B 238 41.61 -27.18 28.08
N ASP B 239 41.19 -28.17 27.31
CA ASP B 239 40.09 -27.92 26.37
C ASP B 239 38.84 -27.36 27.07
N PHE B 240 38.50 -27.93 28.22
CA PHE B 240 37.33 -27.54 28.94
C PHE B 240 37.39 -26.12 29.48
N SER B 241 38.50 -25.82 30.11
CA SER B 241 38.76 -24.44 30.62
C SER B 241 38.69 -23.41 29.51
N SER B 242 39.22 -23.79 28.34
CA SER B 242 39.33 -22.89 27.21
C SER B 242 38.03 -22.68 26.47
N TYR B 243 37.15 -23.66 26.54
CA TYR B 243 35.81 -23.58 25.99
C TYR B 243 34.94 -22.44 26.54
N ARG B 244 35.23 -22.04 27.78
CA ARG B 244 34.50 -21.01 28.46
C ARG B 244 33.01 -21.23 28.56
N PRO B 245 32.62 -22.38 29.10
CA PRO B 245 31.25 -22.79 29.29
C PRO B 245 30.45 -21.84 30.14
N THR B 246 29.17 -21.66 29.82
CA THR B 246 28.30 -20.86 30.62
C THR B 246 27.33 -21.74 31.42
N ALA B 247 27.18 -23.00 31.04
CA ALA B 247 26.39 -23.97 31.81
C ALA B 247 27.06 -25.34 31.84
N ILE B 248 26.67 -26.16 32.82
CA ILE B 248 27.19 -27.51 32.94
C ILE B 248 26.02 -28.44 33.14
N THR B 249 25.73 -29.19 32.08
CA THR B 249 24.47 -29.95 31.94
C THR B 249 24.55 -31.13 32.81
N TRP B 250 25.71 -31.79 32.81
CA TRP B 250 25.86 -33.10 33.42
C TRP B 250 27.31 -33.46 33.60
N LEU B 251 27.62 -34.19 34.68
CA LEU B 251 28.93 -34.74 34.78
C LEU B 251 28.94 -36.08 35.49
N GLY B 252 29.91 -36.91 35.20
CA GLY B 252 29.92 -38.19 35.86
C GLY B 252 31.23 -38.89 35.64
N TYR B 253 31.60 -39.69 36.62
CA TYR B 253 32.82 -40.46 36.54
C TYR B 253 32.54 -41.76 35.85
N LEU B 254 33.37 -42.09 34.87
CA LEU B 254 33.25 -43.34 34.15
C LEU B 254 33.86 -44.46 34.99
N PRO B 255 33.58 -45.70 34.64
CA PRO B 255 34.15 -46.81 35.37
C PRO B 255 35.67 -46.80 35.46
N ASP B 256 36.36 -46.26 34.46
CA ASP B 256 37.82 -46.27 34.46
C ASP B 256 38.35 -45.08 35.24
N GLY B 257 37.45 -44.32 35.82
CA GLY B 257 37.86 -43.24 36.72
C GLY B 257 37.94 -41.84 36.11
N ARG B 258 37.82 -41.73 34.79
CA ARG B 258 37.90 -40.43 34.10
C ARG B 258 36.60 -39.68 34.27
N LEU B 259 36.71 -38.36 34.31
CA LEU B 259 35.58 -37.52 34.46
C LEU B 259 35.04 -37.10 33.11
N ALA B 260 33.78 -37.36 32.89
CA ALA B 260 33.04 -36.95 31.70
C ALA B 260 32.24 -35.69 32.05
N VAL B 261 32.22 -34.70 31.14
CA VAL B 261 31.51 -33.48 31.43
C VAL B 261 30.85 -33.05 30.17
N VAL B 262 29.59 -32.63 30.27
CA VAL B 262 28.91 -32.06 29.17
C VAL B 262 28.56 -30.63 29.58
N ALA B 263 29.05 -29.66 28.81
CA ALA B 263 28.98 -28.28 29.18
C ALA B 263 28.52 -27.47 27.98
N ARG B 264 27.91 -26.32 28.19
CA ARG B 264 27.37 -25.56 27.09
C ARG B 264 27.81 -24.17 27.11
N ARG B 265 27.62 -23.54 25.96
CA ARG B 265 27.93 -22.18 25.70
C ARG B 265 27.11 -21.86 24.47
N GLU B 266 26.52 -20.69 24.42
CA GLU B 266 25.91 -20.14 23.21
C GLU B 266 24.93 -21.03 22.47
N GLY B 267 24.20 -21.84 23.22
CA GLY B 267 23.14 -22.59 22.65
C GLY B 267 23.46 -23.99 22.18
N ARG B 268 24.70 -24.41 22.35
CA ARG B 268 25.14 -25.75 21.97
C ARG B 268 26.03 -26.30 23.06
N SER B 269 26.28 -27.59 23.07
CA SER B 269 27.13 -28.19 24.08
C SER B 269 28.34 -28.97 23.54
N ALA B 270 29.26 -29.31 24.42
CA ALA B 270 30.48 -29.99 24.08
C ALA B 270 30.75 -31.12 25.07
N VAL B 271 31.46 -32.17 24.67
CA VAL B 271 31.71 -33.29 25.51
C VAL B 271 33.18 -33.31 25.85
N PHE B 272 33.53 -33.50 27.14
CA PHE B 272 34.92 -33.55 27.55
C PHE B 272 35.18 -34.78 28.41
N ILE B 273 36.34 -35.37 28.24
CA ILE B 273 36.82 -36.45 29.06
C ILE B 273 38.15 -36.04 29.66
N ASP B 274 38.18 -35.95 30.99
CA ASP B 274 39.35 -35.44 31.74
C ASP B 274 39.81 -34.15 31.16
N GLY B 275 38.86 -33.33 30.78
CA GLY B 275 39.12 -32.01 30.26
C GLY B 275 39.29 -31.93 28.76
N GLU B 276 39.55 -33.05 28.11
CA GLU B 276 39.87 -33.05 26.70
C GLU B 276 38.56 -33.12 25.91
N ARG B 277 38.43 -32.28 24.90
CA ARG B 277 37.19 -32.27 24.15
C ARG B 277 37.14 -33.39 23.15
N VAL B 278 35.95 -33.93 22.95
CA VAL B 278 35.70 -35.03 22.06
C VAL B 278 34.75 -34.55 21.01
N GLU B 279 34.96 -34.95 19.77
CA GLU B 279 34.12 -34.44 18.71
C GLU B 279 32.73 -34.98 18.81
N ALA B 280 31.74 -34.11 18.60
CA ALA B 280 30.32 -34.46 18.75
C ALA B 280 29.46 -33.66 17.75
N PRO B 281 28.38 -34.27 17.29
CA PRO B 281 27.47 -33.54 16.41
C PRO B 281 26.94 -32.22 17.01
N GLN B 282 26.80 -31.21 16.21
CA GLN B 282 26.33 -29.94 16.68
C GLN B 282 24.97 -30.06 17.26
N GLY B 283 24.80 -29.37 18.36
CA GLY B 283 23.55 -29.34 19.06
C GLY B 283 23.79 -29.51 20.51
N ASN B 284 22.95 -30.28 21.17
CA ASN B 284 23.05 -30.41 22.59
C ASN B 284 23.10 -31.87 23.02
N HIS B 285 23.89 -32.16 24.05
CA HIS B 285 24.11 -33.49 24.51
C HIS B 285 23.65 -33.77 25.92
N GLY B 286 23.47 -35.06 26.14
CA GLY B 286 22.98 -35.61 27.41
C GLY B 286 24.16 -36.21 28.11
N ARG B 287 23.89 -37.24 28.87
CA ARG B 287 24.98 -37.88 29.53
C ARG B 287 25.81 -38.65 28.54
N VAL B 288 27.05 -38.93 28.94
CA VAL B 288 28.00 -39.67 28.16
C VAL B 288 28.28 -40.94 28.92
N VAL B 289 28.22 -42.10 28.25
CA VAL B 289 28.59 -43.37 28.89
C VAL B 289 29.72 -43.99 28.13
N LEU B 290 30.46 -44.87 28.79
CA LEU B 290 31.48 -45.66 28.10
C LEU B 290 30.84 -47.02 27.91
N TRP B 291 30.81 -47.48 26.68
CA TRP B 291 30.14 -48.70 26.33
C TRP B 291 30.95 -49.44 25.32
N ARG B 292 31.45 -50.61 25.73
CA ARG B 292 32.34 -51.41 24.88
C ARG B 292 33.50 -50.58 24.36
N GLY B 293 34.03 -49.72 25.24
CA GLY B 293 35.24 -48.98 24.97
C GLY B 293 35.06 -47.73 24.17
N LYS B 294 33.81 -47.37 23.87
CA LYS B 294 33.53 -46.20 23.05
C LYS B 294 32.56 -45.25 23.74
N LEU B 295 32.53 -43.99 23.34
CA LEU B 295 31.70 -43.07 24.04
C LEU B 295 30.32 -43.03 23.37
N VAL B 296 29.26 -42.85 24.14
CA VAL B 296 27.96 -42.73 23.59
C VAL B 296 27.24 -41.61 24.31
N THR B 297 26.44 -40.80 23.63
CA THR B 297 25.72 -39.76 24.31
C THR B 297 24.40 -39.59 23.64
N SER B 298 23.52 -38.75 24.17
CA SER B 298 22.29 -38.42 23.42
C SER B 298 22.51 -37.09 22.73
N HIS B 299 21.81 -36.85 21.64
CA HIS B 299 22.03 -35.64 20.86
C HIS B 299 20.71 -35.07 20.33
N THR B 300 20.52 -33.77 20.46
CA THR B 300 19.31 -33.18 19.91
C THR B 300 19.76 -31.93 19.22
N SER B 301 18.95 -31.40 18.31
CA SER B 301 19.21 -30.11 17.61
C SER B 301 17.93 -29.59 17.01
N LEU B 302 17.91 -28.33 16.60
CA LEU B 302 16.73 -27.81 15.98
C LEU B 302 16.34 -28.65 14.76
N SER B 303 17.26 -29.37 14.15
CA SER B 303 16.85 -30.27 13.10
C SER B 303 16.88 -31.77 13.37
N THR B 304 17.21 -32.19 14.55
CA THR B 304 17.27 -33.62 14.89
C THR B 304 16.54 -33.88 16.18
N PRO B 305 15.47 -34.67 16.17
CA PRO B 305 14.87 -35.10 17.41
C PRO B 305 15.87 -35.84 18.25
N PRO B 306 15.78 -35.74 19.57
CA PRO B 306 16.66 -36.48 20.49
C PRO B 306 16.92 -37.89 20.04
N ARG B 307 18.20 -38.27 20.01
CA ARG B 307 18.62 -39.61 19.49
C ARG B 307 19.90 -40.06 20.15
N ILE B 308 20.24 -41.34 20.06
CA ILE B 308 21.47 -41.87 20.70
C ILE B 308 22.54 -41.96 19.66
N VAL B 309 23.71 -41.42 19.96
CA VAL B 309 24.84 -41.43 19.02
C VAL B 309 26.17 -41.90 19.58
N SER B 310 27.03 -42.31 18.66
CA SER B 310 28.39 -42.74 18.98
C SER B 310 29.30 -41.55 18.80
N LEU B 311 30.22 -41.34 19.74
CA LEU B 311 31.22 -40.32 19.57
C LEU B 311 32.54 -41.01 19.26
N PRO B 312 33.40 -40.42 18.42
CA PRO B 312 33.30 -39.11 17.78
C PRO B 312 32.65 -39.04 16.41
N SER B 313 32.09 -40.14 15.90
CA SER B 313 31.57 -40.12 14.53
C SER B 313 30.27 -39.41 14.44
N GLY B 314 29.50 -39.39 15.52
CA GLY B 314 28.13 -38.90 15.45
C GLY B 314 27.11 -39.87 14.88
N GLU B 315 27.55 -41.06 14.47
CA GLU B 315 26.65 -42.05 13.88
C GLU B 315 25.54 -42.37 14.84
N PRO B 316 24.31 -42.33 14.37
CA PRO B 316 23.23 -42.63 15.29
C PRO B 316 23.10 -44.14 15.58
N LEU B 317 22.99 -44.52 16.83
CA LEU B 317 22.70 -45.90 17.22
C LEU B 317 21.20 -46.18 17.22
N LEU B 318 20.43 -45.18 17.65
CA LEU B 318 18.98 -45.27 17.88
C LEU B 318 18.42 -43.91 17.59
N GLU B 319 17.47 -43.85 16.67
CA GLU B 319 16.98 -42.58 16.13
C GLU B 319 15.57 -42.82 15.63
N GLY B 320 14.65 -41.94 15.91
CA GLY B 320 13.33 -42.06 15.28
C GLY B 320 13.30 -41.71 13.79
N GLY B 321 12.33 -42.29 13.09
CA GLY B 321 12.22 -42.21 11.62
C GLY B 321 11.20 -41.16 11.25
N LEU B 322 11.65 -40.13 10.53
CA LEU B 322 10.73 -39.25 9.85
C LEU B 322 10.81 -39.63 8.38
N PRO B 323 9.70 -39.48 7.64
CA PRO B 323 9.78 -39.73 6.19
C PRO B 323 10.80 -38.79 5.49
N GLU B 324 11.34 -39.32 4.42
CA GLU B 324 12.41 -38.72 3.67
C GLU B 324 12.10 -37.25 3.33
N ASP B 325 10.87 -36.99 2.95
CA ASP B 325 10.52 -35.67 2.48
C ASP B 325 10.34 -34.66 3.61
N LEU B 326 9.72 -35.10 4.68
CA LEU B 326 9.65 -34.27 5.87
C LEU B 326 11.06 -34.00 6.43
N ARG B 327 11.90 -35.00 6.40
CA ARG B 327 13.27 -34.80 6.85
CA ARG B 327 13.29 -34.86 6.80
C ARG B 327 13.95 -33.78 5.99
N ARG B 328 13.72 -33.80 4.68
CA ARG B 328 14.37 -32.80 3.81
C ARG B 328 13.89 -31.39 4.09
N SER B 329 12.64 -31.24 4.56
CA SER B 329 12.07 -29.92 4.78
C SER B 329 12.69 -29.19 5.97
N ILE B 330 13.26 -29.95 6.89
CA ILE B 330 13.82 -29.33 8.07
C ILE B 330 15.32 -29.31 7.88
N ALA B 331 15.82 -28.20 7.36
CA ALA B 331 17.24 -28.14 6.92
C ALA B 331 18.08 -27.77 8.16
N GLY B 332 19.27 -27.25 7.96
CA GLY B 332 20.19 -27.03 9.08
C GLY B 332 19.85 -25.82 9.96
N SER B 333 20.52 -25.71 11.11
CA SER B 333 20.24 -24.67 12.03
C SER B 333 21.53 -23.92 12.15
N ARG B 334 21.46 -22.65 12.51
CA ARG B 334 22.66 -21.92 12.77
C ARG B 334 22.44 -20.75 13.72
N LEU B 335 23.57 -20.25 14.23
CA LEU B 335 23.64 -19.19 15.17
C LEU B 335 24.13 -17.96 14.47
N VAL B 336 23.37 -16.88 14.57
CA VAL B 336 23.81 -15.59 14.05
C VAL B 336 23.63 -14.58 15.15
N TRP B 337 24.47 -13.56 15.15
CA TRP B 337 24.38 -12.53 16.14
C TRP B 337 23.83 -11.24 15.49
N VAL B 338 22.59 -10.93 15.78
CA VAL B 338 21.93 -9.78 15.22
C VAL B 338 22.21 -8.49 16.02
N GLU B 339 22.38 -7.37 15.34
CA GLU B 339 22.64 -6.11 16.03
C GLU B 339 21.32 -5.42 16.37
N SER B 340 21.04 -5.25 17.64
CA SER B 340 19.87 -4.51 18.04
C SER B 340 20.13 -3.00 17.90
N PHE B 341 19.09 -2.20 18.06
CA PHE B 341 19.22 -0.76 17.82
C PHE B 341 20.32 -0.09 18.70
N ASP B 342 20.47 -0.57 19.94
CA ASP B 342 21.41 0.04 20.89
C ASP B 342 22.77 -0.57 20.77
N GLY B 343 23.02 -1.43 19.81
CA GLY B 343 24.39 -2.00 19.60
C GLY B 343 24.53 -3.42 20.13
N SER B 344 23.62 -3.81 21.00
CA SER B 344 23.69 -5.12 21.63
C SER B 344 23.56 -6.24 20.62
N ARG B 345 24.25 -7.34 20.91
CA ARG B 345 24.29 -8.46 20.00
C ARG B 345 23.41 -9.53 20.50
N VAL B 346 22.43 -9.87 19.68
CA VAL B 346 21.35 -10.74 20.06
C VAL B 346 21.60 -12.12 19.44
N PRO B 347 21.94 -13.13 20.27
CA PRO B 347 22.17 -14.44 19.72
C PRO B 347 20.89 -15.04 19.24
N THR B 348 20.88 -15.42 17.96
CA THR B 348 19.68 -15.79 17.30
C THR B 348 19.85 -17.10 16.54
N TYR B 349 19.00 -18.06 16.85
CA TYR B 349 19.08 -19.31 16.16
C TYR B 349 18.16 -19.27 14.99
N VAL B 350 18.59 -19.90 13.89
CA VAL B 350 17.84 -19.90 12.65
C VAL B 350 17.73 -21.33 12.17
N LEU B 351 16.49 -21.77 11.95
CA LEU B 351 16.21 -23.07 11.33
C LEU B 351 15.68 -22.79 9.96
N GLU B 352 16.43 -23.20 8.94
CA GLU B 352 15.99 -23.03 7.57
C GLU B 352 15.02 -24.14 7.14
N SER B 353 14.09 -23.76 6.25
CA SER B 353 13.12 -24.67 5.68
C SER B 353 13.60 -25.13 4.33
N GLY B 354 13.46 -26.41 4.09
CA GLY B 354 13.77 -26.99 2.81
C GLY B 354 12.66 -26.76 1.84
N ARG B 355 11.47 -26.43 2.34
CA ARG B 355 10.32 -26.13 1.50
C ARG B 355 10.08 -24.63 1.29
N ALA B 356 11.10 -23.82 1.44
CA ALA B 356 10.93 -22.41 1.17
C ALA B 356 12.14 -21.89 0.38
N PRO B 357 11.89 -20.96 -0.51
CA PRO B 357 13.07 -20.41 -1.17
C PRO B 357 13.86 -19.44 -0.27
N THR B 358 14.95 -18.96 -0.79
CA THR B 358 15.79 -17.97 -0.15
C THR B 358 15.92 -16.84 -1.17
N PRO B 359 15.27 -15.69 -0.92
CA PRO B 359 14.42 -15.34 0.22
C PRO B 359 13.07 -16.06 0.19
N GLY B 360 12.54 -16.34 1.38
CA GLY B 360 11.25 -16.96 1.51
C GLY B 360 10.49 -16.49 2.75
N PRO B 361 9.31 -17.04 2.98
CA PRO B 361 8.50 -16.70 4.13
C PRO B 361 9.16 -17.14 5.38
N THR B 362 9.24 -16.22 6.36
CA THR B 362 10.01 -16.39 7.56
C THR B 362 9.17 -16.00 8.78
N VAL B 363 9.15 -16.86 9.79
CA VAL B 363 8.49 -16.58 11.02
C VAL B 363 9.54 -16.27 12.06
N VAL B 364 9.34 -15.17 12.77
CA VAL B 364 10.12 -14.91 13.97
C VAL B 364 9.35 -15.57 15.15
N LEU B 365 9.88 -16.70 15.67
CA LEU B 365 9.17 -17.50 16.71
C LEU B 365 9.67 -17.13 18.08
N VAL B 366 8.93 -16.31 18.81
CA VAL B 366 9.47 -15.69 19.99
C VAL B 366 9.24 -16.58 21.22
N HIS B 367 10.32 -16.90 21.90
CA HIS B 367 10.21 -17.78 23.04
C HIS B 367 9.52 -17.06 24.20
N GLY B 368 9.05 -17.84 25.14
CA GLY B 368 8.30 -17.31 26.26
C GLY B 368 9.21 -17.15 27.44
N GLY B 369 8.63 -17.13 28.64
CA GLY B 369 9.38 -16.95 29.87
C GLY B 369 9.04 -15.64 30.57
N PRO B 370 9.84 -14.60 30.35
CA PRO B 370 10.94 -14.45 29.40
C PRO B 370 12.28 -15.08 29.82
N PHE B 371 12.36 -15.57 31.05
CA PHE B 371 13.62 -16.06 31.55
C PHE B 371 13.81 -17.51 31.07
N ALA B 372 14.08 -17.59 29.78
CA ALA B 372 14.26 -18.86 29.12
C ALA B 372 15.19 -18.65 27.89
N GLU B 373 15.66 -19.73 27.30
CA GLU B 373 16.65 -19.67 26.24
C GLU B 373 16.17 -20.37 24.99
N ASP B 374 16.45 -19.81 23.82
CA ASP B 374 16.25 -20.53 22.58
C ASP B 374 17.62 -21.07 22.18
N SER B 375 17.76 -22.37 22.27
CA SER B 375 18.99 -23.07 21.99
C SER B 375 18.88 -23.96 20.75
N ASP B 376 19.93 -24.64 20.36
CA ASP B 376 19.85 -25.52 19.22
C ASP B 376 19.36 -26.89 19.72
N SER B 377 18.06 -26.98 19.96
CA SER B 377 17.39 -28.19 20.48
C SER B 377 16.10 -28.36 19.78
N TRP B 378 15.68 -29.61 19.63
CA TRP B 378 14.47 -29.96 18.93
C TRP B 378 13.32 -29.23 19.49
N ASP B 379 12.62 -28.54 18.63
CA ASP B 379 11.41 -27.89 18.98
C ASP B 379 10.36 -28.19 17.93
N THR B 380 9.29 -28.85 18.36
CA THR B 380 8.18 -29.18 17.49
C THR B 380 7.62 -28.02 16.75
N PHE B 381 7.58 -26.87 17.36
CA PHE B 381 6.91 -25.76 16.71
C PHE B 381 7.74 -25.28 15.51
N ALA B 382 9.04 -25.13 15.74
CA ALA B 382 9.97 -24.71 14.71
C ALA B 382 10.00 -25.68 13.58
N ALA B 383 10.00 -26.95 13.91
CA ALA B 383 10.03 -28.00 12.93
C ALA B 383 8.77 -27.92 12.11
N SER B 384 7.62 -27.71 12.76
CA SER B 384 6.34 -27.70 12.06
C SER B 384 6.28 -26.53 11.13
N LEU B 385 6.82 -25.40 11.54
CA LEU B 385 6.89 -24.24 10.67
C LEU B 385 7.80 -24.51 9.48
N ALA B 386 8.96 -25.09 9.70
CA ALA B 386 9.81 -25.44 8.60
C ALA B 386 9.09 -26.43 7.66
N ALA B 387 8.50 -27.46 8.22
CA ALA B 387 7.69 -28.38 7.43
C ALA B 387 6.66 -27.67 6.57
N ALA B 388 6.10 -26.57 7.07
CA ALA B 388 5.01 -25.88 6.39
C ALA B 388 5.50 -24.83 5.37
N GLY B 389 6.80 -24.74 5.21
CA GLY B 389 7.36 -23.85 4.23
C GLY B 389 7.75 -22.52 4.83
N PHE B 390 8.09 -22.51 6.11
CA PHE B 390 8.58 -21.29 6.70
C PHE B 390 9.96 -21.47 7.29
N HIS B 391 10.87 -20.54 6.99
CA HIS B 391 12.12 -20.41 7.72
C HIS B 391 11.82 -19.89 9.09
N VAL B 392 12.61 -20.25 10.10
CA VAL B 392 12.30 -19.90 11.48
C VAL B 392 13.48 -19.22 12.18
N VAL B 393 13.24 -18.01 12.74
CA VAL B 393 14.23 -17.17 13.38
C VAL B 393 13.87 -17.08 14.85
N MET B 394 14.82 -17.36 15.75
CA MET B 394 14.52 -17.53 17.18
C MET B 394 15.49 -16.67 17.98
N PRO B 395 15.06 -15.46 18.34
CA PRO B 395 16.00 -14.56 18.92
C PRO B 395 15.99 -14.59 20.45
N ASN B 396 17.18 -14.69 21.03
CA ASN B 396 17.34 -14.59 22.45
C ASN B 396 17.37 -13.16 22.91
N TYR B 397 16.20 -12.55 22.84
CA TYR B 397 16.00 -11.22 23.35
C TYR B 397 16.43 -11.05 24.80
N ARG B 398 16.84 -9.83 25.11
CA ARG B 398 17.35 -9.52 26.40
C ARG B 398 16.24 -9.84 27.40
N GLY B 399 16.62 -10.38 28.56
CA GLY B 399 15.69 -11.14 29.36
C GLY B 399 15.90 -12.65 29.25
N SER B 400 16.39 -13.14 28.10
CA SER B 400 16.70 -14.56 27.93
C SER B 400 17.74 -15.03 28.91
N THR B 401 17.71 -16.31 29.16
CA THR B 401 18.79 -16.95 29.90
C THR B 401 19.78 -17.52 28.89
N GLY B 402 20.94 -17.94 29.37
CA GLY B 402 21.96 -18.59 28.57
C GLY B 402 23.18 -17.74 28.16
N TYR B 403 23.16 -16.47 28.47
CA TYR B 403 24.16 -15.57 27.96
C TYR B 403 24.62 -14.58 29.03
N GLY B 404 24.58 -15.04 30.28
CA GLY B 404 24.96 -14.21 31.39
C GLY B 404 23.83 -13.46 32.04
N GLU B 405 24.05 -13.15 33.30
CA GLU B 405 23.05 -12.53 34.15
C GLU B 405 22.74 -11.10 33.70
N GLU B 406 23.77 -10.42 33.24
CA GLU B 406 23.62 -9.05 32.76
C GLU B 406 22.61 -8.97 31.67
N TRP B 407 22.70 -9.89 30.71
CA TRP B 407 21.71 -10.01 29.64
C TRP B 407 20.32 -10.39 30.12
N ARG B 408 20.21 -11.25 31.11
CA ARG B 408 18.88 -11.53 31.64
C ARG B 408 18.26 -10.32 32.40
N LEU B 409 19.06 -9.66 33.17
CA LEU B 409 18.58 -8.56 33.97
C LEU B 409 18.20 -7.36 33.13
N LYS B 410 18.67 -7.25 31.91
CA LYS B 410 18.35 -6.04 31.09
C LYS B 410 16.86 -5.83 30.78
N ILE B 411 16.05 -6.89 30.80
CA ILE B 411 14.64 -6.74 30.52
C ILE B 411 13.98 -5.99 31.67
N ILE B 412 14.55 -6.12 32.89
CA ILE B 412 13.89 -5.67 34.11
C ILE B 412 13.69 -4.17 34.12
N GLY B 413 12.43 -3.76 34.17
CA GLY B 413 12.07 -2.35 34.24
C GLY B 413 11.64 -1.86 32.89
N ASP B 414 11.70 -2.72 31.88
CA ASP B 414 11.59 -2.30 30.48
C ASP B 414 10.87 -3.32 29.60
N PRO B 415 9.68 -3.80 30.01
CA PRO B 415 8.97 -4.71 29.11
C PRO B 415 8.53 -3.94 27.87
N CYS B 416 8.45 -4.62 26.72
CA CYS B 416 8.09 -3.99 25.44
C CYS B 416 9.02 -2.76 25.14
N GLY B 417 10.32 -2.97 25.32
CA GLY B 417 11.28 -1.89 25.16
C GLY B 417 12.43 -2.50 24.42
N GLY B 418 13.55 -2.65 25.11
CA GLY B 418 14.73 -3.29 24.54
C GLY B 418 14.53 -4.66 23.92
N GLU B 419 13.75 -5.52 24.58
CA GLU B 419 13.55 -6.85 24.08
C GLU B 419 12.79 -6.82 22.80
N LEU B 420 11.75 -5.99 22.72
CA LEU B 420 11.05 -5.78 21.46
C LEU B 420 12.01 -5.26 20.40
N GLU B 421 12.85 -4.29 20.71
CA GLU B 421 13.89 -3.87 19.71
C GLU B 421 14.78 -5.04 19.18
N ASP B 422 15.04 -6.03 20.04
CA ASP B 422 15.86 -7.19 19.70
C ASP B 422 15.12 -8.13 18.71
N VAL B 423 13.87 -8.40 19.04
CA VAL B 423 12.96 -9.16 18.17
C VAL B 423 12.87 -8.48 16.79
N SER B 424 12.74 -7.18 16.87
CA SER B 424 12.62 -6.36 15.69
C SER B 424 13.88 -6.45 14.84
N ALA B 425 15.04 -6.44 15.51
CA ALA B 425 16.34 -6.51 14.82
C ALA B 425 16.53 -7.85 14.15
N ALA B 426 16.06 -8.90 14.79
CA ALA B 426 16.04 -10.22 14.17
C ALA B 426 15.25 -10.19 12.84
N ALA B 427 14.06 -9.61 12.86
CA ALA B 427 13.22 -9.55 11.65
C ALA B 427 13.95 -8.83 10.56
N ARG B 428 14.52 -7.71 10.95
CA ARG B 428 15.20 -6.90 10.03
C ARG B 428 16.47 -7.54 9.46
N TRP B 429 17.16 -8.33 10.30
CA TRP B 429 18.29 -9.12 9.83
C TRP B 429 17.83 -10.18 8.82
N ALA B 430 16.67 -10.79 9.07
CA ALA B 430 16.18 -11.87 8.22
C ALA B 430 15.92 -11.35 6.79
N ARG B 431 15.29 -10.21 6.73
CA ARG B 431 15.11 -9.48 5.45
C ARG B 431 16.45 -9.03 4.78
N GLU B 432 17.32 -8.38 5.52
CA GLU B 432 18.53 -7.79 4.96
C GLU B 432 19.62 -8.79 4.58
N SER B 433 19.68 -9.94 5.26
CA SER B 433 20.67 -10.99 5.00
C SER B 433 20.30 -11.87 3.80
N GLY B 434 19.05 -11.69 3.36
CA GLY B 434 18.50 -12.43 2.24
C GLY B 434 17.61 -13.64 2.58
N LEU B 435 17.39 -13.93 3.88
CA LEU B 435 16.60 -15.11 4.30
C LEU B 435 15.13 -14.93 3.97
N ALA B 436 14.58 -13.75 4.30
CA ALA B 436 13.13 -13.53 4.32
C ALA B 436 12.57 -12.69 3.16
N SER B 437 11.54 -13.22 2.52
CA SER B 437 10.79 -12.44 1.60
C SER B 437 9.69 -11.68 2.32
N GLU B 438 9.09 -12.31 3.32
CA GLU B 438 8.04 -11.74 4.16
C GLU B 438 8.11 -12.33 5.57
N LEU B 439 7.73 -11.51 6.54
CA LEU B 439 7.94 -11.80 7.91
C LEU B 439 6.63 -11.98 8.67
N TYR B 440 6.63 -12.92 9.58
CA TYR B 440 5.53 -13.14 10.45
C TYR B 440 6.15 -13.21 11.79
N ILE B 441 5.33 -13.01 12.81
CA ILE B 441 5.77 -13.12 14.20
C ILE B 441 4.83 -14.05 14.89
N MET B 442 5.34 -14.87 15.76
CA MET B 442 4.50 -15.90 16.47
C MET B 442 5.12 -16.23 17.78
N GLY B 443 4.36 -16.27 18.85
CA GLY B 443 4.83 -16.86 20.06
C GLY B 443 3.79 -17.09 21.14
N TYR B 444 4.21 -17.72 22.24
CA TYR B 444 3.31 -18.10 23.34
C TYR B 444 3.84 -17.56 24.66
N SER B 445 2.96 -17.41 25.63
CA SER B 445 3.33 -16.84 26.92
C SER B 445 3.97 -15.48 26.61
N TYR B 446 5.13 -15.20 27.15
CA TYR B 446 5.69 -13.89 26.98
C TYR B 446 5.89 -13.67 25.48
N GLY B 447 6.06 -14.76 24.71
CA GLY B 447 6.15 -14.65 23.24
C GLY B 447 4.87 -14.08 22.67
N GLY B 448 3.75 -14.46 23.27
CA GLY B 448 2.47 -13.97 22.80
C GLY B 448 2.35 -12.48 23.07
N TYR B 449 2.72 -12.11 24.28
CA TYR B 449 2.88 -10.73 24.62
C TYR B 449 3.79 -10.02 23.63
N MET B 450 4.89 -10.63 23.23
CA MET B 450 5.78 -9.93 22.28
C MET B 450 5.11 -9.72 20.92
N THR B 451 4.31 -10.68 20.46
CA THR B 451 3.50 -10.57 19.23
C THR B 451 2.54 -9.40 19.30
N LEU B 452 1.84 -9.25 20.41
CA LEU B 452 0.94 -8.12 20.55
C LEU B 452 1.66 -6.77 20.59
N CYS B 453 2.85 -6.71 21.23
CA CYS B 453 3.68 -5.52 21.26
C CYS B 453 4.28 -5.20 19.88
N ALA B 454 4.70 -6.22 19.13
CA ALA B 454 5.23 -5.96 17.79
C ALA B 454 4.09 -5.36 16.95
N LEU B 455 2.90 -5.98 16.99
CA LEU B 455 1.85 -5.54 16.13
C LEU B 455 1.28 -4.15 16.47
N THR B 456 1.38 -3.76 17.74
CA THR B 456 0.93 -2.42 18.14
C THR B 456 2.06 -1.32 18.08
N MET B 457 3.27 -1.69 18.42
CA MET B 457 4.35 -0.72 18.49
C MET B 457 5.30 -0.78 17.31
N LYS B 458 5.18 -1.82 16.48
CA LYS B 458 5.95 -1.93 15.23
C LYS B 458 5.01 -2.41 14.11
N PRO B 459 3.93 -1.68 13.91
CA PRO B 459 3.06 -2.06 12.84
C PRO B 459 3.79 -1.92 11.47
N GLY B 460 3.46 -2.78 10.54
CA GLY B 460 4.14 -2.75 9.26
C GLY B 460 5.52 -3.42 9.27
N LEU B 461 5.99 -3.94 10.39
CA LEU B 461 7.15 -4.77 10.36
C LEU B 461 6.75 -6.21 9.93
N PHE B 462 5.73 -6.80 10.60
CA PHE B 462 5.29 -8.15 10.32
C PHE B 462 4.07 -8.09 9.50
N LYS B 463 3.93 -9.04 8.59
CA LYS B 463 2.75 -9.21 7.81
C LYS B 463 1.62 -9.78 8.62
N ALA B 464 1.90 -10.56 9.70
CA ALA B 464 0.79 -11.07 10.52
C ALA B 464 1.32 -11.68 11.77
N GLY B 465 0.49 -11.87 12.76
CA GLY B 465 1.01 -12.36 14.03
C GLY B 465 0.19 -13.42 14.69
N VAL B 466 0.85 -14.34 15.37
CA VAL B 466 0.15 -15.30 16.22
C VAL B 466 0.49 -15.10 17.66
N ALA B 467 -0.52 -14.88 18.48
CA ALA B 467 -0.30 -14.67 19.91
C ALA B 467 -0.99 -15.75 20.68
N GLY B 468 -0.21 -16.60 21.35
CA GLY B 468 -0.77 -17.66 22.20
C GLY B 468 -0.62 -17.43 23.68
N ALA B 469 -1.62 -17.77 24.45
CA ALA B 469 -1.53 -17.69 25.91
C ALA B 469 -0.88 -16.35 26.33
N SER B 470 -1.28 -15.28 25.69
CA SER B 470 -0.60 -14.02 25.93
C SER B 470 -1.18 -13.31 27.14
N VAL B 471 -0.44 -12.31 27.62
CA VAL B 471 -0.88 -11.36 28.62
C VAL B 471 -1.15 -10.13 27.81
N VAL B 472 -2.17 -9.42 28.20
CA VAL B 472 -2.74 -8.35 27.41
C VAL B 472 -2.76 -7.01 28.16
N ASP B 473 -2.94 -7.07 29.48
CA ASP B 473 -2.96 -5.90 30.34
C ASP B 473 -2.29 -6.26 31.69
N TRP B 474 -1.13 -5.67 31.93
CA TRP B 474 -0.33 -6.00 33.10
C TRP B 474 -0.96 -5.51 34.37
N GLU B 475 -1.57 -4.34 34.26
CA GLU B 475 -2.19 -3.68 35.39
C GLU B 475 -3.32 -4.53 35.92
N GLU B 476 -4.17 -5.02 35.02
CA GLU B 476 -5.25 -5.90 35.38
C GLU B 476 -4.67 -7.11 36.11
N MET B 477 -3.67 -7.76 35.50
CA MET B 477 -3.10 -8.98 36.04
C MET B 477 -2.42 -8.77 37.38
N TYR B 478 -1.70 -7.68 37.54
CA TYR B 478 -1.16 -7.34 38.85
C TYR B 478 -2.20 -7.37 39.96
N GLU B 479 -3.46 -7.14 39.62
CA GLU B 479 -4.54 -7.03 40.63
C GLU B 479 -5.25 -8.39 40.81
N LEU B 480 -5.38 -9.12 39.70
CA LEU B 480 -6.09 -10.42 39.65
C LEU B 480 -5.30 -11.55 40.31
N SER B 481 -4.00 -11.64 39.99
CA SER B 481 -3.27 -12.88 40.18
C SER B 481 -2.64 -13.14 41.58
N ASP B 482 -1.90 -14.27 41.68
CA ASP B 482 -1.41 -14.78 42.99
C ASP B 482 -0.12 -14.09 43.35
N ALA B 483 0.31 -14.27 44.59
CA ALA B 483 1.53 -13.65 45.15
C ALA B 483 2.81 -13.84 44.30
N ALA B 484 3.02 -15.03 43.74
CA ALA B 484 4.28 -15.29 43.03
C ALA B 484 4.30 -14.58 41.68
N PHE B 485 3.10 -14.35 41.16
CA PHE B 485 2.95 -13.67 39.85
C PHE B 485 2.89 -12.15 39.95
N ARG B 486 2.24 -11.64 41.01
CA ARG B 486 2.36 -10.24 41.35
C ARG B 486 3.83 -9.92 41.42
N ASN B 487 4.59 -10.74 42.14
CA ASN B 487 6.02 -10.43 42.27
C ASN B 487 6.69 -10.33 40.90
N PHE B 488 6.38 -11.24 40.01
CA PHE B 488 7.06 -11.19 38.74
C PHE B 488 6.74 -9.85 38.05
N ILE B 489 5.44 -9.50 38.00
CA ILE B 489 5.01 -8.27 37.30
C ILE B 489 5.70 -7.05 37.95
N GLU B 490 5.80 -7.07 39.26
CA GLU B 490 6.40 -5.98 39.99
C GLU B 490 7.86 -5.81 39.56
N GLN B 491 8.61 -6.90 39.54
CA GLN B 491 10.00 -6.88 39.11
C GLN B 491 10.14 -6.35 37.69
N LEU B 492 9.35 -6.94 36.79
CA LEU B 492 9.41 -6.63 35.38
C LEU B 492 9.17 -5.17 35.05
N THR B 493 8.30 -4.52 35.83
CA THR B 493 7.85 -3.15 35.55
C THR B 493 8.45 -2.15 36.50
N GLY B 494 9.40 -2.60 37.31
CA GLY B 494 10.03 -1.71 38.28
C GLY B 494 9.05 -1.17 39.31
N GLY B 495 7.98 -1.92 39.54
CA GLY B 495 6.91 -1.49 40.45
C GLY B 495 6.15 -0.28 39.94
N SER B 496 6.27 0.04 38.66
CA SER B 496 5.63 1.21 38.08
C SER B 496 4.27 0.88 37.40
N ARG B 497 3.23 1.49 37.92
CA ARG B 497 1.91 1.35 37.37
C ARG B 497 1.84 2.07 36.02
N GLU B 498 2.66 3.09 35.84
CA GLU B 498 2.67 3.86 34.61
C GLU B 498 3.18 2.92 33.51
N ILE B 499 4.26 2.19 33.77
CA ILE B 499 4.81 1.25 32.83
C ILE B 499 3.87 0.08 32.65
N MET B 500 3.27 -0.37 33.74
CA MET B 500 2.28 -1.43 33.64
C MET B 500 1.19 -1.11 32.63
N ARG B 501 0.69 0.12 32.60
CA ARG B 501 -0.38 0.46 31.64
C ARG B 501 0.14 0.67 30.23
N SER B 502 1.23 1.43 30.11
CA SER B 502 1.71 1.85 28.78
C SER B 502 2.39 0.75 28.02
N ARG B 503 2.85 -0.30 28.70
CA ARG B 503 3.39 -1.50 28.01
C ARG B 503 2.35 -2.64 27.88
N SER B 504 1.10 -2.32 28.10
CA SER B 504 0.02 -3.25 27.87
C SER B 504 -0.61 -3.05 26.50
N PRO B 505 -0.58 -4.05 25.65
CA PRO B 505 -1.11 -3.88 24.29
C PRO B 505 -2.59 -3.55 24.14
N ILE B 506 -3.41 -3.97 25.12
CA ILE B 506 -4.83 -3.64 25.09
C ILE B 506 -5.12 -2.13 25.09
N ASN B 507 -4.13 -1.36 25.53
CA ASN B 507 -4.24 0.07 25.50
C ASN B 507 -3.81 0.66 24.16
N HIS B 508 -3.46 -0.18 23.18
CA HIS B 508 -2.99 0.32 21.90
C HIS B 508 -3.63 -0.42 20.73
N VAL B 509 -4.82 -0.99 20.92
CA VAL B 509 -5.42 -1.77 19.88
C VAL B 509 -5.55 -0.92 18.60
N ASP B 510 -5.84 0.38 18.73
CA ASP B 510 -6.03 1.26 17.56
C ASP B 510 -4.86 1.19 16.55
N ARG B 511 -3.66 0.86 17.02
CA ARG B 511 -2.51 0.84 16.14
C ARG B 511 -2.29 -0.39 15.31
N ILE B 512 -2.95 -1.49 15.64
CA ILE B 512 -2.77 -2.73 14.92
C ILE B 512 -3.23 -2.57 13.46
N LYS B 513 -2.34 -2.86 12.52
CA LYS B 513 -2.70 -2.80 11.12
C LYS B 513 -2.72 -4.18 10.45
N GLU B 514 -2.32 -5.25 11.15
CA GLU B 514 -2.15 -6.54 10.54
C GLU B 514 -3.01 -7.68 11.16
N PRO B 515 -3.31 -8.70 10.37
CA PRO B 515 -4.13 -9.77 10.93
C PRO B 515 -3.46 -10.41 12.13
N LEU B 516 -4.26 -10.67 13.17
CA LEU B 516 -3.79 -11.19 14.43
C LEU B 516 -4.55 -12.45 14.72
N ALA B 517 -3.84 -13.50 15.11
CA ALA B 517 -4.48 -14.73 15.50
C ALA B 517 -4.25 -14.91 16.99
N LEU B 518 -5.33 -15.08 17.76
CA LEU B 518 -5.23 -15.31 19.19
C LEU B 518 -5.51 -16.79 19.41
N ILE B 519 -4.62 -17.47 20.11
CA ILE B 519 -4.86 -18.85 20.55
C ILE B 519 -4.82 -18.79 22.07
N HIS B 520 -5.81 -19.31 22.78
CA HIS B 520 -5.87 -19.09 24.20
C HIS B 520 -6.62 -20.12 25.00
N PRO B 521 -6.09 -20.51 26.16
CA PRO B 521 -6.76 -21.48 27.02
C PRO B 521 -7.98 -20.90 27.66
N GLN B 522 -9.08 -21.66 27.71
CA GLN B 522 -10.35 -21.14 28.28
C GLN B 522 -10.49 -21.39 29.79
N ASN B 523 -9.51 -22.05 30.43
CA ASN B 523 -9.66 -22.44 31.86
C ASN B 523 -8.37 -22.52 32.65
N ASN B 524 -7.37 -21.75 32.22
CA ASN B 524 -6.07 -21.73 32.90
C ASN B 524 -5.94 -20.42 33.67
N SER B 525 -5.97 -20.51 34.99
CA SER B 525 -6.01 -19.31 35.85
C SER B 525 -4.74 -18.47 35.87
N ARG B 526 -3.72 -18.80 35.08
CA ARG B 526 -2.49 -17.99 35.04
C ARG B 526 -2.38 -17.11 33.78
N THR B 527 -3.15 -17.48 32.76
CA THR B 527 -3.40 -16.61 31.60
C THR B 527 -4.91 -16.65 31.48
N PRO B 528 -5.61 -15.84 32.25
CA PRO B 528 -7.08 -15.96 32.29
C PRO B 528 -7.71 -15.46 30.99
N LEU B 529 -8.95 -15.86 30.74
CA LEU B 529 -9.65 -15.50 29.49
C LEU B 529 -10.24 -14.10 29.45
N LYS B 530 -10.67 -13.57 30.57
CA LYS B 530 -11.44 -12.32 30.58
C LYS B 530 -10.75 -11.20 29.81
N PRO B 531 -9.49 -10.95 30.10
CA PRO B 531 -8.82 -9.87 29.44
C PRO B 531 -8.78 -10.08 27.95
N LEU B 532 -8.64 -11.33 27.55
CA LEU B 532 -8.55 -11.62 26.15
C LEU B 532 -9.88 -11.41 25.44
N LEU B 533 -11.00 -11.69 26.11
CA LEU B 533 -12.32 -11.30 25.59
C LEU B 533 -12.43 -9.81 25.38
N ARG B 534 -11.79 -9.05 26.26
CA ARG B 534 -11.85 -7.62 26.17
C ARG B 534 -11.08 -7.16 24.94
N LEU B 535 -9.89 -7.71 24.72
CA LEU B 535 -9.11 -7.41 23.51
C LEU B 535 -9.93 -7.70 22.25
N MET B 536 -10.58 -8.86 22.24
CA MET B 536 -11.38 -9.24 21.11
C MET B 536 -12.51 -8.26 20.89
N GLY B 537 -13.11 -7.80 21.98
CA GLY B 537 -14.10 -6.72 21.92
C GLY B 537 -13.59 -5.43 21.30
N GLU B 538 -12.35 -5.07 21.59
CA GLU B 538 -11.73 -3.89 20.99
C GLU B 538 -11.37 -4.08 19.54
N LEU B 539 -10.79 -5.23 19.24
CA LEU B 539 -10.47 -5.58 17.88
C LEU B 539 -11.72 -5.48 17.03
N LEU B 540 -12.80 -6.04 17.53
CA LEU B 540 -14.08 -6.00 16.82
C LEU B 540 -14.62 -4.56 16.68
N ALA B 541 -14.62 -3.77 17.74
CA ALA B 541 -15.15 -2.39 17.71
C ALA B 541 -14.38 -1.49 16.74
N ARG B 542 -13.08 -1.73 16.61
CA ARG B 542 -12.24 -0.92 15.73
C ARG B 542 -11.96 -1.54 14.36
N GLY B 543 -12.72 -2.58 14.01
CA GLY B 543 -12.67 -3.14 12.66
C GLY B 543 -11.34 -3.81 12.34
N LYS B 544 -10.70 -4.46 13.29
CA LYS B 544 -9.49 -5.21 13.00
C LYS B 544 -9.77 -6.62 12.53
N THR B 545 -8.87 -7.13 11.71
CA THR B 545 -8.93 -8.52 11.25
C THR B 545 -8.37 -9.36 12.32
N PHE B 546 -9.14 -10.31 12.84
CA PHE B 546 -8.58 -11.26 13.72
C PHE B 546 -9.21 -12.64 13.66
N GLU B 547 -8.39 -13.62 14.00
CA GLU B 547 -8.79 -14.97 14.21
C GLU B 547 -8.60 -15.26 15.70
N ALA B 548 -9.45 -16.12 16.26
CA ALA B 548 -9.30 -16.50 17.63
C ALA B 548 -9.66 -17.96 17.84
N HIS B 549 -8.91 -18.63 18.70
CA HIS B 549 -9.23 -20.01 19.05
C HIS B 549 -9.14 -20.10 20.55
N ILE B 550 -10.28 -20.20 21.21
CA ILE B 550 -10.34 -20.33 22.64
C ILE B 550 -10.63 -21.80 22.91
N ILE B 551 -9.70 -22.55 23.50
CA ILE B 551 -9.95 -23.98 23.77
C ILE B 551 -9.67 -24.35 25.20
N PRO B 552 -10.38 -25.33 25.77
CA PRO B 552 -10.07 -25.73 27.12
C PRO B 552 -8.78 -26.55 27.20
N ASP B 553 -8.20 -26.64 28.41
CA ASP B 553 -7.09 -27.58 28.71
C ASP B 553 -6.03 -27.43 27.67
N ALA B 554 -5.47 -26.23 27.62
CA ALA B 554 -4.30 -26.01 26.80
C ALA B 554 -3.23 -25.32 27.71
N ALA B 557 0.86 -26.92 27.70
CA ALA B 557 1.94 -27.90 27.35
C ALA B 557 1.68 -28.60 25.91
N ILE B 558 2.69 -29.00 25.06
CA ILE B 558 2.34 -29.84 23.84
C ILE B 558 3.12 -31.11 23.64
N ASN B 559 2.50 -32.24 23.90
CA ASN B 559 3.12 -33.55 23.73
C ASN B 559 2.36 -34.52 22.87
N THR B 560 1.02 -34.43 22.91
CA THR B 560 0.17 -35.29 22.12
C THR B 560 -0.28 -34.55 20.85
N MET B 561 -0.93 -35.28 19.98
CA MET B 561 -1.49 -34.72 18.75
C MET B 561 -2.67 -33.84 19.11
N GLU B 562 -3.46 -34.26 20.13
CA GLU B 562 -4.58 -33.46 20.70
C GLU B 562 -4.07 -32.10 21.10
N ASP B 563 -2.94 -32.02 21.78
CA ASP B 563 -2.40 -30.75 22.21
C ASP B 563 -2.02 -29.93 20.98
N ALA B 564 -1.36 -30.59 20.05
CA ALA B 564 -0.93 -29.95 18.81
C ALA B 564 -2.10 -29.32 18.05
N VAL B 565 -3.20 -30.09 17.99
CA VAL B 565 -4.41 -29.71 17.31
C VAL B 565 -4.98 -28.49 17.96
N LYS B 566 -4.95 -28.43 19.28
CA LYS B 566 -5.49 -27.25 20.01
C LYS B 566 -4.66 -26.01 19.88
N ILE B 567 -3.34 -26.10 19.92
CA ILE B 567 -2.61 -24.88 20.00
C ILE B 567 -1.58 -24.59 18.91
N LEU B 568 -1.16 -25.62 18.15
CA LEU B 568 -0.17 -25.46 17.06
C LEU B 568 -0.82 -25.34 15.69
N LEU B 569 -1.64 -26.30 15.38
CA LEU B 569 -2.38 -26.30 14.10
C LEU B 569 -3.05 -24.96 13.73
N PRO B 570 -3.76 -24.33 14.65
CA PRO B 570 -4.35 -23.08 14.27
C PRO B 570 -3.30 -22.05 13.87
N ALA B 571 -2.10 -22.08 14.45
CA ALA B 571 -1.12 -21.05 14.12
C ALA B 571 -0.54 -21.33 12.74
N VAL B 572 -0.29 -22.60 12.43
CA VAL B 572 0.37 -22.96 11.14
C VAL B 572 -0.64 -22.72 10.01
N PHE B 573 -1.88 -23.12 10.19
CA PHE B 573 -2.97 -22.85 9.27
C PHE B 573 -3.14 -21.34 9.03
N PHE B 574 -3.26 -20.56 10.09
CA PHE B 574 -3.40 -19.15 9.94
C PHE B 574 -2.27 -18.61 9.12
N LEU B 575 -1.04 -18.98 9.47
CA LEU B 575 0.12 -18.43 8.80
C LEU B 575 0.18 -18.86 7.31
N ALA B 576 -0.07 -20.14 7.07
CA ALA B 576 -0.13 -20.68 5.74
C ALA B 576 -1.16 -19.93 4.91
N THR B 577 -2.25 -19.60 5.54
CA THR B 577 -3.30 -18.86 4.88
C THR B 577 -2.94 -17.40 4.60
N GLN B 578 -2.26 -16.73 5.51
CA GLN B 578 -1.80 -15.32 5.25
C GLN B 578 -0.74 -15.25 4.14
N ARG B 579 0.01 -16.35 4.00
CA ARG B 579 1.04 -16.45 2.98
C ARG B 579 0.49 -16.27 1.58
N GLU B 580 -0.78 -16.67 1.39
CA GLU B 580 -1.53 -16.48 0.13
C GLU B 580 -2.16 -15.05 -0.04
N ARG B 581 -2.33 -14.34 1.08
CA ARG B 581 -2.91 -12.95 1.12
C ARG B 581 -2.16 -11.93 0.19
N ILE C 4 14.29 45.07 -25.09
CA ILE C 4 13.84 43.64 -25.23
C ILE C 4 15.04 42.75 -25.61
N MET C 5 15.16 41.66 -24.82
CA MET C 5 16.29 40.70 -24.81
C MET C 5 15.69 39.31 -24.49
N PRO C 6 16.28 38.21 -24.97
CA PRO C 6 15.68 36.92 -24.55
C PRO C 6 16.09 36.51 -23.14
N VAL C 7 15.16 35.95 -22.37
CA VAL C 7 15.42 35.54 -20.98
C VAL C 7 16.62 34.58 -20.91
N GLU C 8 17.45 34.72 -19.90
CA GLU C 8 18.66 33.92 -19.82
C GLU C 8 18.40 32.73 -18.91
N PHE C 9 17.68 31.74 -19.45
CA PHE C 9 17.17 30.66 -18.64
C PHE C 9 18.31 29.87 -18.03
N SER C 10 19.31 29.56 -18.84
CA SER C 10 20.39 28.70 -18.34
C SER C 10 21.15 29.36 -17.23
N ARG C 11 21.44 30.66 -17.39
CA ARG C 11 22.20 31.39 -16.38
C ARG C 11 21.42 31.51 -15.08
N ILE C 12 20.14 31.81 -15.16
CA ILE C 12 19.27 31.88 -14.02
C ILE C 12 19.27 30.56 -13.27
N VAL C 13 19.02 29.43 -13.93
CA VAL C 13 18.81 28.18 -13.21
C VAL C 13 20.12 27.83 -12.47
N ARG C 14 21.24 28.18 -13.08
CA ARG C 14 22.53 27.89 -12.50
C ARG C 14 22.77 28.71 -11.26
N ASP C 15 22.40 29.98 -11.29
CA ASP C 15 22.45 30.81 -10.10
C ASP C 15 21.49 30.32 -8.96
N VAL C 16 20.24 30.06 -9.31
CA VAL C 16 19.26 29.61 -8.38
C VAL C 16 19.71 28.28 -7.70
N GLU C 17 20.25 27.40 -8.49
CA GLU C 17 20.70 26.12 -8.01
C GLU C 17 21.83 26.29 -7.01
N ARG C 18 22.82 27.11 -7.36
CA ARG C 18 23.94 27.35 -6.45
C ARG C 18 23.54 28.09 -5.17
N LEU C 19 22.62 29.05 -5.25
CA LEU C 19 22.11 29.75 -4.10
C LEU C 19 21.31 28.81 -3.20
N ILE C 20 20.55 27.88 -3.76
CA ILE C 20 19.83 26.91 -2.94
C ILE C 20 20.81 25.93 -2.37
N ALA C 21 21.84 25.58 -3.12
CA ALA C 21 22.73 24.48 -2.73
C ALA C 21 23.71 24.87 -1.62
N VAL C 22 24.04 26.15 -1.44
CA VAL C 22 25.00 26.54 -0.41
C VAL C 22 24.61 25.89 0.91
N GLU C 23 25.60 25.37 1.59
CA GLU C 23 25.42 24.84 2.86
C GLU C 23 24.93 25.90 3.77
N LYS C 24 23.95 25.54 4.60
CA LYS C 24 23.43 26.47 5.62
C LYS C 24 23.39 25.77 6.98
N TYR C 25 23.80 26.46 8.05
CA TYR C 25 23.86 25.78 9.34
C TYR C 25 23.12 26.54 10.42
N SER C 26 22.56 25.80 11.37
CA SER C 26 22.10 26.36 12.61
C SER C 26 22.52 25.56 13.81
N LEU C 27 22.72 26.26 14.91
CA LEU C 27 23.29 25.68 16.13
C LEU C 27 22.19 25.19 16.99
N GLN C 28 22.24 23.99 17.48
CA GLN C 28 21.11 23.52 18.27
C GLN C 28 21.49 23.24 19.70
N GLY C 29 22.78 22.95 19.94
CA GLY C 29 23.23 22.57 21.28
C GLY C 29 24.59 21.89 21.32
N VAL C 30 24.94 21.40 22.50
CA VAL C 30 26.15 20.65 22.72
C VAL C 30 25.70 19.33 23.31
N VAL C 31 26.18 18.25 22.76
CA VAL C 31 25.67 16.92 23.06
CA VAL C 31 25.68 16.91 23.11
C VAL C 31 26.83 15.96 23.31
N ASP C 32 26.52 14.80 23.92
CA ASP C 32 27.51 13.70 24.04
C ASP C 32 28.70 14.30 24.73
N GLY C 33 29.88 13.93 24.28
CA GLY C 33 31.16 14.36 24.85
C GLY C 33 31.63 15.67 24.20
N ASP C 34 30.86 16.75 24.45
CA ASP C 34 31.26 18.09 24.09
C ASP C 34 31.31 18.23 22.53
N LYS C 35 30.22 17.80 21.86
CA LYS C 35 30.10 17.91 20.45
C LYS C 35 29.00 18.87 20.04
N LEU C 36 29.24 19.76 19.04
CA LEU C 36 28.18 20.66 18.65
C LEU C 36 27.18 19.87 17.85
N LEU C 37 25.91 20.10 18.14
CA LEU C 37 24.77 19.56 17.37
C LEU C 37 24.38 20.66 16.45
N VAL C 38 24.40 20.40 15.14
CA VAL C 38 23.97 21.40 14.18
C VAL C 38 23.00 20.79 13.18
N VAL C 39 22.01 21.55 12.77
CA VAL C 39 21.15 21.18 11.65
C VAL C 39 21.69 21.89 10.49
N GLY C 40 21.86 21.21 9.37
CA GLY C 40 22.53 21.84 8.20
C GLY C 40 21.79 21.41 6.95
N PHE C 41 21.65 22.36 6.04
CA PHE C 41 21.28 22.01 4.69
C PHE C 41 22.56 21.68 4.00
N SER C 42 22.70 20.45 3.58
CA SER C 42 23.91 20.05 2.96
C SER C 42 23.72 18.71 2.23
N GLU C 43 24.50 18.48 1.19
CA GLU C 43 24.25 17.44 0.24
CA GLU C 43 24.20 17.37 0.32
C GLU C 43 22.76 17.42 -0.19
N GLY C 44 22.23 18.60 -0.54
CA GLY C 44 20.88 18.71 -1.05
C GLY C 44 19.71 18.47 -0.10
N SER C 45 19.93 18.36 1.22
CA SER C 45 18.78 18.23 2.14
C SER C 45 19.10 18.70 3.53
N VAL C 46 18.11 18.66 4.42
CA VAL C 46 18.25 19.18 5.75
C VAL C 46 18.57 17.97 6.56
N ASN C 47 19.73 17.99 7.21
CA ASN C 47 20.25 16.90 8.00
C ASN C 47 20.70 17.34 9.38
N ALA C 48 21.00 16.39 10.27
CA ALA C 48 21.53 16.73 11.62
C ALA C 48 22.95 16.24 11.70
N TYR C 49 23.87 17.07 12.21
CA TYR C 49 25.29 16.65 12.30
C TYR C 49 25.86 16.90 13.69
N LEU C 50 26.78 16.04 14.10
CA LEU C 50 27.65 16.32 15.22
C LEU C 50 28.89 16.91 14.67
N TYR C 51 29.27 18.12 15.09
CA TYR C 51 30.58 18.66 14.77
C TYR C 51 31.55 18.49 15.92
N ASP C 52 32.75 18.05 15.60
CA ASP C 52 33.84 17.88 16.55
C ASP C 52 35.07 17.52 15.79
N GLY C 53 36.18 18.06 16.24
CA GLY C 53 37.45 17.66 15.72
C GLY C 53 37.62 18.02 14.27
N GLY C 54 37.06 19.16 13.85
CA GLY C 54 37.13 19.58 12.44
C GLY C 54 36.37 18.72 11.44
N GLU C 55 35.41 17.95 11.91
CA GLU C 55 34.66 16.99 11.06
C GLU C 55 33.20 16.93 11.55
N THR C 56 32.28 16.55 10.68
CA THR C 56 30.90 16.39 11.02
C THR C 56 30.58 14.93 10.87
N VAL C 57 29.67 14.43 11.68
CA VAL C 57 29.17 13.04 11.51
C VAL C 57 27.68 13.17 11.34
N LYS C 58 27.14 12.58 10.29
CA LYS C 58 25.72 12.74 10.00
C LYS C 58 24.87 11.81 10.89
N LEU C 59 23.94 12.36 11.64
CA LEU C 59 23.22 11.58 12.64
C LEU C 59 21.99 10.88 12.03
N ASN C 60 21.38 11.54 11.06
CA ASN C 60 20.22 11.03 10.43
C ASN C 60 20.48 10.20 9.18
N ARG C 61 19.44 9.48 8.75
CA ARG C 61 19.40 8.85 7.41
C ARG C 61 18.66 9.69 6.37
N GLU C 62 17.32 9.59 6.35
CA GLU C 62 16.54 10.43 5.47
C GLU C 62 16.47 11.86 6.00
N PRO C 63 16.15 12.80 5.12
CA PRO C 63 16.07 14.18 5.56
C PRO C 63 15.13 14.35 6.73
N ILE C 64 15.37 15.36 7.54
CA ILE C 64 14.56 15.69 8.64
C ILE C 64 14.05 17.14 8.46
N ASN C 65 13.28 17.61 9.46
CA ASN C 65 12.86 19.00 9.54
C ASN C 65 13.63 19.74 10.59
N SER C 66 13.90 19.14 11.74
CA SER C 66 14.61 19.84 12.86
C SER C 66 15.00 18.82 13.90
N VAL C 67 15.61 19.24 14.98
CA VAL C 67 15.80 18.31 16.09
C VAL C 67 15.23 18.99 17.33
N LEU C 68 14.90 18.26 18.38
CA LEU C 68 14.47 18.89 19.63
C LEU C 68 15.70 19.50 20.35
N ASP C 69 15.51 20.49 21.24
CA ASP C 69 16.62 21.05 21.98
C ASP C 69 17.23 20.04 22.97
N PRO C 70 18.53 19.82 22.87
CA PRO C 70 19.11 18.87 23.76
C PRO C 70 19.66 19.51 25.01
N HIS C 71 19.53 18.87 26.17
CA HIS C 71 20.24 19.39 27.28
C HIS C 71 21.71 19.11 27.11
N TYR C 72 22.54 20.04 27.62
CA TYR C 72 23.97 19.93 27.50
CA TYR C 72 23.98 19.93 27.59
C TYR C 72 24.46 18.50 27.87
N GLY C 73 25.19 17.88 26.93
CA GLY C 73 25.80 16.58 27.20
C GLY C 73 24.95 15.32 27.02
N VAL C 74 23.66 15.45 26.69
CA VAL C 74 22.86 14.22 26.49
C VAL C 74 23.42 13.36 25.39
N GLY C 75 23.30 12.04 25.56
CA GLY C 75 23.92 11.09 24.63
C GLY C 75 23.04 10.69 23.47
N ARG C 76 22.05 11.50 23.16
CA ARG C 76 21.15 11.22 22.04
C ARG C 76 20.55 12.48 21.41
N VAL C 77 20.03 12.31 20.20
CA VAL C 77 19.34 13.40 19.54
C VAL C 77 17.97 12.95 19.07
N ILE C 78 16.97 13.80 19.25
CA ILE C 78 15.64 13.50 18.78
C ILE C 78 15.35 14.25 17.51
N LEU C 79 15.29 13.55 16.40
CA LEU C 79 14.93 14.05 15.11
C LEU C 79 13.44 14.18 15.01
N VAL C 80 13.02 15.23 14.30
CA VAL C 80 11.64 15.49 13.95
C VAL C 80 11.55 15.44 12.43
N ARG C 81 10.77 14.47 11.94
CA ARG C 81 10.66 14.25 10.50
C ARG C 81 9.22 14.16 10.07
N ASP C 82 8.89 14.85 8.98
CA ASP C 82 7.59 14.79 8.34
C ASP C 82 7.41 13.43 7.73
N VAL C 83 6.47 12.64 8.22
CA VAL C 83 6.14 11.35 7.60
C VAL C 83 4.77 11.37 6.82
N SER C 84 4.41 12.54 6.34
CA SER C 84 3.20 12.76 5.56
C SER C 84 3.53 13.55 4.26
N LYS C 85 4.71 13.37 3.69
CA LYS C 85 5.00 14.02 2.40
C LYS C 85 4.73 15.52 2.33
N GLY C 86 4.98 16.22 3.42
CA GLY C 86 4.83 17.66 3.44
C GLY C 86 3.69 18.23 4.26
N ALA C 87 2.74 17.38 4.63
CA ALA C 87 1.54 17.82 5.34
C ALA C 87 1.89 18.18 6.80
N GLU C 88 3.10 17.88 7.22
CA GLU C 88 3.55 18.26 8.55
C GLU C 88 2.86 17.52 9.66
N GLN C 89 2.61 16.23 9.47
CA GLN C 89 2.39 15.31 10.55
C GLN C 89 3.74 14.65 10.82
N HIS C 90 4.44 15.11 11.85
CA HIS C 90 5.79 14.63 12.13
C HIS C 90 5.80 13.39 13.06
N ALA C 91 6.87 12.64 12.97
CA ALA C 91 7.22 11.56 13.89
C ALA C 91 8.57 11.92 14.48
N LEU C 92 8.77 11.51 15.73
CA LEU C 92 10.02 11.62 16.41
C LEU C 92 10.88 10.33 16.25
N PHE C 93 12.17 10.52 16.10
CA PHE C 93 13.14 9.43 15.98
C PHE C 93 14.36 9.67 16.91
N LYS C 94 14.68 8.69 17.75
CA LYS C 94 15.89 8.70 18.57
C LYS C 94 17.07 8.12 17.82
N VAL C 95 18.19 8.86 17.90
CA VAL C 95 19.51 8.47 17.44
C VAL C 95 20.45 8.62 18.61
N ASN C 96 21.07 7.54 19.04
CA ASN C 96 22.12 7.59 20.02
C ASN C 96 23.38 8.18 19.39
N THR C 97 24.03 9.11 20.11
CA THR C 97 25.14 9.88 19.54
C THR C 97 26.40 9.03 19.31
N SER C 98 26.51 7.93 20.04
CA SER C 98 27.54 6.94 19.70
C SER C 98 27.29 6.13 18.44
N ARG C 99 26.07 6.19 17.93
CA ARG C 99 25.73 5.35 16.82
C ARG C 99 24.95 6.18 15.83
N PRO C 100 25.63 7.16 15.22
CA PRO C 100 25.09 7.92 14.10
C PRO C 100 24.56 7.03 13.03
N GLY C 101 23.46 7.45 12.40
CA GLY C 101 22.82 6.71 11.32
C GLY C 101 21.82 5.65 11.76
N GLU C 102 21.61 5.43 13.05
CA GLU C 102 20.61 4.36 13.44
C GLU C 102 19.45 4.97 14.16
N GLU C 103 18.24 4.76 13.64
CA GLU C 103 17.07 5.54 14.10
C GLU C 103 16.12 4.62 14.77
N GLN C 104 15.61 4.96 15.96
CA GLN C 104 14.48 4.29 16.56
C GLN C 104 13.24 5.24 16.54
N ARG C 105 12.19 4.86 15.82
CA ARG C 105 11.02 5.69 15.71
C ARG C 105 10.36 5.63 17.07
N LEU C 106 10.10 6.79 17.66
CA LEU C 106 9.34 6.88 18.92
C LEU C 106 7.84 6.65 18.71
N GLU C 107 7.47 5.41 18.40
CA GLU C 107 6.11 5.07 18.03
C GLU C 107 5.08 5.38 19.09
N ALA C 108 5.48 5.43 20.36
CA ALA C 108 4.55 5.91 21.35
C ALA C 108 3.78 7.18 20.95
N VAL C 109 4.44 8.09 20.27
CA VAL C 109 3.80 9.31 19.85
C VAL C 109 3.27 9.11 18.44
N LYS C 110 1.96 9.09 18.29
CA LYS C 110 1.36 9.05 16.94
C LYS C 110 1.75 10.35 16.18
N PRO C 111 1.80 10.37 14.83
CA PRO C 111 2.20 11.62 14.17
C PRO C 111 1.30 12.81 14.43
N MET C 112 1.92 13.95 14.55
CA MET C 112 1.18 15.15 14.81
C MET C 112 2.05 16.31 14.31
N ARG C 113 1.51 17.53 14.28
CA ARG C 113 2.37 18.69 14.02
C ARG C 113 3.25 19.05 15.23
N ILE C 114 4.52 18.66 15.23
CA ILE C 114 5.38 18.90 16.36
C ILE C 114 5.79 20.35 16.29
N LEU C 115 5.52 21.12 17.34
CA LEU C 115 5.77 22.52 17.25
C LEU C 115 7.08 22.86 17.88
N SER C 116 7.58 22.03 18.80
CA SER C 116 8.81 22.30 19.55
C SER C 116 9.05 21.20 20.51
N GLY C 117 10.24 21.18 21.10
CA GLY C 117 10.50 20.27 22.20
C GLY C 117 11.93 20.33 22.71
N VAL C 118 12.10 19.69 23.86
CA VAL C 118 13.32 19.65 24.57
C VAL C 118 13.53 18.22 25.10
N ASP C 119 14.73 17.72 24.98
CA ASP C 119 15.08 16.44 25.48
C ASP C 119 15.96 16.59 26.69
N THR C 120 15.49 16.19 27.84
CA THR C 120 16.29 16.25 29.05
C THR C 120 17.37 15.14 29.11
N GLY C 121 17.18 14.07 28.34
CA GLY C 121 18.00 12.89 28.50
C GLY C 121 17.19 11.77 29.13
N GLU C 122 16.26 12.12 29.99
CA GLU C 122 15.31 11.13 30.58
C GLU C 122 13.84 11.35 30.18
N ALA C 123 13.55 12.44 29.47
CA ALA C 123 12.18 12.84 29.17
C ALA C 123 12.27 13.69 27.94
N VAL C 124 11.39 13.42 26.98
CA VAL C 124 11.25 14.29 25.81
C VAL C 124 9.91 15.01 26.03
N VAL C 125 10.00 16.33 26.12
CA VAL C 125 8.86 17.18 26.34
C VAL C 125 8.65 18.08 25.13
N PHE C 126 7.45 18.09 24.59
CA PHE C 126 7.21 18.78 23.34
C PHE C 126 5.81 19.34 23.29
N THR C 127 5.52 20.21 22.34
CA THR C 127 4.18 20.73 22.10
C THR C 127 3.79 20.27 20.73
N GLY C 128 2.54 19.83 20.58
CA GLY C 128 2.00 19.33 19.33
C GLY C 128 0.60 19.81 19.03
N ALA C 129 0.27 19.99 17.74
CA ALA C 129 -1.08 20.30 17.31
C ALA C 129 -1.69 19.11 16.59
N THR C 130 -2.91 18.77 16.95
CA THR C 130 -3.72 17.75 16.27
C THR C 130 -4.97 18.48 15.80
N GLU C 131 -5.92 17.77 15.26
CA GLU C 131 -7.12 18.43 14.77
C GLU C 131 -7.88 19.09 15.89
N ASP C 132 -7.88 18.45 17.05
CA ASP C 132 -8.77 18.89 18.13
C ASP C 132 -8.07 19.75 19.18
N ARG C 133 -6.74 19.76 19.20
CA ARG C 133 -6.07 20.66 20.07
C ARG C 133 -4.60 20.81 19.85
N VAL C 134 -4.07 21.78 20.61
CA VAL C 134 -2.67 21.92 20.90
C VAL C 134 -2.42 21.40 22.32
N ALA C 135 -1.35 20.66 22.53
CA ALA C 135 -1.07 20.09 23.88
C ALA C 135 0.44 20.13 24.20
N LEU C 136 0.76 20.12 25.50
CA LEU C 136 2.11 19.91 26.02
C LEU C 136 2.25 18.49 26.41
N TYR C 137 3.21 17.78 25.83
CA TYR C 137 3.41 16.35 26.15
C TYR C 137 4.73 15.99 26.77
N ALA C 138 4.74 14.87 27.50
CA ALA C 138 5.98 14.32 28.05
C ALA C 138 6.01 12.86 27.69
N LEU C 139 7.13 12.43 27.11
CA LEU C 139 7.41 11.03 26.83
C LEU C 139 8.59 10.62 27.68
N ASP C 140 8.36 9.64 28.52
CA ASP C 140 9.38 9.17 29.39
C ASP C 140 9.25 7.66 29.54
N GLY C 141 10.02 7.09 30.45
CA GLY C 141 9.91 5.66 30.63
C GLY C 141 8.52 5.11 30.95
N GLY C 142 7.65 5.91 31.57
CA GLY C 142 6.29 5.41 31.88
C GLY C 142 5.29 5.60 30.74
N GLY C 143 5.71 6.21 29.64
CA GLY C 143 4.83 6.36 28.50
C GLY C 143 4.69 7.81 28.11
N LEU C 144 3.61 8.08 27.39
CA LEU C 144 3.33 9.38 26.84
C LEU C 144 2.30 10.03 27.72
N ARG C 145 2.44 11.31 28.04
CA ARG C 145 1.40 11.99 28.81
C ARG C 145 1.11 13.26 28.18
N GLU C 146 -0.15 13.64 28.25
CA GLU C 146 -0.58 14.98 27.98
C GLU C 146 -0.56 15.77 29.30
N LEU C 147 0.40 16.66 29.47
CA LEU C 147 0.51 17.48 30.66
C LEU C 147 -0.49 18.59 30.67
N ALA C 148 -0.80 19.15 29.52
CA ALA C 148 -1.70 20.30 29.47
C ALA C 148 -2.17 20.59 28.06
N ARG C 149 -3.36 21.17 27.93
CA ARG C 149 -3.86 21.64 26.70
C ARG C 149 -3.60 23.12 26.67
N LEU C 150 -3.23 23.58 25.50
CA LEU C 150 -2.87 24.95 25.31
C LEU C 150 -3.90 25.57 24.39
N PRO C 151 -4.34 26.79 24.69
CA PRO C 151 -5.38 27.41 23.87
C PRO C 151 -4.96 27.65 22.40
N GLY C 152 -3.67 27.85 22.15
CA GLY C 152 -3.19 28.00 20.79
C GLY C 152 -1.76 27.58 20.69
N PHE C 153 -1.06 28.06 19.65
CA PHE C 153 0.32 27.67 19.43
C PHE C 153 1.12 27.90 20.69
N GLY C 154 1.93 26.92 21.08
CA GLY C 154 2.83 27.03 22.21
C GLY C 154 4.14 26.31 21.96
N PHE C 155 5.18 26.74 22.67
CA PHE C 155 6.54 26.30 22.43
C PHE C 155 7.21 26.12 23.73
N VAL C 156 7.71 24.90 24.00
CA VAL C 156 8.54 24.63 25.14
C VAL C 156 9.86 25.39 24.96
N SER C 157 10.27 26.22 25.92
CA SER C 157 11.57 26.93 25.87
C SER C 157 12.70 26.24 26.68
N ASP C 158 12.37 25.57 27.79
CA ASP C 158 13.36 25.12 28.73
C ASP C 158 12.77 24.22 29.80
N ILE C 159 13.62 23.34 30.38
CA ILE C 159 13.25 22.45 31.48
C ILE C 159 14.44 22.50 32.42
N ARG C 160 14.19 22.61 33.74
CA ARG C 160 15.17 22.41 34.74
C ARG C 160 14.53 21.65 35.88
N GLY C 161 15.11 20.53 36.24
CA GLY C 161 14.44 19.64 37.20
C GLY C 161 13.04 19.35 36.65
N ASP C 162 12.03 19.46 37.49
CA ASP C 162 10.65 19.29 37.04
C ASP C 162 10.04 20.55 36.35
N LEU C 163 10.71 21.69 36.30
CA LEU C 163 10.01 22.86 35.86
C LEU C 163 10.11 22.96 34.34
N ILE C 164 8.97 23.08 33.66
CA ILE C 164 8.98 23.30 32.23
C ILE C 164 8.51 24.77 31.99
N ALA C 165 9.17 25.48 31.12
CA ALA C 165 8.83 26.86 30.81
C ALA C 165 8.61 27.01 29.32
N GLY C 166 7.61 27.79 28.93
CA GLY C 166 7.30 27.99 27.49
C GLY C 166 6.55 29.28 27.12
N LEU C 167 6.30 29.43 25.82
CA LEU C 167 5.69 30.64 25.27
C LEU C 167 4.43 30.20 24.55
N GLY C 168 3.31 30.88 24.77
CA GLY C 168 2.07 30.59 24.07
C GLY C 168 1.37 31.81 23.46
N PHE C 169 0.94 31.69 22.18
CA PHE C 169 0.10 32.66 21.54
C PHE C 169 -1.30 32.36 21.92
N PHE C 170 -1.72 32.89 23.06
CA PHE C 170 -3.00 32.49 23.61
C PHE C 170 -4.11 33.52 23.41
N GLY C 171 -3.86 34.59 22.64
CA GLY C 171 -4.86 35.62 22.45
C GLY C 171 -4.37 37.00 22.06
N GLY C 172 -5.14 37.64 21.17
CA GLY C 172 -4.83 38.99 20.69
C GLY C 172 -3.48 39.17 20.03
N GLY C 173 -2.83 38.07 19.68
CA GLY C 173 -1.43 38.09 19.19
C GLY C 173 -0.41 38.22 20.27
N ARG C 174 -0.84 38.29 21.52
CA ARG C 174 0.11 38.45 22.62
C ARG C 174 0.76 37.14 22.95
N VAL C 175 2.02 37.19 23.36
CA VAL C 175 2.70 35.95 23.81
C VAL C 175 2.79 35.91 25.30
N SER C 176 2.12 34.93 25.89
CA SER C 176 2.17 34.67 27.34
C SER C 176 3.32 33.70 27.68
N LEU C 177 3.74 33.67 28.93
CA LEU C 177 4.65 32.66 29.45
C LEU C 177 3.78 31.61 30.01
N PHE C 178 4.18 30.34 29.94
CA PHE C 178 3.52 29.28 30.68
C PHE C 178 4.59 28.38 31.30
N THR C 179 4.18 27.66 32.32
CA THR C 179 5.02 26.68 33.00
C THR C 179 4.19 25.41 33.26
N SER C 180 4.86 24.26 33.25
CA SER C 180 4.27 23.02 33.79
C SER C 180 5.30 22.25 34.65
N ASN C 181 4.87 21.14 35.19
CA ASN C 181 5.68 20.35 36.06
C ASN C 181 5.81 18.98 35.42
N LEU C 182 7.04 18.52 35.28
CA LEU C 182 7.29 17.34 34.51
C LEU C 182 6.71 16.08 35.14
N SER C 183 6.53 16.06 36.44
CA SER C 183 5.88 14.90 37.05
C SER C 183 4.40 15.11 37.37
N SER C 184 3.97 16.27 37.89
CA SER C 184 2.55 16.41 38.28
C SER C 184 1.67 17.04 37.18
N GLY C 185 2.30 17.58 36.14
CA GLY C 185 1.58 18.18 35.04
C GLY C 185 1.07 19.57 35.41
N GLY C 186 -0.15 19.86 34.99
CA GLY C 186 -0.76 21.14 35.17
C GLY C 186 -0.25 22.13 34.18
N LEU C 187 -0.87 23.30 34.22
CA LEU C 187 -0.46 24.41 33.43
C LEU C 187 -0.53 25.63 34.31
N ARG C 188 0.32 26.60 34.04
CA ARG C 188 0.20 27.94 34.59
C ARG C 188 0.48 28.91 33.52
N VAL C 189 -0.39 29.93 33.39
CA VAL C 189 -0.22 30.98 32.41
C VAL C 189 0.02 32.31 33.11
N PHE C 190 1.03 33.08 32.66
CA PHE C 190 1.35 34.40 33.16
C PHE C 190 1.27 35.38 32.02
N ASP C 191 0.38 36.35 32.13
CA ASP C 191 0.19 37.39 31.12
C ASP C 191 0.98 38.63 31.45
N SER C 192 1.41 39.43 30.48
CA SER C 192 1.83 40.79 30.72
C SER C 192 0.87 41.82 30.09
N GLY C 193 0.44 42.78 30.88
CA GLY C 193 -0.28 43.95 30.34
C GLY C 193 0.65 44.89 29.56
N GLU C 194 1.95 44.77 29.79
CA GLU C 194 2.96 45.61 29.11
C GLU C 194 3.33 45.22 27.63
N GLY C 195 3.31 43.93 27.33
CA GLY C 195 3.73 43.48 26.02
C GLY C 195 3.73 41.99 25.98
N SER C 196 4.68 41.40 25.29
CA SER C 196 4.74 39.94 25.09
C SER C 196 6.09 39.34 25.45
N PHE C 197 6.08 38.10 25.92
CA PHE C 197 7.34 37.40 26.21
C PHE C 197 7.98 36.82 24.97
N SER C 198 9.30 36.92 24.86
CA SER C 198 9.93 36.54 23.61
C SER C 198 10.92 35.41 23.73
N SER C 199 11.53 35.27 24.89
CA SER C 199 12.10 33.95 25.14
C SER C 199 12.22 33.73 26.61
N ALA C 200 12.67 32.55 27.03
CA ALA C 200 12.59 32.16 28.47
C ALA C 200 13.60 31.07 28.77
N SER C 201 14.28 31.18 29.89
CA SER C 201 15.14 30.12 30.37
C SER C 201 15.08 30.12 31.89
N ILE C 202 15.30 28.96 32.49
CA ILE C 202 15.13 28.81 33.93
C ILE C 202 16.48 28.99 34.62
N SER C 203 16.57 29.95 35.54
CA SER C 203 17.75 30.24 36.34
C SER C 203 18.05 29.13 37.28
N PRO C 204 19.28 29.07 37.80
CA PRO C 204 19.54 28.03 38.80
C PRO C 204 18.64 28.18 39.99
N GLY C 205 18.14 29.37 40.24
CA GLY C 205 17.19 29.61 41.35
C GLY C 205 15.73 29.18 41.10
N MET C 206 15.48 28.52 39.99
CA MET C 206 14.14 28.12 39.61
C MET C 206 13.20 29.34 39.35
N LYS C 207 13.75 30.45 38.85
CA LYS C 207 12.93 31.51 38.34
C LYS C 207 12.98 31.47 36.84
N VAL C 208 11.99 32.03 36.18
CA VAL C 208 12.03 32.04 34.74
C VAL C 208 12.53 33.42 34.32
N THR C 209 13.66 33.47 33.66
CA THR C 209 14.13 34.73 33.09
C THR C 209 13.55 34.80 31.72
N ALA C 210 13.00 35.95 31.36
CA ALA C 210 12.30 36.09 30.07
C ALA C 210 12.56 37.45 29.50
N GLY C 211 12.62 37.51 28.16
CA GLY C 211 12.54 38.79 27.44
C GLY C 211 11.10 39.21 27.33
N LEU C 212 10.86 40.49 27.58
CA LEU C 212 9.54 41.07 27.56
C LEU C 212 9.59 42.20 26.57
N GLU C 213 8.82 42.12 25.51
CA GLU C 213 8.86 43.08 24.46
C GLU C 213 7.71 44.01 24.66
N THR C 214 8.01 45.29 24.95
CA THR C 214 6.98 46.25 25.21
C THR C 214 6.76 47.16 24.00
N ALA C 215 5.95 48.22 24.11
CA ALA C 215 5.49 49.00 22.94
C ALA C 215 6.59 49.17 21.87
N ARG C 216 7.76 49.67 22.28
CA ARG C 216 8.89 50.02 21.42
C ARG C 216 10.26 49.58 21.94
N GLU C 217 10.31 48.76 22.97
CA GLU C 217 11.58 48.41 23.57
C GLU C 217 11.48 47.02 24.23
N ALA C 218 12.60 46.40 24.58
CA ALA C 218 12.55 45.09 25.24
C ALA C 218 13.38 45.16 26.47
N ARG C 219 13.07 44.28 27.41
CA ARG C 219 13.91 44.12 28.57
C ARG C 219 13.74 42.78 29.17
N LEU C 220 14.57 42.48 30.15
CA LEU C 220 14.59 41.19 30.73
C LEU C 220 13.93 41.28 32.08
N VAL C 221 13.11 40.28 32.39
CA VAL C 221 12.38 40.22 33.60
C VAL C 221 12.53 38.83 34.21
N THR C 222 12.36 38.73 35.51
CA THR C 222 12.39 37.51 36.29
C THR C 222 10.94 37.26 36.71
N VAL C 223 10.38 36.11 36.35
CA VAL C 223 9.04 35.74 36.79
C VAL C 223 9.16 34.62 37.75
N ASP C 224 8.60 34.76 38.95
CA ASP C 224 8.62 33.68 39.95
C ASP C 224 7.39 32.79 39.69
N PRO C 225 7.62 31.56 39.21
CA PRO C 225 6.50 30.72 38.88
C PRO C 225 5.61 30.36 40.06
N ARG C 226 6.03 30.59 41.30
CA ARG C 226 5.19 30.24 42.46
C ARG C 226 4.08 31.23 42.81
N ASP C 227 4.20 32.47 42.40
CA ASP C 227 3.18 33.49 42.74
C ASP C 227 2.90 34.42 41.55
N GLY C 228 3.75 34.38 40.53
CA GLY C 228 3.51 35.11 39.32
C GLY C 228 4.11 36.49 39.35
N SER C 229 4.91 36.76 40.38
CA SER C 229 5.47 38.08 40.54
C SER C 229 6.54 38.26 39.48
N VAL C 230 6.66 39.52 39.01
CA VAL C 230 7.52 39.86 37.91
C VAL C 230 8.38 41.06 38.31
N GLU C 231 9.65 41.06 37.96
CA GLU C 231 10.48 42.16 38.30
C GLU C 231 11.61 42.28 37.32
N ASP C 232 12.18 43.48 37.18
CA ASP C 232 13.22 43.68 36.21
C ASP C 232 14.45 42.93 36.65
N LEU C 233 15.18 42.37 35.72
CA LEU C 233 16.41 41.65 36.06
C LEU C 233 17.57 42.57 35.77
N GLU C 234 18.35 42.92 36.79
CA GLU C 234 19.60 43.63 36.55
C GLU C 234 20.81 42.70 36.34
N LEU C 235 21.54 42.97 35.26
CA LEU C 235 22.74 42.26 34.92
C LEU C 235 23.92 43.04 35.44
N PRO C 236 25.03 42.32 35.80
CA PRO C 236 26.20 42.97 36.42
C PRO C 236 26.84 43.94 35.48
N SER C 237 26.87 43.62 34.18
CA SER C 237 27.29 44.60 33.16
C SER C 237 26.09 45.33 32.54
N LYS C 238 26.30 46.61 32.23
CA LYS C 238 25.25 47.43 31.61
C LYS C 238 25.34 47.62 30.07
N ASP C 239 26.22 46.88 29.40
CA ASP C 239 26.27 47.00 27.94
C ASP C 239 24.88 46.69 27.32
N PHE C 240 24.27 45.62 27.83
CA PHE C 240 22.99 45.24 27.35
C PHE C 240 21.99 46.35 27.57
N SER C 241 21.87 46.86 28.79
CA SER C 241 20.82 47.84 28.96
C SER C 241 21.09 49.10 28.09
N SER C 242 22.34 49.52 27.95
CA SER C 242 22.68 50.64 27.08
C SER C 242 22.48 50.37 25.58
N TYR C 243 22.49 49.12 25.17
CA TYR C 243 22.29 48.79 23.75
C TYR C 243 20.87 49.15 23.31
N ARG C 244 19.97 49.23 24.28
CA ARG C 244 18.57 49.61 24.10
C ARG C 244 17.86 48.73 23.07
N PRO C 245 17.91 47.42 23.26
CA PRO C 245 17.25 46.52 22.33
C PRO C 245 15.80 46.84 22.07
N THR C 246 15.34 46.60 20.84
CA THR C 246 13.94 46.67 20.59
C THR C 246 13.30 45.30 20.66
N ALA C 247 14.07 44.22 20.56
CA ALA C 247 13.53 42.82 20.56
C ALA C 247 14.54 41.85 21.10
N ILE C 248 14.11 40.71 21.65
CA ILE C 248 15.05 39.75 22.16
C ILE C 248 15.00 38.50 21.37
N THR C 249 16.07 38.09 20.71
CA THR C 249 16.03 36.95 19.77
C THR C 249 16.04 35.65 20.53
N TRP C 250 16.90 35.54 21.53
CA TRP C 250 17.08 34.32 22.33
C TRP C 250 17.79 34.64 23.67
N LEU C 251 17.54 33.79 24.67
CA LEU C 251 18.34 33.77 25.87
C LEU C 251 18.41 32.42 26.52
N GLY C 252 19.46 32.19 27.26
CA GLY C 252 19.59 30.95 27.97
C GLY C 252 20.78 30.97 28.90
N TYR C 253 20.68 30.18 29.96
CA TYR C 253 21.71 30.03 30.92
C TYR C 253 22.67 29.04 30.43
N LEU C 254 23.96 29.31 30.57
CA LEU C 254 25.00 28.36 30.14
C LEU C 254 25.26 27.39 31.32
N PRO C 255 26.02 26.32 31.07
CA PRO C 255 26.30 25.35 32.13
C PRO C 255 27.05 25.96 33.28
N ASP C 256 27.92 26.94 33.01
CA ASP C 256 28.64 27.69 34.09
C ASP C 256 27.78 28.69 34.85
N GLY C 257 26.48 28.76 34.59
CA GLY C 257 25.65 29.72 35.33
C GLY C 257 25.42 31.06 34.66
N ARG C 258 26.14 31.36 33.59
CA ARG C 258 26.08 32.71 33.02
C ARG C 258 24.91 32.82 32.09
N LEU C 259 24.25 33.97 32.08
CA LEU C 259 23.12 34.22 31.20
C LEU C 259 23.62 34.82 29.90
N ALA C 260 23.27 34.12 28.84
CA ALA C 260 23.59 34.49 27.47
C ALA C 260 22.30 35.07 26.87
N VAL C 261 22.44 36.19 26.17
CA VAL C 261 21.31 36.88 25.59
C VAL C 261 21.68 37.44 24.21
N VAL C 262 20.81 37.14 23.24
CA VAL C 262 20.99 37.67 21.89
C VAL C 262 19.80 38.57 21.67
N ALA C 263 20.08 39.86 21.46
CA ALA C 263 19.05 40.85 21.31
C ALA C 263 19.31 41.63 20.04
N ARG C 264 18.33 42.44 19.64
CA ARG C 264 18.45 43.13 18.42
C ARG C 264 17.66 44.36 18.38
N ARG C 265 18.08 45.18 17.39
CA ARG C 265 17.43 46.36 17.00
C ARG C 265 17.84 46.70 15.53
N GLU C 266 16.89 47.27 14.81
CA GLU C 266 16.98 47.59 13.41
C GLU C 266 17.51 46.44 12.53
N GLY C 267 17.04 45.24 12.79
CA GLY C 267 17.40 44.14 11.96
C GLY C 267 18.79 43.55 12.20
N ARG C 268 19.54 44.04 13.16
CA ARG C 268 20.83 43.42 13.48
C ARG C 268 20.85 43.06 14.93
N SER C 269 21.66 42.08 15.30
CA SER C 269 21.68 41.61 16.68
C SER C 269 23.05 41.74 17.31
N ALA C 270 23.05 41.49 18.60
CA ALA C 270 24.25 41.63 19.46
C ALA C 270 24.18 40.56 20.56
N VAL C 271 25.34 40.10 21.03
CA VAL C 271 25.41 38.97 22.00
C VAL C 271 25.96 39.51 23.31
N PHE C 272 25.34 39.12 24.41
CA PHE C 272 25.77 39.58 25.72
C PHE C 272 25.84 38.43 26.71
N ILE C 273 26.88 38.39 27.53
CA ILE C 273 27.03 37.40 28.56
C ILE C 273 27.03 38.11 29.90
N ASP C 274 26.07 37.77 30.77
CA ASP C 274 25.85 38.51 32.02
C ASP C 274 25.84 40.01 31.80
N GLY C 275 25.20 40.42 30.71
CA GLY C 275 25.12 41.81 30.34
C GLY C 275 26.22 42.40 29.49
N GLU C 276 27.33 41.70 29.34
CA GLU C 276 28.51 42.29 28.71
C GLU C 276 28.53 41.96 27.25
N ARG C 277 28.89 42.94 26.43
CA ARG C 277 28.98 42.75 24.97
C ARG C 277 30.11 41.80 24.65
N VAL C 278 29.79 40.85 23.79
CA VAL C 278 30.76 39.99 23.15
C VAL C 278 30.68 40.26 21.67
N GLU C 279 31.82 40.61 21.12
CA GLU C 279 31.96 40.96 19.74
C GLU C 279 31.49 39.82 18.84
N ALA C 280 30.66 40.15 17.85
CA ALA C 280 30.19 39.14 16.91
C ALA C 280 30.14 39.65 15.48
N PRO C 281 30.14 38.75 14.49
CA PRO C 281 30.07 39.35 13.16
C PRO C 281 28.74 40.07 12.93
N GLN C 282 28.84 41.23 12.26
CA GLN C 282 27.67 42.02 11.92
C GLN C 282 26.61 41.22 11.17
N GLY C 283 25.36 41.38 11.58
CA GLY C 283 24.23 40.60 11.05
C GLY C 283 23.34 40.07 12.14
N ASN C 284 22.92 38.81 12.04
CA ASN C 284 22.09 38.20 13.10
C ASN C 284 22.59 36.89 13.62
N HIS C 285 22.21 36.58 14.88
CA HIS C 285 22.75 35.44 15.59
C HIS C 285 21.69 34.57 16.22
N GLY C 286 22.01 33.31 16.40
CA GLY C 286 21.10 32.37 17.04
C GLY C 286 21.49 32.08 18.47
N ARG C 287 21.39 30.86 18.89
CA ARG C 287 21.77 30.60 20.23
C ARG C 287 23.25 30.61 20.42
N VAL C 288 23.66 30.82 21.66
CA VAL C 288 25.02 30.84 22.06
C VAL C 288 25.23 29.61 22.94
N VAL C 289 26.26 28.81 22.69
CA VAL C 289 26.59 27.72 23.58
C VAL C 289 27.99 27.88 23.97
N LEU C 290 28.36 27.12 25.00
CA LEU C 290 29.76 26.98 25.47
C LEU C 290 30.28 25.63 25.01
N TRP C 291 31.29 25.67 24.17
CA TRP C 291 31.87 24.47 23.64
C TRP C 291 33.35 24.55 23.85
N ARG C 292 33.91 23.63 24.61
CA ARG C 292 35.34 23.59 24.83
C ARG C 292 35.82 24.88 25.44
N GLY C 293 35.05 25.37 26.40
CA GLY C 293 35.42 26.61 27.11
C GLY C 293 35.26 27.91 26.33
N LYS C 294 34.78 27.87 25.10
CA LYS C 294 34.56 29.13 24.39
C LYS C 294 33.16 29.23 23.81
N LEU C 295 32.76 30.44 23.48
CA LEU C 295 31.44 30.68 22.98
C LEU C 295 31.29 30.42 21.47
N VAL C 296 30.16 29.81 21.09
CA VAL C 296 29.85 29.56 19.72
C VAL C 296 28.40 29.92 19.48
N THR C 297 28.12 30.56 18.34
CA THR C 297 26.80 30.95 17.94
C THR C 297 26.65 30.72 16.45
N SER C 298 25.46 30.91 15.96
CA SER C 298 25.30 30.90 14.53
C SER C 298 25.31 32.35 14.05
N HIS C 299 25.66 32.55 12.80
CA HIS C 299 25.71 33.92 12.24
C HIS C 299 25.15 33.93 10.82
N THR C 300 24.40 34.97 10.50
CA THR C 300 23.85 35.17 9.14
C THR C 300 23.78 36.62 8.83
N SER C 301 23.69 36.96 7.55
CA SER C 301 23.57 38.35 7.08
C SER C 301 23.06 38.26 5.69
N LEU C 302 22.57 39.36 5.11
CA LEU C 302 22.06 39.36 3.74
C LEU C 302 23.07 38.90 2.71
N SER C 303 24.35 38.98 2.99
CA SER C 303 25.37 38.43 2.06
C SER C 303 26.04 37.11 2.51
N THR C 304 25.80 36.70 3.74
CA THR C 304 26.44 35.55 4.34
C THR C 304 25.40 34.50 4.74
N PRO C 305 25.32 33.43 3.97
CA PRO C 305 24.48 32.29 4.36
C PRO C 305 24.72 31.80 5.77
N PRO C 306 23.69 31.32 6.44
CA PRO C 306 23.82 30.92 7.88
C PRO C 306 25.00 29.97 8.15
N ARG C 307 25.79 30.27 9.17
CA ARG C 307 27.03 29.56 9.49
C ARG C 307 27.24 29.43 11.01
N ILE C 308 28.18 28.60 11.43
CA ILE C 308 28.55 28.50 12.86
C ILE C 308 29.92 29.20 13.10
N VAL C 309 29.96 30.23 13.96
CA VAL C 309 31.17 30.96 14.26
C VAL C 309 31.48 30.96 15.73
N SER C 310 32.75 31.11 16.03
CA SER C 310 33.10 31.12 17.45
C SER C 310 33.34 32.59 17.76
N LEU C 311 33.09 32.96 19.01
CA LEU C 311 33.20 34.36 19.47
C LEU C 311 34.24 34.41 20.57
N PRO C 312 34.92 35.55 20.72
CA PRO C 312 34.73 36.81 19.99
C PRO C 312 35.41 36.93 18.64
N SER C 313 36.16 35.92 18.19
CA SER C 313 36.94 36.09 16.97
C SER C 313 36.05 36.14 15.72
N GLY C 314 34.92 35.44 15.77
CA GLY C 314 33.98 35.32 14.65
C GLY C 314 34.46 34.39 13.55
N GLU C 315 35.43 33.54 13.89
CA GLU C 315 35.98 32.69 12.87
C GLU C 315 35.05 31.52 12.68
N PRO C 316 34.77 31.17 11.45
CA PRO C 316 33.78 30.14 11.22
C PRO C 316 34.30 28.74 11.50
N LEU C 317 33.46 27.92 12.12
CA LEU C 317 33.68 26.50 12.27
C LEU C 317 33.10 25.71 11.09
N LEU C 318 31.83 26.01 10.76
CA LEU C 318 31.14 25.49 9.59
C LEU C 318 30.59 26.67 8.79
N GLU C 319 30.88 26.77 7.51
CA GLU C 319 30.21 27.71 6.63
C GLU C 319 30.22 27.18 5.20
N GLY C 320 29.20 27.57 4.46
CA GLY C 320 29.19 27.26 3.06
C GLY C 320 29.83 28.38 2.29
N GLY C 321 30.37 28.07 1.13
CA GLY C 321 30.92 29.15 0.29
C GLY C 321 30.04 29.54 -0.88
N LEU C 322 30.12 30.79 -1.29
CA LEU C 322 29.53 31.21 -2.54
C LEU C 322 30.65 31.60 -3.47
N PRO C 323 30.48 31.37 -4.76
CA PRO C 323 31.52 31.84 -5.66
C PRO C 323 31.51 33.35 -5.95
N GLU C 324 32.65 33.85 -6.44
CA GLU C 324 32.84 35.29 -6.63
C GLU C 324 31.71 35.95 -7.49
N ASP C 325 31.37 35.32 -8.60
CA ASP C 325 30.35 35.87 -9.47
C ASP C 325 29.06 36.09 -8.69
N LEU C 326 28.66 35.16 -7.85
CA LEU C 326 27.43 35.31 -7.06
C LEU C 326 27.56 36.31 -5.93
N ARG C 327 28.71 36.35 -5.29
CA ARG C 327 28.90 37.37 -4.25
C ARG C 327 28.82 38.76 -4.85
N ARG C 328 29.38 38.97 -6.01
CA ARG C 328 29.25 40.28 -6.64
C ARG C 328 27.80 40.63 -7.13
N SER C 329 26.92 39.65 -7.23
CA SER C 329 25.57 39.94 -7.68
C SER C 329 24.81 40.77 -6.67
N ILE C 330 25.25 40.78 -5.43
CA ILE C 330 24.72 41.70 -4.41
C ILE C 330 25.67 42.90 -4.24
N ALA C 331 25.26 44.06 -4.75
CA ALA C 331 26.08 45.25 -4.72
C ALA C 331 26.16 45.79 -3.29
N GLY C 332 25.09 45.65 -2.51
CA GLY C 332 24.99 46.21 -1.16
C GLY C 332 23.60 46.03 -0.54
N SER C 333 23.46 46.51 0.70
CA SER C 333 22.17 46.35 1.38
C SER C 333 21.97 47.52 2.31
N ARG C 334 20.76 48.00 2.49
CA ARG C 334 20.60 49.03 3.48
C ARG C 334 19.21 49.04 4.07
N LEU C 335 19.09 49.77 5.17
CA LEU C 335 17.83 49.93 5.90
C LEU C 335 17.35 51.32 5.65
N VAL C 336 16.20 51.46 4.98
CA VAL C 336 15.58 52.76 4.78
C VAL C 336 14.28 52.79 5.52
N TRP C 337 13.81 53.97 5.87
CA TRP C 337 12.60 54.10 6.64
C TRP C 337 11.53 54.79 5.83
N VAL C 338 10.53 54.02 5.40
CA VAL C 338 9.54 54.55 4.47
C VAL C 338 8.29 55.10 5.12
N GLU C 339 8.00 56.37 4.84
CA GLU C 339 6.78 56.98 5.36
C GLU C 339 5.57 56.31 4.69
N SER C 340 4.70 55.75 5.55
CA SER C 340 3.45 55.14 5.13
C SER C 340 2.26 56.07 5.25
N PHE C 341 1.09 55.51 5.01
CA PHE C 341 -0.15 56.28 4.88
C PHE C 341 -0.52 57.11 6.08
N ASP C 342 -0.20 56.65 7.28
CA ASP C 342 -0.58 57.31 8.54
C ASP C 342 0.64 57.94 9.22
N GLY C 343 1.69 58.18 8.45
CA GLY C 343 2.90 58.75 9.04
C GLY C 343 3.82 57.74 9.75
N SER C 344 3.41 56.47 9.82
CA SER C 344 4.28 55.47 10.43
C SER C 344 5.50 55.29 9.53
N ARG C 345 6.67 55.15 10.12
CA ARG C 345 7.88 54.92 9.38
C ARG C 345 8.07 53.39 9.27
N VAL C 346 8.09 52.88 8.02
CA VAL C 346 8.22 51.43 7.79
C VAL C 346 9.65 51.02 7.49
N PRO C 347 10.28 50.25 8.41
CA PRO C 347 11.64 49.78 8.18
C PRO C 347 11.68 48.74 7.09
N THR C 348 12.46 49.08 6.08
CA THR C 348 12.54 48.37 4.82
C THR C 348 14.01 48.11 4.46
N TYR C 349 14.34 46.82 4.29
CA TYR C 349 15.65 46.44 3.87
C TYR C 349 15.69 46.42 2.33
N VAL C 350 16.74 47.02 1.74
CA VAL C 350 16.90 47.05 0.34
C VAL C 350 18.21 46.38 -0.05
N LEU C 351 18.09 45.34 -0.88
CA LEU C 351 19.21 44.66 -1.53
C LEU C 351 19.34 45.16 -2.96
N GLU C 352 20.45 45.83 -3.23
CA GLU C 352 20.75 46.32 -4.58
C GLU C 352 21.48 45.25 -5.36
N SER C 353 20.94 44.85 -6.49
CA SER C 353 21.59 43.89 -7.36
C SER C 353 22.75 44.56 -8.06
N GLY C 354 23.91 43.88 -8.11
CA GLY C 354 25.02 44.27 -8.98
C GLY C 354 24.79 44.04 -10.47
N ARG C 355 23.70 43.35 -10.80
CA ARG C 355 23.39 43.03 -12.19
C ARG C 355 22.18 43.80 -12.73
N ALA C 356 21.84 44.91 -12.08
CA ALA C 356 20.78 45.81 -12.52
C ALA C 356 21.25 47.26 -12.57
N PRO C 357 20.75 48.03 -13.54
CA PRO C 357 21.00 49.46 -13.45
C PRO C 357 20.12 50.11 -12.42
N THR C 358 20.34 51.40 -12.24
CA THR C 358 19.56 52.25 -11.36
C THR C 358 19.17 53.53 -12.09
N PRO C 359 17.88 53.76 -12.29
CA PRO C 359 16.78 52.88 -11.89
C PRO C 359 16.82 51.57 -12.61
N GLY C 360 16.29 50.51 -11.98
CA GLY C 360 16.08 49.22 -12.63
C GLY C 360 14.95 48.33 -12.13
N PRO C 361 14.88 47.13 -12.66
CA PRO C 361 13.78 46.25 -12.28
C PRO C 361 13.85 45.88 -10.82
N THR C 362 12.75 46.03 -10.07
CA THR C 362 12.76 45.90 -8.63
C THR C 362 11.59 45.04 -8.19
N VAL C 363 11.84 44.14 -7.24
CA VAL C 363 10.80 43.27 -6.70
C VAL C 363 10.52 43.62 -5.23
N VAL C 364 9.30 43.96 -4.89
CA VAL C 364 8.99 44.11 -3.47
C VAL C 364 8.71 42.68 -3.00
N LEU C 365 9.62 42.13 -2.21
CA LEU C 365 9.55 40.74 -1.73
C LEU C 365 8.97 40.76 -0.31
N VAL C 366 7.73 40.32 -0.16
CA VAL C 366 6.99 40.59 1.05
C VAL C 366 7.21 39.42 1.96
N HIS C 367 7.70 39.66 3.17
CA HIS C 367 7.97 38.53 4.05
C HIS C 367 6.73 37.87 4.56
N GLY C 368 6.86 36.64 5.01
CA GLY C 368 5.72 35.89 5.51
C GLY C 368 5.51 36.09 6.99
N GLY C 369 4.76 35.17 7.61
CA GLY C 369 4.53 35.26 9.07
C GLY C 369 3.05 35.28 9.37
N PRO C 370 2.50 36.44 9.70
CA PRO C 370 3.10 37.72 9.49
C PRO C 370 4.05 38.13 10.60
N PHE C 371 4.08 37.38 11.71
CA PHE C 371 4.98 37.73 12.81
C PHE C 371 6.37 37.26 12.51
N ALA C 372 7.03 38.02 11.64
CA ALA C 372 8.35 37.68 11.16
C ALA C 372 8.99 38.97 10.65
N GLU C 373 10.28 38.93 10.30
CA GLU C 373 10.84 40.17 9.80
C GLU C 373 11.90 40.05 8.75
N ASP C 374 11.99 41.06 7.90
CA ASP C 374 13.10 41.18 6.93
C ASP C 374 14.24 41.88 7.67
N SER C 375 15.36 41.18 7.83
CA SER C 375 16.49 41.73 8.57
C SER C 375 17.79 41.62 7.82
N ASP C 376 18.88 42.04 8.42
CA ASP C 376 20.20 41.70 7.89
C ASP C 376 20.46 40.22 8.16
N SER C 377 19.71 39.36 7.47
CA SER C 377 19.81 37.91 7.56
C SER C 377 19.74 37.37 6.15
N TRP C 378 20.46 36.31 5.83
CA TRP C 378 20.39 35.68 4.54
C TRP C 378 18.95 35.31 4.12
N ASP C 379 18.61 35.64 2.90
CA ASP C 379 17.34 35.27 2.29
C ASP C 379 17.57 34.73 0.84
N THR C 380 17.29 33.44 0.63
CA THR C 380 17.64 32.77 -0.62
C THR C 380 16.87 33.36 -1.79
N PHE C 381 15.62 33.68 -1.56
CA PHE C 381 14.82 34.34 -2.54
C PHE C 381 15.38 35.70 -2.90
N ALA C 382 15.70 36.50 -1.91
CA ALA C 382 16.30 37.81 -2.25
C ALA C 382 17.56 37.67 -3.07
N ALA C 383 18.43 36.71 -2.70
CA ALA C 383 19.75 36.52 -3.36
C ALA C 383 19.54 36.11 -4.80
N SER C 384 18.59 35.19 -4.99
CA SER C 384 18.21 34.77 -6.30
C SER C 384 17.77 35.93 -7.19
N LEU C 385 16.96 36.84 -6.64
CA LEU C 385 16.42 37.91 -7.43
C LEU C 385 17.53 38.87 -7.78
N ALA C 386 18.39 39.17 -6.81
CA ALA C 386 19.58 39.99 -7.17
C ALA C 386 20.42 39.32 -8.21
N ALA C 387 20.57 38.01 -8.18
CA ALA C 387 21.36 37.30 -9.17
C ALA C 387 20.71 37.40 -10.55
N ALA C 388 19.38 37.42 -10.60
CA ALA C 388 18.62 37.45 -11.86
C ALA C 388 18.41 38.88 -12.35
N GLY C 389 18.94 39.86 -11.63
CA GLY C 389 19.04 41.23 -12.10
C GLY C 389 17.93 42.14 -11.61
N PHE C 390 17.37 41.80 -10.44
CA PHE C 390 16.35 42.64 -9.79
C PHE C 390 16.86 43.19 -8.49
N HIS C 391 16.61 44.47 -8.25
CA HIS C 391 16.74 44.98 -6.91
C HIS C 391 15.59 44.42 -6.11
N VAL C 392 15.80 44.29 -4.80
CA VAL C 392 14.81 43.67 -3.94
C VAL C 392 14.53 44.63 -2.78
N VAL C 393 13.26 44.81 -2.46
CA VAL C 393 12.80 45.74 -1.45
C VAL C 393 11.96 44.92 -0.47
N MET C 394 12.29 45.01 0.81
CA MET C 394 11.76 44.08 1.80
C MET C 394 11.20 44.83 3.04
N PRO C 395 9.92 45.25 2.97
CA PRO C 395 9.32 46.14 3.94
C PRO C 395 8.72 45.42 5.11
N ASN C 396 9.16 45.82 6.27
CA ASN C 396 8.57 45.28 7.45
C ASN C 396 7.21 45.95 7.74
N TYR C 397 6.21 45.50 7.03
CA TYR C 397 4.84 45.92 7.32
C TYR C 397 4.37 45.70 8.75
N ARG C 398 3.41 46.51 9.19
CA ARG C 398 2.92 46.42 10.55
C ARG C 398 2.40 45.02 10.71
N GLY C 399 2.62 44.42 11.86
CA GLY C 399 2.57 42.96 12.05
C GLY C 399 3.95 42.34 12.14
N SER C 400 4.97 43.02 11.61
CA SER C 400 6.34 42.52 11.63
C SER C 400 6.88 42.41 13.05
N THR C 401 7.73 41.43 13.32
CA THR C 401 8.46 41.39 14.56
C THR C 401 9.62 42.36 14.45
N GLY C 402 10.25 42.72 15.56
CA GLY C 402 11.56 43.38 15.51
C GLY C 402 11.61 44.85 15.78
N TYR C 403 10.45 45.49 15.81
CA TYR C 403 10.33 46.91 15.98
C TYR C 403 9.34 47.30 17.06
N GLY C 404 9.06 46.38 17.99
CA GLY C 404 8.23 46.66 19.17
C GLY C 404 6.88 46.00 19.09
N GLU C 405 6.23 45.85 20.23
CA GLU C 405 4.91 45.22 20.32
C GLU C 405 3.83 46.06 19.66
N GLU C 406 3.92 47.39 19.72
CA GLU C 406 2.87 48.23 19.11
C GLU C 406 2.72 47.90 17.61
N TRP C 407 3.84 48.02 16.91
CA TRP C 407 3.91 47.72 15.46
C TRP C 407 3.48 46.31 15.14
N ARG C 408 3.87 45.33 15.96
CA ARG C 408 3.52 43.94 15.68
C ARG C 408 2.00 43.73 15.82
N LEU C 409 1.39 44.28 16.89
CA LEU C 409 -0.03 44.08 17.12
C LEU C 409 -0.97 44.92 16.24
N LYS C 410 -0.50 45.91 15.51
CA LYS C 410 -1.44 46.70 14.66
C LYS C 410 -2.11 45.89 13.54
N ILE C 411 -1.52 44.76 13.18
CA ILE C 411 -2.10 43.87 12.15
C ILE C 411 -3.32 43.13 12.69
N ILE C 412 -3.47 43.00 14.00
CA ILE C 412 -4.55 42.20 14.56
C ILE C 412 -5.92 42.76 14.23
N GLY C 413 -6.80 41.95 13.65
CA GLY C 413 -8.13 42.41 13.22
C GLY C 413 -8.13 43.16 11.89
N ASP C 414 -6.97 43.35 11.27
CA ASP C 414 -6.87 44.20 10.08
C ASP C 414 -5.97 43.62 9.01
N PRO C 415 -6.16 42.36 8.61
CA PRO C 415 -5.38 41.79 7.53
C PRO C 415 -5.82 42.34 6.18
N CYS C 416 -4.87 42.59 5.30
CA CYS C 416 -5.16 43.30 4.07
C CYS C 416 -5.77 44.66 4.40
N GLY C 417 -5.12 45.40 5.29
CA GLY C 417 -5.55 46.74 5.62
C GLY C 417 -4.32 47.63 5.66
N GLY C 418 -3.89 48.00 6.85
CA GLY C 418 -2.77 48.91 7.00
C GLY C 418 -1.44 48.34 6.52
N GLU C 419 -1.25 47.02 6.72
CA GLU C 419 0.00 46.40 6.31
C GLU C 419 0.20 46.48 4.79
N LEU C 420 -0.87 46.32 4.02
CA LEU C 420 -0.77 46.43 2.58
C LEU C 420 -0.39 47.81 2.19
N GLU C 421 -0.90 48.78 2.91
CA GLU C 421 -0.53 50.18 2.67
C GLU C 421 0.96 50.40 2.92
N ASP C 422 1.50 49.70 3.89
CA ASP C 422 2.94 49.77 4.10
C ASP C 422 3.68 49.19 2.88
N VAL C 423 3.22 48.02 2.42
CA VAL C 423 3.81 47.41 1.26
C VAL C 423 3.71 48.43 0.12
N SER C 424 2.55 49.04 -0.03
CA SER C 424 2.32 49.95 -1.12
C SER C 424 3.22 51.19 -1.03
N ALA C 425 3.41 51.64 0.19
CA ALA C 425 4.29 52.79 0.46
C ALA C 425 5.74 52.46 0.14
N ALA C 426 6.14 51.22 0.37
CA ALA C 426 7.48 50.73 0.01
C ALA C 426 7.64 50.71 -1.51
N ALA C 427 6.65 50.16 -2.19
CA ALA C 427 6.57 50.22 -3.65
C ALA C 427 6.82 51.66 -4.17
N ARG C 428 6.06 52.59 -3.63
CA ARG C 428 6.18 53.94 -4.05
C ARG C 428 7.52 54.57 -3.71
N TRP C 429 8.08 54.23 -2.57
CA TRP C 429 9.41 54.70 -2.24
C TRP C 429 10.39 54.18 -3.35
N ALA C 430 10.27 52.90 -3.74
CA ALA C 430 11.20 52.32 -4.72
C ALA C 430 11.21 53.20 -5.97
N ARG C 431 10.02 53.63 -6.31
CA ARG C 431 9.80 54.49 -7.47
CA ARG C 431 9.78 54.48 -7.46
C ARG C 431 10.37 55.88 -7.30
N GLU C 432 9.93 56.57 -6.26
CA GLU C 432 10.21 57.98 -6.16
C GLU C 432 11.66 58.25 -5.76
N SER C 433 12.28 57.29 -5.08
CA SER C 433 13.67 57.42 -4.64
C SER C 433 14.66 57.23 -5.76
N GLY C 434 14.20 56.66 -6.88
CA GLY C 434 15.03 56.44 -8.05
C GLY C 434 15.52 54.99 -8.23
N LEU C 435 15.18 54.10 -7.29
CA LEU C 435 15.65 52.73 -7.36
C LEU C 435 15.01 51.97 -8.50
N ALA C 436 13.70 52.12 -8.68
CA ALA C 436 12.93 51.25 -9.56
C ALA C 436 12.52 51.89 -10.91
N SER C 437 12.91 51.23 -11.97
CA SER C 437 12.32 51.41 -13.31
C SER C 437 11.00 50.65 -13.48
N GLU C 438 10.80 49.52 -12.82
CA GLU C 438 9.51 48.86 -12.85
C GLU C 438 9.39 48.01 -11.62
N LEU C 439 8.16 47.74 -11.17
CA LEU C 439 7.92 47.07 -9.89
C LEU C 439 7.12 45.83 -10.04
N TYR C 440 7.61 44.77 -9.40
CA TYR C 440 6.93 43.50 -9.26
C TYR C 440 6.72 43.21 -7.77
N ILE C 441 5.79 42.31 -7.46
CA ILE C 441 5.58 41.85 -6.10
C ILE C 441 5.66 40.32 -6.00
N MET C 442 6.24 39.82 -4.93
CA MET C 442 6.44 38.41 -4.82
C MET C 442 6.41 38.10 -3.36
N GLY C 443 5.91 36.91 -3.00
CA GLY C 443 5.88 36.52 -1.62
C GLY C 443 5.40 35.09 -1.43
N TYR C 444 5.77 34.50 -0.29
CA TYR C 444 5.45 33.15 0.03
C TYR C 444 4.66 33.18 1.32
N SER C 445 3.65 32.31 1.40
CA SER C 445 2.80 32.20 2.59
C SER C 445 2.05 33.52 2.82
N TYR C 446 2.17 34.13 4.00
CA TYR C 446 1.52 35.41 4.22
C TYR C 446 1.95 36.43 3.22
N GLY C 447 3.18 36.29 2.72
CA GLY C 447 3.68 37.19 1.64
C GLY C 447 3.00 36.92 0.30
N GLY C 448 2.66 35.64 0.07
CA GLY C 448 1.83 35.32 -1.07
C GLY C 448 0.46 35.94 -0.95
N TYR C 449 -0.18 35.75 0.19
CA TYR C 449 -1.41 36.49 0.52
C TYR C 449 -1.27 37.98 0.12
N MET C 450 -0.18 38.62 0.54
CA MET C 450 -0.05 40.03 0.24
C MET C 450 0.04 40.29 -1.27
N THR C 451 0.69 39.40 -2.04
CA THR C 451 0.75 39.53 -3.50
C THR C 451 -0.67 39.55 -4.04
N LEU C 452 -1.47 38.57 -3.63
CA LEU C 452 -2.87 38.50 -4.08
C LEU C 452 -3.70 39.74 -3.64
N CYS C 453 -3.49 40.22 -2.42
CA CYS C 453 -4.14 41.40 -1.98
C CYS C 453 -3.68 42.64 -2.75
N ALA C 454 -2.42 42.73 -3.07
CA ALA C 454 -1.95 43.89 -3.80
C ALA C 454 -2.63 43.88 -5.18
N LEU C 455 -2.69 42.68 -5.78
CA LEU C 455 -3.19 42.58 -7.15
C LEU C 455 -4.71 42.80 -7.26
N THR C 456 -5.46 42.48 -6.20
CA THR C 456 -6.88 42.67 -6.16
C THR C 456 -7.28 44.06 -5.65
N MET C 457 -6.63 44.52 -4.60
CA MET C 457 -7.03 45.81 -4.00
C MET C 457 -6.28 46.98 -4.59
N LYS C 458 -5.10 46.74 -5.16
CA LYS C 458 -4.24 47.82 -5.66
C LYS C 458 -3.78 47.60 -7.09
N PRO C 459 -4.73 47.38 -8.01
CA PRO C 459 -4.35 47.03 -9.37
C PRO C 459 -3.64 48.19 -10.01
N GLY C 460 -2.59 47.92 -10.76
CA GLY C 460 -1.83 48.96 -11.41
C GLY C 460 -0.67 49.45 -10.55
N LEU C 461 -0.56 48.92 -9.35
CA LEU C 461 0.57 49.25 -8.50
C LEU C 461 1.84 48.51 -8.99
N PHE C 462 1.68 47.20 -9.20
CA PHE C 462 2.76 46.35 -9.65
C PHE C 462 2.57 45.95 -11.11
N LYS C 463 3.63 45.50 -11.77
CA LYS C 463 3.53 45.06 -13.15
C LYS C 463 3.05 43.62 -13.23
N ALA C 464 3.40 42.83 -12.25
CA ALA C 464 3.00 41.41 -12.20
C ALA C 464 3.25 40.91 -10.78
N GLY C 465 2.70 39.76 -10.42
CA GLY C 465 2.95 39.23 -9.07
C GLY C 465 3.20 37.72 -8.98
N VAL C 466 4.02 37.32 -8.03
CA VAL C 466 4.23 35.92 -7.77
C VAL C 466 3.65 35.67 -6.38
N ALA C 467 2.78 34.68 -6.31
CA ALA C 467 2.08 34.37 -5.09
C ALA C 467 2.30 32.89 -4.79
N GLY C 468 3.22 32.60 -3.88
CA GLY C 468 3.53 31.26 -3.45
C GLY C 468 2.97 30.89 -2.09
N ALA C 469 2.49 29.67 -1.99
CA ALA C 469 1.96 29.05 -0.73
C ALA C 469 0.98 30.01 -0.09
N SER C 470 0.13 30.62 -0.92
CA SER C 470 -0.57 31.86 -0.55
C SER C 470 -1.86 31.56 0.18
N VAL C 471 -2.32 32.54 0.91
CA VAL C 471 -3.68 32.50 1.48
C VAL C 471 -4.61 33.09 0.43
N VAL C 472 -5.71 32.41 0.13
CA VAL C 472 -6.65 32.84 -0.88
C VAL C 472 -8.05 33.16 -0.27
N ASP C 473 -8.49 32.30 0.64
CA ASP C 473 -9.71 32.45 1.34
C ASP C 473 -9.57 32.10 2.80
N TRP C 474 -9.74 33.07 3.69
CA TRP C 474 -9.67 32.78 5.12
C TRP C 474 -10.74 31.79 5.58
N GLU C 475 -11.91 31.78 4.93
CA GLU C 475 -13.00 30.94 5.40
C GLU C 475 -12.72 29.50 5.11
N GLU C 476 -12.42 29.16 3.86
CA GLU C 476 -12.19 27.76 3.54
C GLU C 476 -10.94 27.23 4.29
N MET C 477 -9.92 28.07 4.33
CA MET C 477 -8.71 27.74 5.06
C MET C 477 -9.04 27.34 6.49
N TYR C 478 -9.78 28.21 7.17
CA TYR C 478 -10.23 27.98 8.54
C TYR C 478 -10.88 26.61 8.73
N GLU C 479 -11.77 26.26 7.83
CA GLU C 479 -12.49 24.95 7.98
C GLU C 479 -11.56 23.78 7.79
N LEU C 480 -10.50 23.97 7.01
CA LEU C 480 -9.51 22.91 6.71
C LEU C 480 -8.30 22.90 7.64
N SER C 481 -8.37 23.66 8.73
CA SER C 481 -7.21 23.88 9.58
C SER C 481 -7.28 23.04 10.83
N ASP C 482 -6.12 22.80 11.43
CA ASP C 482 -6.08 22.05 12.69
C ASP C 482 -6.26 23.05 13.86
N ALA C 483 -6.28 22.56 15.08
CA ALA C 483 -6.53 23.45 16.20
C ALA C 483 -5.58 24.66 16.22
N ALA C 484 -4.28 24.47 15.98
CA ALA C 484 -3.37 25.62 16.14
C ALA C 484 -3.73 26.71 15.09
N PHE C 485 -3.93 26.29 13.85
CA PHE C 485 -4.20 27.25 12.81
C PHE C 485 -5.61 27.85 12.93
N ARG C 486 -6.57 27.10 13.45
CA ARG C 486 -7.87 27.71 13.62
C ARG C 486 -7.72 28.86 14.61
N ASN C 487 -7.12 28.56 15.75
CA ASN C 487 -6.90 29.59 16.75
C ASN C 487 -6.11 30.77 16.21
N PHE C 488 -5.11 30.50 15.41
CA PHE C 488 -4.31 31.58 14.94
C PHE C 488 -5.10 32.48 14.01
N ILE C 489 -5.87 31.90 13.10
CA ILE C 489 -6.75 32.66 12.23
C ILE C 489 -7.78 33.56 13.00
N GLU C 490 -8.42 33.01 14.04
CA GLU C 490 -9.30 33.76 14.94
C GLU C 490 -8.57 34.95 15.46
N GLN C 491 -7.34 34.74 15.91
CA GLN C 491 -6.59 35.84 16.51
C GLN C 491 -6.34 36.93 15.49
N LEU C 492 -5.90 36.52 14.32
CA LEU C 492 -5.52 37.43 13.25
C LEU C 492 -6.68 38.25 12.68
N THR C 493 -7.85 37.62 12.56
CA THR C 493 -9.00 38.25 11.98
C THR C 493 -9.85 38.95 13.05
N GLY C 494 -9.41 38.89 14.29
CA GLY C 494 -10.12 39.45 15.41
C GLY C 494 -11.43 38.72 15.62
N GLY C 495 -11.50 37.45 15.22
CA GLY C 495 -12.69 36.64 15.46
C GLY C 495 -13.85 37.00 14.57
N SER C 496 -13.61 37.76 13.51
CA SER C 496 -14.70 38.32 12.71
C SER C 496 -14.82 37.60 11.39
N ARG C 497 -15.97 36.98 11.20
CA ARG C 497 -16.22 36.29 9.94
C ARG C 497 -16.31 37.29 8.72
N GLU C 498 -16.88 38.47 9.01
CA GLU C 498 -16.90 39.56 8.06
C GLU C 498 -15.49 39.84 7.55
N ILE C 499 -14.53 39.86 8.48
CA ILE C 499 -13.15 40.14 8.09
C ILE C 499 -12.59 38.94 7.34
N MET C 500 -12.96 37.76 7.79
CA MET C 500 -12.54 36.58 7.06
C MET C 500 -12.98 36.62 5.61
N ARG C 501 -14.14 37.19 5.32
CA ARG C 501 -14.67 37.25 3.94
CA ARG C 501 -14.65 37.25 3.94
C ARG C 501 -14.08 38.46 3.20
N SER C 502 -14.22 39.62 3.79
CA SER C 502 -13.88 40.83 3.07
C SER C 502 -12.39 40.92 2.76
N ARG C 503 -11.57 40.27 3.56
CA ARG C 503 -10.11 40.32 3.35
C ARG C 503 -9.53 39.08 2.67
N SER C 504 -10.38 38.31 1.99
CA SER C 504 -9.96 37.18 1.17
C SER C 504 -9.98 37.57 -0.32
N PRO C 505 -8.85 37.43 -1.01
CA PRO C 505 -8.70 37.76 -2.41
C PRO C 505 -9.60 36.99 -3.32
N ILE C 506 -9.97 35.78 -2.94
CA ILE C 506 -10.92 34.99 -3.71
C ILE C 506 -12.21 35.76 -4.01
N ASN C 507 -12.66 36.64 -3.13
CA ASN C 507 -13.89 37.37 -3.36
C ASN C 507 -13.70 38.69 -4.16
N HIS C 508 -12.50 38.92 -4.71
CA HIS C 508 -12.25 40.16 -5.49
C HIS C 508 -11.44 39.91 -6.77
N VAL C 509 -11.62 38.74 -7.35
CA VAL C 509 -10.78 38.31 -8.46
C VAL C 509 -10.97 39.21 -9.65
N ASP C 510 -12.18 39.74 -9.80
CA ASP C 510 -12.49 40.57 -10.96
C ASP C 510 -11.73 41.87 -11.04
N ARG C 511 -11.21 42.31 -9.91
CA ARG C 511 -10.45 43.54 -9.90
C ARG C 511 -9.10 43.38 -10.54
N ILE C 512 -8.57 42.16 -10.55
CA ILE C 512 -7.20 41.94 -11.01
C ILE C 512 -6.99 42.36 -12.47
N LYS C 513 -5.94 43.14 -12.70
CA LYS C 513 -5.59 43.60 -14.02
C LYS C 513 -4.18 43.15 -14.42
N GLU C 514 -3.39 42.60 -13.51
CA GLU C 514 -2.01 42.23 -13.84
C GLU C 514 -1.74 40.72 -13.82
N PRO C 515 -0.75 40.28 -14.58
CA PRO C 515 -0.44 38.88 -14.68
C PRO C 515 0.03 38.32 -13.37
N LEU C 516 -0.33 37.08 -13.08
CA LEU C 516 -0.13 36.45 -11.79
C LEU C 516 0.48 35.04 -11.92
N ALA C 517 1.58 34.79 -11.24
CA ALA C 517 2.14 33.47 -11.21
C ALA C 517 1.81 32.88 -9.86
N LEU C 518 1.04 31.79 -9.85
CA LEU C 518 0.74 31.06 -8.59
C LEU C 518 1.64 29.86 -8.42
N ILE C 519 2.25 29.73 -7.27
CA ILE C 519 3.09 28.55 -6.96
C ILE C 519 2.52 27.89 -5.69
N HIS C 520 2.33 26.61 -5.67
CA HIS C 520 1.79 25.99 -4.48
C HIS C 520 2.18 24.52 -4.31
N PRO C 521 2.75 24.17 -3.18
CA PRO C 521 2.97 22.73 -2.86
C PRO C 521 1.73 21.97 -2.52
N GLN C 522 1.53 20.86 -3.18
CA GLN C 522 0.25 20.25 -3.08
C GLN C 522 -0.16 19.89 -1.69
N ASN C 523 0.75 19.54 -0.79
CA ASN C 523 0.35 19.11 0.52
C ASN C 523 0.60 20.12 1.59
N ASN C 524 0.75 21.38 1.23
CA ASN C 524 0.74 22.43 2.25
C ASN C 524 -0.44 22.26 3.20
N SER C 525 -0.18 22.20 4.49
CA SER C 525 -1.29 21.94 5.43
C SER C 525 -1.62 23.16 6.24
N ARG C 526 -1.00 24.26 5.88
CA ARG C 526 -1.20 25.50 6.54
C ARG C 526 -2.05 26.41 5.69
N THR C 527 -1.62 26.59 4.44
CA THR C 527 -2.43 27.19 3.39
C THR C 527 -2.72 26.08 2.36
N PRO C 528 -3.86 25.41 2.46
CA PRO C 528 -4.11 24.22 1.65
C PRO C 528 -4.44 24.51 0.18
N LEU C 529 -4.21 23.54 -0.69
CA LEU C 529 -4.33 23.74 -2.14
C LEU C 529 -5.75 23.98 -2.62
N LYS C 530 -6.73 23.41 -1.94
CA LYS C 530 -8.08 23.44 -2.43
C LYS C 530 -8.66 24.84 -2.79
N PRO C 531 -8.55 25.81 -1.89
CA PRO C 531 -8.96 27.18 -2.22
C PRO C 531 -8.25 27.77 -3.42
N LEU C 532 -7.04 27.28 -3.68
CA LEU C 532 -6.21 27.83 -4.76
C LEU C 532 -6.66 27.28 -6.07
N LEU C 533 -7.03 26.00 -6.09
CA LEU C 533 -7.74 25.45 -7.22
C LEU C 533 -9.00 26.27 -7.56
N ARG C 534 -9.69 26.79 -6.54
CA ARG C 534 -10.88 27.57 -6.78
C ARG C 534 -10.52 28.95 -7.33
N LEU C 535 -9.41 29.51 -6.89
CA LEU C 535 -8.95 30.75 -7.41
C LEU C 535 -8.62 30.57 -8.86
N MET C 536 -7.94 29.48 -9.20
CA MET C 536 -7.67 29.18 -10.62
C MET C 536 -8.95 29.16 -11.47
N GLY C 537 -10.00 28.55 -10.91
CA GLY C 537 -11.27 28.51 -11.57
C GLY C 537 -11.85 29.90 -11.77
N GLU C 538 -11.75 30.74 -10.75
CA GLU C 538 -12.24 32.10 -10.87
C GLU C 538 -11.42 32.92 -11.83
N LEU C 539 -10.11 32.78 -11.80
CA LEU C 539 -9.25 33.49 -12.74
C LEU C 539 -9.60 33.15 -14.22
N LEU C 540 -9.88 31.87 -14.47
CA LEU C 540 -10.19 31.38 -15.81
C LEU C 540 -11.55 31.90 -16.27
N ALA C 541 -12.57 31.69 -15.41
CA ALA C 541 -13.95 32.12 -15.69
C ALA C 541 -14.07 33.63 -16.01
N ARG C 542 -13.17 34.42 -15.45
CA ARG C 542 -13.08 35.89 -15.65
C ARG C 542 -11.98 36.40 -16.61
N GLY C 543 -11.34 35.47 -17.30
CA GLY C 543 -10.40 35.78 -18.37
C GLY C 543 -9.12 36.45 -17.93
N LYS C 544 -8.66 36.18 -16.74
CA LYS C 544 -7.41 36.85 -16.26
C LYS C 544 -6.17 36.02 -16.62
N THR C 545 -5.05 36.67 -16.89
CA THR C 545 -3.86 35.93 -17.32
C THR C 545 -3.15 35.38 -16.10
N PHE C 546 -2.94 34.07 -16.02
CA PHE C 546 -2.12 33.58 -14.94
C PHE C 546 -1.29 32.37 -15.33
N GLU C 547 -0.33 32.01 -14.51
CA GLU C 547 0.27 30.68 -14.59
C GLU C 547 0.31 30.09 -13.19
N ALA C 548 0.35 28.77 -13.11
CA ALA C 548 0.23 28.09 -11.83
C ALA C 548 1.18 26.89 -11.81
N HIS C 549 1.80 26.65 -10.67
CA HIS C 549 2.72 25.53 -10.56
C HIS C 549 2.45 24.85 -9.25
N ILE C 550 2.00 23.62 -9.33
CA ILE C 550 1.69 22.81 -8.19
C ILE C 550 2.79 21.75 -8.02
N ILE C 551 3.50 21.80 -6.89
CA ILE C 551 4.65 20.94 -6.61
C ILE C 551 4.23 19.61 -5.87
N PRO C 552 4.65 18.46 -6.37
CA PRO C 552 4.21 17.22 -5.76
C PRO C 552 4.94 16.89 -4.48
N ASP C 553 4.28 16.06 -3.68
CA ASP C 553 4.80 15.54 -2.42
C ASP C 553 5.59 16.53 -1.58
N ALA C 554 5.12 17.78 -1.50
CA ALA C 554 5.76 18.80 -0.65
C ALA C 554 4.69 19.67 0.01
N GLY C 555 5.10 20.38 1.05
CA GLY C 555 4.24 21.23 1.83
C GLY C 555 4.92 22.56 2.13
N HIS C 556 4.53 23.18 3.24
CA HIS C 556 5.00 24.53 3.57
CA HIS C 556 4.99 24.53 3.53
C HIS C 556 6.50 24.58 3.68
N ALA C 557 7.05 23.58 4.34
CA ALA C 557 8.47 23.53 4.76
C ALA C 557 9.28 22.83 3.71
N ILE C 558 10.14 23.57 3.02
CA ILE C 558 10.93 22.99 1.96
C ILE C 558 12.26 22.48 2.55
N ASN C 559 12.54 21.18 2.44
CA ASN C 559 13.67 20.59 3.09
C ASN C 559 14.57 19.80 2.15
N THR C 560 14.39 20.01 0.85
CA THR C 560 15.30 19.41 -0.15
C THR C 560 15.60 20.37 -1.26
N MET C 561 16.71 20.14 -1.96
CA MET C 561 17.16 21.02 -3.11
C MET C 561 16.11 21.09 -4.19
N GLU C 562 15.58 19.91 -4.51
CA GLU C 562 14.64 19.66 -5.59
C GLU C 562 13.34 20.40 -5.37
N ASP C 563 12.76 20.29 -4.17
CA ASP C 563 11.59 21.05 -3.86
C ASP C 563 11.88 22.56 -3.84
N ALA C 564 13.06 22.97 -3.36
CA ALA C 564 13.39 24.40 -3.37
C ALA C 564 13.49 24.94 -4.79
N VAL C 565 14.05 24.16 -5.71
CA VAL C 565 14.16 24.60 -7.08
C VAL C 565 12.74 24.69 -7.71
N LYS C 566 11.90 23.68 -7.47
CA LYS C 566 10.59 23.65 -8.03
C LYS C 566 9.73 24.80 -7.52
N ILE C 567 9.89 25.18 -6.25
CA ILE C 567 9.18 26.35 -5.84
C ILE C 567 9.82 27.69 -6.17
N LEU C 568 11.12 27.81 -6.32
CA LEU C 568 11.69 29.16 -6.60
C LEU C 568 11.88 29.47 -8.10
N LEU C 569 12.25 28.46 -8.87
CA LEU C 569 12.57 28.68 -10.26
C LEU C 569 11.41 29.22 -11.16
N PRO C 570 10.19 28.74 -10.98
CA PRO C 570 9.15 29.39 -11.77
C PRO C 570 8.98 30.86 -11.43
N ALA C 571 9.21 31.23 -10.18
CA ALA C 571 9.11 32.63 -9.81
C ALA C 571 10.14 33.40 -10.60
N VAL C 572 11.39 32.97 -10.60
CA VAL C 572 12.41 33.82 -11.23
C VAL C 572 12.20 33.85 -12.73
N PHE C 573 11.84 32.70 -13.32
CA PHE C 573 11.58 32.63 -14.78
C PHE C 573 10.46 33.61 -15.20
N PHE C 574 9.37 33.55 -14.44
CA PHE C 574 8.23 34.42 -14.64
C PHE C 574 8.63 35.88 -14.63
N LEU C 575 9.28 36.26 -13.55
CA LEU C 575 9.63 37.64 -13.40
C LEU C 575 10.60 38.06 -14.48
N ALA C 576 11.51 37.17 -14.89
CA ALA C 576 12.44 37.48 -15.99
C ALA C 576 11.71 37.67 -17.29
N THR C 577 10.72 36.81 -17.55
CA THR C 577 9.85 36.92 -18.74
C THR C 577 9.05 38.21 -18.73
N GLN C 578 8.40 38.46 -17.62
CA GLN C 578 7.70 39.70 -17.50
C GLN C 578 8.57 40.90 -17.85
N ARG C 579 9.85 40.86 -17.49
CA ARG C 579 10.71 42.01 -17.66
C ARG C 579 10.98 42.31 -19.12
N GLU C 580 10.88 41.28 -19.96
CA GLU C 580 11.02 41.43 -21.39
C GLU C 580 9.70 41.70 -22.15
N ARG C 581 8.58 41.88 -21.45
CA ARG C 581 7.41 42.57 -22.05
C ARG C 581 7.66 44.12 -22.12
N ARG C 582 7.85 44.64 -23.35
CA ARG C 582 8.12 46.09 -23.59
C ARG C 582 6.85 46.72 -24.18
N PRO D 6 21.67 13.46 -7.25
CA PRO D 6 20.77 14.67 -7.20
C PRO D 6 20.61 15.31 -8.60
N VAL D 7 19.41 15.79 -8.92
CA VAL D 7 19.10 16.21 -10.29
C VAL D 7 19.89 17.45 -10.70
N GLU D 8 20.49 17.36 -11.87
CA GLU D 8 21.29 18.44 -12.41
C GLU D 8 20.36 19.25 -13.30
N PHE D 9 19.62 20.14 -12.67
CA PHE D 9 18.64 20.95 -13.33
C PHE D 9 19.25 21.82 -14.41
N SER D 10 20.28 22.54 -14.07
CA SER D 10 20.86 23.45 -15.01
C SER D 10 21.51 22.69 -16.15
N ARG D 11 21.99 21.48 -15.90
CA ARG D 11 22.59 20.70 -16.99
C ARG D 11 21.50 20.38 -18.04
N ILE D 12 20.33 19.99 -17.56
CA ILE D 12 19.22 19.72 -18.43
C ILE D 12 18.78 20.97 -19.21
N VAL D 13 18.75 22.14 -18.56
CA VAL D 13 18.37 23.36 -19.23
C VAL D 13 19.38 23.69 -20.34
N ARG D 14 20.67 23.50 -20.09
CA ARG D 14 21.67 23.79 -21.10
C ARG D 14 21.50 22.84 -22.30
N ASP D 15 21.16 21.60 -22.02
CA ASP D 15 21.04 20.66 -23.10
C ASP D 15 19.81 20.93 -23.96
N VAL D 16 18.66 21.15 -23.32
CA VAL D 16 17.48 21.48 -24.08
C VAL D 16 17.71 22.79 -24.92
N GLU D 17 18.42 23.77 -24.37
CA GLU D 17 18.68 24.99 -25.08
C GLU D 17 19.52 24.71 -26.32
N ARG D 18 20.40 23.72 -26.22
CA ARG D 18 21.30 23.40 -27.34
C ARG D 18 20.57 22.64 -28.42
N LEU D 19 19.65 21.78 -28.01
CA LEU D 19 18.86 21.03 -28.94
C LEU D 19 17.82 21.93 -29.56
N ILE D 20 17.34 22.92 -28.83
CA ILE D 20 16.45 23.89 -29.42
C ILE D 20 17.14 24.81 -30.41
N ALA D 21 18.41 25.16 -30.22
CA ALA D 21 19.09 26.17 -31.07
C ALA D 21 19.87 25.61 -32.24
N VAL D 22 20.03 24.30 -32.26
CA VAL D 22 20.88 23.68 -33.24
C VAL D 22 20.30 24.01 -34.61
N GLU D 23 21.18 24.41 -35.51
CA GLU D 23 20.67 24.84 -36.78
C GLU D 23 20.24 23.63 -37.54
N LYS D 24 19.03 23.72 -38.09
CA LYS D 24 18.47 22.62 -38.86
C LYS D 24 18.39 23.11 -40.30
N TYR D 25 18.56 22.21 -41.29
CA TYR D 25 18.66 22.66 -42.72
C TYR D 25 17.67 21.95 -43.67
N SER D 26 17.08 22.70 -44.58
CA SER D 26 16.37 22.04 -45.67
C SER D 26 16.94 22.57 -46.97
N LEU D 27 16.78 21.77 -48.00
CA LEU D 27 17.42 21.99 -49.26
C LEU D 27 16.32 22.48 -50.14
N GLN D 28 16.56 23.60 -50.82
CA GLN D 28 15.51 24.19 -51.65
C GLN D 28 15.78 24.02 -53.15
N GLY D 29 17.02 24.14 -53.60
CA GLY D 29 17.37 23.95 -54.98
C GLY D 29 18.77 24.44 -55.28
N VAL D 30 19.01 24.73 -56.57
CA VAL D 30 20.26 25.25 -57.04
C VAL D 30 20.00 26.60 -57.74
N VAL D 31 20.71 27.65 -57.35
CA VAL D 31 20.40 28.97 -57.84
C VAL D 31 21.71 29.62 -58.18
N ASP D 32 21.68 30.84 -58.70
CA ASP D 32 22.90 31.68 -58.86
C ASP D 32 23.87 31.06 -59.83
N GLY D 33 25.17 31.23 -59.58
CA GLY D 33 26.24 30.45 -60.21
C GLY D 33 26.52 29.08 -59.56
N ASP D 34 25.61 28.14 -59.84
CA ASP D 34 25.79 26.73 -59.44
C ASP D 34 26.00 26.67 -57.94
N LYS D 35 25.06 27.23 -57.20
CA LYS D 35 25.16 27.25 -55.75
C LYS D 35 23.91 26.65 -55.15
N LEU D 36 24.07 25.90 -54.06
CA LEU D 36 22.88 25.36 -53.36
C LEU D 36 22.12 26.47 -52.67
N LEU D 37 20.81 26.35 -52.68
CA LEU D 37 19.93 27.22 -51.90
C LEU D 37 19.50 26.39 -50.75
N VAL D 38 19.84 26.83 -49.56
CA VAL D 38 19.42 26.09 -48.32
C VAL D 38 18.75 27.04 -47.34
N VAL D 39 17.86 26.51 -46.52
CA VAL D 39 17.21 27.30 -45.52
C VAL D 39 17.58 26.69 -44.19
N GLY D 40 17.97 27.54 -43.25
CA GLY D 40 18.31 27.09 -41.90
C GLY D 40 17.37 27.61 -40.84
N PHE D 41 16.94 26.73 -39.94
CA PHE D 41 16.09 27.11 -38.84
C PHE D 41 16.82 26.94 -37.56
N SER D 42 16.71 27.93 -36.69
CA SER D 42 17.31 27.84 -35.39
C SER D 42 16.43 28.63 -34.47
N GLU D 43 15.90 27.99 -33.42
CA GLU D 43 15.07 28.66 -32.38
CA GLU D 43 15.12 28.73 -32.40
C GLU D 43 13.88 29.43 -32.99
N GLY D 44 13.24 28.86 -34.01
CA GLY D 44 12.06 29.50 -34.62
C GLY D 44 12.37 30.60 -35.66
N SER D 45 13.65 30.83 -35.81
CA SER D 45 14.18 31.87 -36.68
C SER D 45 14.72 31.21 -37.98
N VAL D 46 14.09 31.51 -39.11
CA VAL D 46 14.45 30.95 -40.39
C VAL D 46 15.31 31.93 -41.17
N ASN D 47 16.34 31.43 -41.86
CA ASN D 47 17.13 32.26 -42.82
C ASN D 47 17.48 31.47 -44.08
N ALA D 48 17.82 32.19 -45.15
CA ALA D 48 18.12 31.58 -46.45
C ALA D 48 19.57 31.84 -46.86
N TYR D 49 20.23 30.81 -47.39
CA TYR D 49 21.67 30.90 -47.69
C TYR D 49 22.08 30.34 -49.03
N LEU D 50 23.11 30.91 -49.61
CA LEU D 50 23.81 30.27 -50.72
C LEU D 50 24.89 29.39 -50.12
N TYR D 51 25.00 28.16 -50.57
CA TYR D 51 26.03 27.27 -50.08
C TYR D 51 26.96 26.81 -51.16
N ASP D 52 28.25 26.96 -50.92
CA ASP D 52 29.25 26.39 -51.79
C ASP D 52 30.56 26.10 -51.10
N GLY D 53 31.01 24.86 -51.24
CA GLY D 53 32.33 24.47 -50.76
C GLY D 53 32.50 24.75 -49.28
N GLY D 54 31.47 24.40 -48.50
CA GLY D 54 31.54 24.48 -47.00
C GLY D 54 31.24 25.83 -46.31
N GLU D 55 31.12 26.90 -47.11
CA GLU D 55 30.78 28.21 -46.60
C GLU D 55 29.41 28.66 -47.10
N THR D 56 28.73 29.49 -46.29
CA THR D 56 27.40 29.94 -46.62
C THR D 56 27.40 31.43 -46.67
N VAL D 57 26.47 31.99 -47.39
CA VAL D 57 26.29 33.41 -47.42
C VAL D 57 24.83 33.64 -47.25
N LYS D 58 24.47 34.51 -46.34
CA LYS D 58 23.07 34.75 -45.99
C LYS D 58 22.45 35.65 -47.04
N LEU D 59 21.31 35.23 -47.56
CA LEU D 59 20.62 35.94 -48.63
C LEU D 59 19.72 37.03 -48.11
N ASN D 60 19.03 36.76 -47.01
CA ASN D 60 18.09 37.70 -46.43
C ASN D 60 18.73 38.58 -45.41
N ARG D 61 17.96 39.54 -44.87
CA ARG D 61 18.42 40.44 -43.81
C ARG D 61 17.84 39.99 -42.47
N GLU D 62 16.60 40.39 -42.20
CA GLU D 62 15.89 39.97 -41.01
C GLU D 62 15.38 38.57 -41.28
N PRO D 63 14.99 37.83 -40.24
CA PRO D 63 14.50 36.48 -40.44
C PRO D 63 13.26 36.37 -41.35
N ILE D 64 13.06 35.22 -41.96
CA ILE D 64 11.97 34.99 -42.89
C ILE D 64 11.07 33.88 -42.41
N ASN D 65 9.97 33.64 -43.11
CA ASN D 65 9.11 32.48 -42.82
C ASN D 65 9.50 31.27 -43.68
N SER D 66 9.89 31.51 -44.95
CA SER D 66 10.19 30.48 -45.94
C SER D 66 10.69 31.15 -47.23
N VAL D 67 11.17 30.36 -48.20
CA VAL D 67 11.46 30.84 -49.56
C VAL D 67 10.61 30.04 -50.54
N LEU D 68 10.34 30.61 -51.71
CA LEU D 68 9.62 29.90 -52.76
C LEU D 68 10.62 29.05 -53.53
N ASP D 69 10.14 27.98 -54.18
CA ASP D 69 11.02 27.03 -54.86
C ASP D 69 11.51 27.58 -56.18
N PRO D 70 12.80 27.80 -56.32
CA PRO D 70 13.32 28.31 -57.55
C PRO D 70 13.58 27.26 -58.59
N HIS D 71 13.42 27.57 -59.86
CA HIS D 71 13.92 26.66 -60.91
C HIS D 71 15.44 26.63 -60.86
N TYR D 72 16.04 25.63 -61.47
CA TYR D 72 17.50 25.49 -61.49
C TYR D 72 18.12 26.74 -62.13
N GLY D 73 19.06 27.31 -61.41
CA GLY D 73 19.88 28.35 -61.92
C GLY D 73 19.28 29.73 -61.84
N VAL D 74 18.12 29.93 -61.21
CA VAL D 74 17.57 31.29 -61.26
C VAL D 74 18.44 32.23 -60.43
N GLY D 75 18.60 33.47 -60.90
CA GLY D 75 19.47 34.45 -60.28
C GLY D 75 18.81 35.31 -59.20
N ARG D 76 17.86 34.69 -58.51
CA ARG D 76 17.18 35.36 -57.45
C ARG D 76 16.46 34.34 -56.60
N VAL D 77 16.03 34.83 -55.44
CA VAL D 77 15.26 34.09 -54.47
C VAL D 77 14.11 34.99 -54.01
N ILE D 78 12.95 34.35 -53.79
CA ILE D 78 11.78 35.07 -53.33
C ILE D 78 11.53 34.68 -51.87
N LEU D 79 11.67 35.68 -50.98
CA LEU D 79 11.48 35.49 -49.53
C LEU D 79 10.02 35.70 -49.20
N VAL D 80 9.50 34.85 -48.30
CA VAL D 80 8.19 35.02 -47.68
C VAL D 80 8.38 35.46 -46.24
N ARG D 81 7.78 36.56 -45.82
CA ARG D 81 7.99 37.01 -44.44
C ARG D 81 6.68 37.46 -43.80
N ASP D 82 6.42 37.00 -42.54
CA ASP D 82 5.25 37.45 -41.72
C ASP D 82 5.27 39.00 -41.71
N VAL D 83 4.15 39.63 -42.02
CA VAL D 83 4.09 41.10 -42.08
C VAL D 83 4.02 41.76 -40.73
N SER D 84 3.68 41.02 -39.68
CA SER D 84 3.72 41.59 -38.31
C SER D 84 4.34 40.51 -37.42
N LYS D 85 4.68 40.83 -36.17
CA LYS D 85 5.23 39.84 -35.22
C LYS D 85 4.17 38.71 -35.02
N GLY D 86 4.42 37.52 -35.54
CA GLY D 86 3.45 36.41 -35.35
C GLY D 86 2.22 36.36 -36.29
N ALA D 87 1.89 37.47 -36.98
CA ALA D 87 0.76 37.51 -37.95
C ALA D 87 0.71 36.25 -38.84
N GLU D 88 -0.48 35.97 -39.37
CA GLU D 88 -0.61 34.82 -40.32
C GLU D 88 -0.89 35.38 -41.74
N GLN D 89 -0.16 36.47 -42.06
CA GLN D 89 -0.19 37.10 -43.40
C GLN D 89 1.23 37.55 -43.73
N HIS D 90 1.60 37.40 -45.00
CA HIS D 90 2.96 37.56 -45.41
C HIS D 90 3.14 38.59 -46.51
N ALA D 91 4.39 38.95 -46.72
CA ALA D 91 4.77 39.79 -47.83
C ALA D 91 5.89 39.07 -48.57
N LEU D 92 6.04 39.35 -49.84
CA LEU D 92 7.09 38.75 -50.63
C LEU D 92 8.18 39.76 -50.88
N PHE D 93 9.42 39.27 -50.84
CA PHE D 93 10.60 40.08 -51.09
C PHE D 93 11.55 39.36 -52.05
N LYS D 94 12.24 40.14 -52.88
CA LYS D 94 13.14 39.59 -53.90
C LYS D 94 14.58 39.95 -53.57
N VAL D 95 15.42 38.93 -53.60
CA VAL D 95 16.85 39.10 -53.42
C VAL D 95 17.54 38.59 -54.66
N ASN D 96 18.36 39.43 -55.27
CA ASN D 96 19.18 39.02 -56.39
C ASN D 96 20.38 38.29 -55.83
N THR D 97 20.59 37.05 -56.27
CA THR D 97 21.65 36.20 -55.70
C THR D 97 23.08 36.77 -55.80
N SER D 98 23.35 37.65 -56.77
CA SER D 98 24.62 38.41 -56.80
C SER D 98 24.76 39.45 -55.70
N ARG D 99 23.66 39.83 -55.05
CA ARG D 99 23.68 40.95 -54.09
C ARG D 99 22.89 40.52 -52.88
N PRO D 100 23.49 39.66 -52.06
CA PRO D 100 22.89 39.16 -50.87
C PRO D 100 22.67 40.24 -49.83
N GLY D 101 21.54 40.18 -49.13
CA GLY D 101 21.26 41.14 -48.07
C GLY D 101 20.55 42.39 -48.55
N GLU D 102 20.33 42.51 -49.86
CA GLU D 102 19.61 43.63 -50.43
C GLU D 102 18.25 43.07 -50.86
N GLU D 103 17.19 43.58 -50.25
CA GLU D 103 15.85 43.06 -50.43
C GLU D 103 15.02 44.12 -51.17
N GLN D 104 14.12 43.65 -52.04
CA GLN D 104 13.16 44.49 -52.74
C GLN D 104 11.78 43.93 -52.46
N ARG D 105 10.94 44.69 -51.80
CA ARG D 105 9.61 44.21 -51.55
C ARG D 105 8.90 44.18 -52.86
N LEU D 106 8.10 43.14 -53.04
CA LEU D 106 7.23 42.99 -54.19
C LEU D 106 5.88 43.65 -53.89
N GLU D 107 5.80 44.94 -54.24
CA GLU D 107 4.70 45.81 -53.82
C GLU D 107 3.38 45.41 -54.48
N ALA D 108 3.44 44.77 -55.64
CA ALA D 108 2.22 44.34 -56.33
C ALA D 108 1.37 43.35 -55.54
N VAL D 109 1.96 42.64 -54.60
CA VAL D 109 1.24 41.59 -53.90
C VAL D 109 0.89 42.04 -52.51
N LYS D 110 -0.38 42.29 -52.28
CA LYS D 110 -0.83 42.77 -50.98
C LYS D 110 -0.63 41.70 -49.92
N PRO D 111 -0.75 42.06 -48.64
CA PRO D 111 -0.58 41.05 -47.62
C PRO D 111 -1.66 40.00 -47.66
N MET D 112 -1.23 38.75 -47.58
CA MET D 112 -2.11 37.59 -47.59
C MET D 112 -1.36 36.43 -47.01
N ARG D 113 -2.04 35.32 -46.88
CA ARG D 113 -1.39 34.15 -46.36
C ARG D 113 -0.78 33.34 -47.51
N ILE D 114 0.52 33.40 -47.62
CA ILE D 114 1.21 32.67 -48.66
C ILE D 114 1.33 31.17 -48.30
N LEU D 115 0.82 30.31 -49.18
CA LEU D 115 0.72 28.89 -48.91
C LEU D 115 1.79 28.06 -49.61
N SER D 116 2.26 28.56 -50.73
CA SER D 116 3.24 27.86 -51.54
C SER D 116 3.61 28.72 -52.67
N GLY D 117 4.72 28.40 -53.30
CA GLY D 117 5.19 29.19 -54.40
C GLY D 117 6.36 28.64 -55.16
N VAL D 118 6.45 29.05 -56.42
CA VAL D 118 7.49 28.61 -57.30
C VAL D 118 8.00 29.76 -58.18
N ASP D 119 9.29 29.81 -58.46
CA ASP D 119 9.85 30.94 -59.24
C ASP D 119 10.61 30.43 -60.46
N THR D 120 10.12 30.74 -61.63
CA THR D 120 10.77 30.31 -62.85
C THR D 120 11.89 31.22 -63.21
N GLY D 121 11.96 32.38 -62.55
CA GLY D 121 12.96 33.38 -62.89
C GLY D 121 12.34 34.50 -63.73
N GLU D 122 11.24 34.25 -64.41
CA GLU D 122 10.55 35.29 -65.15
C GLU D 122 9.15 35.48 -64.58
N ALA D 123 8.65 34.46 -63.87
CA ALA D 123 7.35 34.58 -63.23
C ALA D 123 7.35 33.85 -61.92
N VAL D 124 6.83 34.54 -60.90
CA VAL D 124 6.57 33.94 -59.61
C VAL D 124 5.13 33.46 -59.57
N VAL D 125 4.93 32.17 -59.44
CA VAL D 125 3.59 31.60 -59.32
C VAL D 125 3.37 31.08 -57.89
N PHE D 126 2.33 31.56 -57.21
CA PHE D 126 2.09 31.14 -55.84
C PHE D 126 0.63 31.04 -55.50
N THR D 127 0.30 30.40 -54.38
CA THR D 127 -1.07 30.40 -53.89
C THR D 127 -1.09 31.12 -52.58
N GLY D 128 -2.24 31.69 -52.27
CA GLY D 128 -2.41 32.64 -51.16
C GLY D 128 -3.84 32.65 -50.71
N ALA D 129 -4.06 32.81 -49.41
CA ALA D 129 -5.41 32.93 -48.82
C ALA D 129 -5.61 34.30 -48.22
N THR D 130 -6.74 34.91 -48.56
CA THR D 130 -7.09 36.29 -48.23
C THR D 130 -8.43 36.29 -47.48
N GLU D 131 -8.92 37.45 -47.09
CA GLU D 131 -10.22 37.52 -46.31
C GLU D 131 -11.20 36.49 -46.96
N ASP D 132 -11.47 36.70 -48.26
CA ASP D 132 -12.57 36.08 -48.98
C ASP D 132 -12.25 34.83 -49.87
N ARG D 133 -11.01 34.31 -49.90
CA ARG D 133 -10.68 33.21 -50.84
C ARG D 133 -9.30 32.62 -50.78
N VAL D 134 -9.11 31.54 -51.56
CA VAL D 134 -7.80 31.03 -51.85
C VAL D 134 -7.62 31.09 -53.35
N ALA D 135 -6.49 31.58 -53.82
CA ALA D 135 -6.28 31.82 -55.25
C ALA D 135 -4.90 31.36 -55.67
N LEU D 136 -4.77 31.03 -56.95
CA LEU D 136 -3.49 30.85 -57.58
C LEU D 136 -3.14 32.12 -58.31
N TYR D 137 -1.95 32.63 -58.05
CA TYR D 137 -1.52 33.89 -58.58
C TYR D 137 -0.31 33.76 -59.46
N ALA D 138 -0.17 34.66 -60.43
CA ALA D 138 1.08 34.77 -61.18
C ALA D 138 1.58 36.21 -61.15
N LEU D 139 2.85 36.40 -60.81
CA LEU D 139 3.43 37.75 -60.72
C LEU D 139 4.62 37.81 -61.64
N ASP D 140 4.62 38.77 -62.56
CA ASP D 140 5.72 38.95 -63.49
C ASP D 140 5.99 40.42 -63.70
N GLY D 141 6.87 40.74 -64.64
CA GLY D 141 7.23 42.14 -64.94
C GLY D 141 6.04 43.04 -65.26
N GLY D 142 5.00 42.45 -65.84
CA GLY D 142 3.76 43.18 -66.15
C GLY D 142 2.83 43.38 -64.96
N GLY D 143 2.97 42.61 -63.89
CA GLY D 143 2.05 42.74 -62.74
C GLY D 143 1.52 41.45 -62.11
N LEU D 144 0.56 41.58 -61.22
CA LEU D 144 -0.04 40.43 -60.56
C LEU D 144 -1.27 40.01 -61.29
N ARG D 145 -1.46 38.74 -61.52
CA ARG D 145 -2.69 38.24 -62.10
C ARG D 145 -3.26 37.07 -61.28
N GLU D 146 -4.58 37.06 -61.11
CA GLU D 146 -5.22 35.89 -60.49
C GLU D 146 -5.45 34.84 -61.55
N LEU D 147 -4.83 33.69 -61.44
CA LEU D 147 -5.02 32.65 -62.45
C LEU D 147 -6.24 31.84 -62.17
N ALA D 148 -6.57 31.63 -60.92
CA ALA D 148 -7.70 30.74 -60.57
C ALA D 148 -8.14 30.92 -59.11
N ARG D 149 -9.44 30.82 -58.86
CA ARG D 149 -9.94 30.66 -57.52
C ARG D 149 -9.95 29.18 -57.15
N LEU D 150 -9.23 28.82 -56.10
CA LEU D 150 -9.18 27.44 -55.68
C LEU D 150 -10.32 27.16 -54.74
N PRO D 151 -10.94 25.97 -54.86
CA PRO D 151 -12.07 25.67 -53.99
C PRO D 151 -11.64 25.20 -52.63
N GLY D 152 -10.46 25.63 -52.17
CA GLY D 152 -9.88 25.23 -50.89
C GLY D 152 -8.37 25.55 -50.86
N PHE D 153 -7.73 25.26 -49.73
CA PHE D 153 -6.29 25.44 -49.65
C PHE D 153 -5.63 24.61 -50.75
N GLY D 154 -4.64 25.20 -51.41
CA GLY D 154 -3.99 24.57 -52.54
C GLY D 154 -2.57 25.01 -52.64
N PHE D 155 -1.75 24.19 -53.28
CA PHE D 155 -0.33 24.38 -53.29
C PHE D 155 0.27 24.09 -54.63
N VAL D 156 1.13 24.98 -55.09
CA VAL D 156 1.81 24.78 -56.34
C VAL D 156 2.92 23.80 -56.11
N SER D 157 2.97 22.76 -56.93
CA SER D 157 4.02 21.79 -56.91
C SER D 157 5.06 22.11 -57.95
N ASP D 158 4.64 22.55 -59.14
CA ASP D 158 5.60 22.68 -60.21
C ASP D 158 5.10 23.52 -61.36
N ILE D 159 6.03 24.11 -62.11
CA ILE D 159 5.74 24.76 -63.37
C ILE D 159 6.75 24.34 -64.42
N ARG D 160 6.28 23.99 -65.62
CA ARG D 160 7.19 23.80 -66.77
C ARG D 160 6.53 24.47 -67.97
N GLY D 161 7.26 25.35 -68.65
CA GLY D 161 6.69 26.21 -69.64
C GLY D 161 5.44 26.93 -69.17
N ASP D 162 4.32 26.53 -69.73
CA ASP D 162 3.04 27.18 -69.46
C ASP D 162 2.16 26.38 -68.47
N LEU D 163 2.59 25.18 -68.12
CA LEU D 163 1.77 24.25 -67.38
C LEU D 163 2.14 24.29 -65.89
N ILE D 164 1.11 24.54 -65.08
CA ILE D 164 1.25 24.60 -63.65
C ILE D 164 0.58 23.36 -63.09
N ALA D 165 1.25 22.67 -62.15
CA ALA D 165 0.63 21.55 -61.39
C ALA D 165 0.67 21.82 -59.89
N GLY D 166 -0.34 21.30 -59.21
CA GLY D 166 -0.41 21.49 -57.79
C GLY D 166 -1.31 20.48 -57.10
N LEU D 167 -1.48 20.69 -55.79
CA LEU D 167 -2.26 19.81 -54.94
C LEU D 167 -3.28 20.63 -54.16
N GLY D 168 -4.49 20.14 -54.06
CA GLY D 168 -5.53 20.88 -53.40
C GLY D 168 -6.34 20.03 -52.43
N PHE D 169 -6.72 20.63 -51.31
CA PHE D 169 -7.60 20.03 -50.33
C PHE D 169 -8.96 20.57 -50.76
N PHE D 170 -9.55 19.96 -51.79
CA PHE D 170 -10.73 20.53 -52.42
C PHE D 170 -12.00 19.76 -52.12
N GLY D 171 -11.98 18.91 -51.13
CA GLY D 171 -13.18 18.16 -50.76
C GLY D 171 -12.88 16.71 -50.44
N GLY D 172 -13.91 15.98 -50.01
CA GLY D 172 -13.79 14.54 -49.71
C GLY D 172 -12.75 14.06 -48.70
N GLY D 173 -12.07 14.97 -47.97
CA GLY D 173 -10.97 14.59 -47.09
C GLY D 173 -9.73 14.01 -47.76
N ARG D 174 -9.73 13.95 -49.10
CA ARG D 174 -8.58 13.42 -49.89
C ARG D 174 -7.83 14.61 -50.50
N VAL D 175 -6.55 14.45 -50.88
CA VAL D 175 -5.86 15.54 -51.60
C VAL D 175 -6.00 15.35 -53.12
N SER D 176 -6.45 16.36 -53.88
CA SER D 176 -6.65 16.26 -55.34
C SER D 176 -5.49 16.85 -56.12
N LEU D 177 -5.31 16.45 -57.37
CA LEU D 177 -4.31 17.07 -58.25
C LEU D 177 -5.00 18.16 -59.01
N PHE D 178 -4.35 19.29 -59.20
CA PHE D 178 -4.87 20.28 -60.15
C PHE D 178 -3.81 20.71 -61.13
N THR D 179 -4.26 21.26 -62.24
CA THR D 179 -3.39 21.99 -63.18
C THR D 179 -4.03 23.28 -63.58
N SER D 180 -3.17 24.21 -63.98
CA SER D 180 -3.54 25.52 -64.55
C SER D 180 -2.50 25.92 -65.58
N ASN D 181 -2.59 27.16 -66.05
CA ASN D 181 -1.61 27.64 -66.99
C ASN D 181 -1.23 29.02 -66.64
N LEU D 182 0.03 29.34 -66.89
CA LEU D 182 0.58 30.63 -66.59
C LEU D 182 -0.12 31.66 -67.49
N SER D 183 -0.52 31.25 -68.69
CA SER D 183 -1.13 32.13 -69.67
C SER D 183 -2.58 32.43 -69.32
N SER D 184 -3.42 31.41 -69.41
CA SER D 184 -4.86 31.61 -69.35
C SER D 184 -5.43 31.41 -67.92
N GLY D 185 -4.64 30.85 -67.04
CA GLY D 185 -5.13 30.54 -65.74
C GLY D 185 -6.08 29.38 -65.88
N GLY D 186 -7.16 29.38 -65.13
CA GLY D 186 -8.11 28.29 -65.15
C GLY D 186 -7.67 27.18 -64.22
N LEU D 187 -8.49 26.14 -64.11
CA LEU D 187 -8.26 25.10 -63.16
C LEU D 187 -8.93 23.82 -63.57
N ARG D 188 -8.14 22.76 -63.70
CA ARG D 188 -8.64 21.41 -63.88
C ARG D 188 -8.28 20.61 -62.68
N VAL D 189 -9.18 19.73 -62.26
CA VAL D 189 -9.01 19.00 -61.05
C VAL D 189 -9.15 17.53 -61.38
N PHE D 190 -8.21 16.73 -60.89
CA PHE D 190 -8.23 15.30 -61.09
C PHE D 190 -8.37 14.59 -59.72
N ASP D 191 -9.36 13.74 -59.67
CA ASP D 191 -9.71 13.17 -58.41
C ASP D 191 -8.98 11.91 -58.14
N SER D 192 -8.69 11.78 -56.87
CA SER D 192 -7.89 10.70 -56.33
C SER D 192 -8.60 9.37 -56.45
N GLY D 193 -9.88 9.39 -56.07
CA GLY D 193 -10.71 8.19 -56.05
C GLY D 193 -10.34 7.46 -54.77
N GLU D 194 -9.87 6.21 -54.93
CA GLU D 194 -9.34 5.37 -53.81
C GLU D 194 -8.39 6.15 -52.82
N GLY D 195 -7.46 6.93 -53.35
CA GLY D 195 -6.41 7.53 -52.50
C GLY D 195 -6.28 9.03 -52.48
N SER D 196 -5.04 9.52 -52.35
CA SER D 196 -4.75 10.93 -52.15
C SER D 196 -3.42 11.25 -52.81
N PHE D 197 -3.33 12.37 -53.52
CA PHE D 197 -2.10 12.73 -54.26
C PHE D 197 -1.14 13.40 -53.31
N SER D 198 0.15 13.16 -53.40
CA SER D 198 1.09 13.69 -52.42
C SER D 198 2.15 14.58 -52.99
N SER D 199 2.28 14.58 -54.29
CA SER D 199 3.45 15.16 -54.89
C SER D 199 3.23 15.11 -56.37
N ALA D 200 3.87 16.02 -57.09
CA ALA D 200 3.65 16.15 -58.50
C ALA D 200 4.82 16.87 -59.10
N SER D 201 5.29 16.42 -60.26
CA SER D 201 6.21 17.25 -61.09
C SER D 201 5.88 17.05 -62.59
N ILE D 202 6.19 18.03 -63.41
CA ILE D 202 5.82 17.99 -64.81
C ILE D 202 6.97 17.43 -65.64
N SER D 203 6.69 16.48 -66.52
CA SER D 203 7.70 15.77 -67.31
C SER D 203 8.10 16.58 -68.50
N PRO D 204 9.22 16.25 -69.14
CA PRO D 204 9.57 17.01 -70.35
C PRO D 204 8.50 16.94 -71.43
N GLY D 205 7.69 15.88 -71.38
CA GLY D 205 6.60 15.69 -72.31
C GLY D 205 5.33 16.41 -71.90
N MET D 206 5.40 17.25 -70.87
CA MET D 206 4.22 17.97 -70.39
C MET D 206 3.10 17.06 -69.83
N LYS D 207 3.46 15.91 -69.31
CA LYS D 207 2.50 15.14 -68.53
C LYS D 207 2.75 15.45 -67.06
N VAL D 208 1.79 15.18 -66.20
CA VAL D 208 2.06 15.43 -64.79
C VAL D 208 2.36 14.10 -64.16
N THR D 209 3.53 13.96 -63.57
CA THR D 209 3.83 12.74 -62.80
C THR D 209 3.43 13.04 -61.37
N ALA D 210 2.72 12.13 -60.71
CA ALA D 210 2.21 12.35 -59.37
C ALA D 210 2.37 11.14 -58.49
N GLY D 211 2.56 11.39 -57.20
CA GLY D 211 2.50 10.32 -56.21
C GLY D 211 1.06 10.06 -55.77
N LEU D 212 0.60 8.82 -55.81
CA LEU D 212 -0.72 8.49 -55.31
C LEU D 212 -0.61 7.56 -54.09
N GLU D 213 -0.99 8.10 -52.96
CA GLU D 213 -1.02 7.38 -51.71
C GLU D 213 -2.38 6.74 -51.57
N THR D 214 -2.43 5.50 -51.11
CA THR D 214 -3.67 4.75 -51.09
C THR D 214 -3.89 4.18 -49.71
N ALA D 215 -4.83 3.25 -49.58
CA ALA D 215 -5.05 2.55 -48.34
C ALA D 215 -3.93 1.57 -48.10
N ARG D 216 -3.03 1.39 -49.07
CA ARG D 216 -1.93 0.43 -48.94
C ARG D 216 -0.59 0.81 -49.47
N GLU D 217 -0.30 0.56 -50.74
CA GLU D 217 0.98 0.91 -51.32
C GLU D 217 0.79 2.15 -52.17
N ALA D 218 1.83 2.94 -52.28
CA ALA D 218 1.77 4.14 -53.05
C ALA D 218 2.22 3.82 -54.46
N ARG D 219 1.82 4.64 -55.42
CA ARG D 219 2.37 4.49 -56.75
C ARG D 219 2.39 5.77 -57.55
N LEU D 220 3.24 5.73 -58.59
CA LEU D 220 3.43 6.83 -59.50
C LEU D 220 2.41 6.70 -60.64
N VAL D 221 1.80 7.80 -61.01
CA VAL D 221 0.88 7.82 -62.11
C VAL D 221 1.20 8.97 -63.06
N THR D 222 0.80 8.78 -64.30
CA THR D 222 0.98 9.76 -65.35
C THR D 222 -0.38 10.32 -65.66
N VAL D 223 -0.53 11.61 -65.44
CA VAL D 223 -1.77 12.32 -65.73
C VAL D 223 -1.58 13.21 -66.96
N ASP D 224 -2.41 13.02 -67.96
CA ASP D 224 -2.42 13.92 -69.12
C ASP D 224 -3.47 15.06 -68.93
N PRO D 225 -3.02 16.27 -68.70
CA PRO D 225 -4.00 17.30 -68.40
C PRO D 225 -5.02 17.55 -69.48
N ARG D 226 -4.67 17.27 -70.73
CA ARG D 226 -5.58 17.52 -71.81
C ARG D 226 -6.90 16.73 -71.72
N ASP D 227 -6.79 15.46 -71.35
CA ASP D 227 -7.94 14.57 -71.38
C ASP D 227 -8.24 13.95 -70.02
N GLY D 228 -7.52 14.32 -69.00
CA GLY D 228 -7.77 13.77 -67.64
C GLY D 228 -7.46 12.30 -67.41
N SER D 229 -6.76 11.68 -68.37
CA SER D 229 -6.41 10.29 -68.26
C SER D 229 -5.25 10.07 -67.31
N VAL D 230 -5.35 8.97 -66.58
CA VAL D 230 -4.40 8.59 -65.58
C VAL D 230 -3.97 7.18 -65.94
N GLU D 231 -2.68 6.91 -65.95
CA GLU D 231 -2.21 5.52 -66.03
C GLU D 231 -1.04 5.35 -65.10
N ASP D 232 -0.78 4.14 -64.66
CA ASP D 232 0.40 3.88 -63.87
C ASP D 232 1.63 4.13 -64.74
N LEU D 233 2.63 4.80 -64.17
CA LEU D 233 3.93 5.07 -64.77
C LEU D 233 4.88 3.97 -64.38
N GLU D 234 5.62 3.43 -65.34
CA GLU D 234 6.57 2.34 -65.11
C GLU D 234 7.96 2.88 -65.29
N LEU D 235 8.83 2.66 -64.32
CA LEU D 235 10.18 3.16 -64.41
C LEU D 235 11.15 2.10 -64.94
N PRO D 236 12.25 2.54 -65.58
CA PRO D 236 13.11 1.51 -66.21
C PRO D 236 13.71 0.57 -65.17
N SER D 237 14.10 1.09 -64.03
CA SER D 237 14.57 0.24 -62.92
C SER D 237 13.46 -0.09 -61.93
N LYS D 238 13.43 -1.34 -61.47
CA LYS D 238 12.39 -1.81 -60.55
C LYS D 238 12.76 -1.71 -59.06
N ASP D 239 13.81 -0.98 -58.71
CA ASP D 239 14.10 -0.82 -57.31
C ASP D 239 12.91 -0.18 -56.60
N PHE D 240 12.37 0.87 -57.20
CA PHE D 240 11.26 1.61 -56.63
C PHE D 240 10.02 0.76 -56.44
N SER D 241 9.65 0.07 -57.47
CA SER D 241 8.46 -0.76 -57.41
C SER D 241 8.59 -1.86 -56.36
N SER D 242 9.81 -2.37 -56.21
CA SER D 242 10.11 -3.50 -55.29
C SER D 242 10.20 -3.07 -53.82
N TYR D 243 10.58 -1.80 -53.60
CA TYR D 243 10.59 -1.18 -52.30
C TYR D 243 9.25 -1.19 -51.58
N ARG D 244 8.19 -1.14 -52.36
CA ARG D 244 6.81 -1.15 -51.85
C ARG D 244 6.47 0.02 -50.92
N PRO D 245 6.69 1.22 -51.38
CA PRO D 245 6.48 2.42 -50.65
C PRO D 245 5.06 2.56 -50.19
N THR D 246 4.89 3.22 -49.05
CA THR D 246 3.57 3.51 -48.53
C THR D 246 3.24 4.99 -48.64
N ALA D 247 4.28 5.81 -48.84
CA ALA D 247 4.11 7.22 -49.05
C ALA D 247 5.14 7.73 -50.06
N ILE D 248 4.85 8.87 -50.70
CA ILE D 248 5.78 9.49 -51.62
C ILE D 248 5.94 10.97 -51.25
N THR D 249 7.13 11.28 -50.71
CA THR D 249 7.40 12.53 -50.00
C THR D 249 7.46 13.62 -51.00
N TRP D 250 8.15 13.35 -52.09
CA TRP D 250 8.52 14.34 -53.05
C TRP D 250 8.96 13.71 -54.35
N LEU D 251 8.75 14.41 -55.47
CA LEU D 251 9.36 13.98 -56.71
C LEU D 251 9.61 15.13 -57.61
N GLY D 252 10.60 15.00 -58.47
CA GLY D 252 10.95 16.07 -59.36
C GLY D 252 11.87 15.64 -60.46
N TYR D 253 11.80 16.33 -61.59
CA TYR D 253 12.61 15.99 -62.74
C TYR D 253 13.89 16.81 -62.64
N LEU D 254 15.01 16.13 -62.85
CA LEU D 254 16.28 16.79 -62.83
C LEU D 254 16.56 17.44 -64.18
N PRO D 255 17.54 18.30 -64.22
CA PRO D 255 17.75 19.02 -65.45
C PRO D 255 18.07 18.12 -66.64
N ASP D 256 18.64 16.95 -66.39
CA ASP D 256 19.01 16.00 -67.46
C ASP D 256 17.84 15.12 -67.86
N GLY D 257 16.70 15.29 -67.18
CA GLY D 257 15.48 14.64 -67.55
C GLY D 257 15.11 13.43 -66.73
N ARG D 258 16.00 12.99 -65.85
CA ARG D 258 15.69 11.85 -65.01
C ARG D 258 14.77 12.22 -63.91
N LEU D 259 13.94 11.28 -63.48
CA LEU D 259 12.97 11.49 -62.44
C LEU D 259 13.56 11.06 -61.10
N ALA D 260 13.56 11.97 -60.14
CA ALA D 260 14.05 11.72 -58.76
C ALA D 260 12.81 11.54 -57.95
N VAL D 261 12.77 10.54 -57.10
CA VAL D 261 11.63 10.28 -56.21
C VAL D 261 12.14 9.95 -54.82
N VAL D 262 11.51 10.53 -53.82
CA VAL D 262 11.79 10.18 -52.44
C VAL D 262 10.52 9.59 -51.87
N ALA D 263 10.62 8.34 -51.43
CA ALA D 263 9.45 7.59 -51.06
C ALA D 263 9.70 6.98 -49.70
N ARG D 264 8.65 6.63 -48.95
CA ARG D 264 8.85 6.04 -47.64
C ARG D 264 8.02 4.83 -47.36
N ARG D 265 8.52 4.09 -46.38
CA ARG D 265 7.91 2.89 -45.92
C ARG D 265 8.41 2.78 -44.50
N GLU D 266 7.54 2.33 -43.61
CA GLU D 266 7.93 1.92 -42.25
C GLU D 266 8.81 2.92 -41.48
N GLY D 267 8.63 4.21 -41.74
CA GLY D 267 9.24 5.24 -40.92
C GLY D 267 10.55 5.81 -41.43
N ARG D 268 10.99 5.33 -42.58
CA ARG D 268 12.23 5.79 -43.21
C ARG D 268 12.01 5.94 -44.70
N SER D 269 12.89 6.64 -45.36
CA SER D 269 12.73 6.90 -46.79
C SER D 269 13.90 6.46 -47.67
N ALA D 270 13.66 6.37 -48.96
CA ALA D 270 14.68 5.91 -49.89
C ALA D 270 14.72 6.88 -51.06
N VAL D 271 15.86 6.98 -51.71
CA VAL D 271 15.99 7.88 -52.87
C VAL D 271 16.12 7.06 -54.15
N PHE D 272 15.35 7.42 -55.18
CA PHE D 272 15.44 6.69 -56.46
C PHE D 272 15.67 7.65 -57.59
N ILE D 273 16.47 7.25 -58.55
CA ILE D 273 16.64 8.00 -59.82
C ILE D 273 16.28 7.09 -60.96
N ASP D 274 15.21 7.44 -61.67
CA ASP D 274 14.64 6.64 -62.76
C ASP D 274 14.37 5.26 -62.23
N GLY D 275 13.90 5.20 -61.00
CA GLY D 275 13.53 3.94 -60.40
C GLY D 275 14.64 3.19 -59.68
N GLU D 276 15.89 3.61 -59.90
CA GLU D 276 17.01 2.88 -59.34
C GLU D 276 17.29 3.46 -57.99
N ARG D 277 17.52 2.63 -56.98
CA ARG D 277 17.72 3.20 -55.65
C ARG D 277 19.17 3.67 -55.44
N VAL D 278 19.33 4.75 -54.69
CA VAL D 278 20.63 5.34 -54.43
C VAL D 278 20.84 5.27 -52.94
N GLU D 279 22.03 4.88 -52.53
CA GLU D 279 22.25 4.67 -51.12
C GLU D 279 22.15 6.00 -50.40
N ALA D 280 21.49 5.98 -49.24
CA ALA D 280 21.28 7.16 -48.43
C ALA D 280 21.28 6.86 -46.92
N PRO D 281 21.77 7.80 -46.09
CA PRO D 281 21.75 7.61 -44.63
C PRO D 281 20.35 7.30 -44.11
N GLN D 282 20.28 6.37 -43.17
CA GLN D 282 19.02 5.97 -42.60
C GLN D 282 18.35 7.10 -41.90
N GLY D 283 17.05 7.14 -42.13
CA GLY D 283 16.18 8.19 -41.64
C GLY D 283 15.29 8.68 -42.74
N ASN D 284 15.08 9.98 -42.83
CA ASN D 284 14.13 10.50 -43.81
C ASN D 284 14.75 11.60 -44.67
N HIS D 285 14.32 11.71 -45.91
CA HIS D 285 14.96 12.64 -46.84
C HIS D 285 14.01 13.64 -47.44
N GLY D 286 14.60 14.69 -47.97
CA GLY D 286 13.83 15.83 -48.54
C GLY D 286 13.99 15.74 -50.01
N ARG D 287 13.98 16.86 -50.68
CA ARG D 287 14.13 16.81 -52.08
C ARG D 287 15.55 16.45 -52.43
N VAL D 288 15.73 16.00 -53.67
CA VAL D 288 17.01 15.58 -54.20
C VAL D 288 17.39 16.59 -55.29
N VAL D 289 18.61 17.06 -55.33
CA VAL D 289 19.00 17.91 -56.47
C VAL D 289 20.26 17.39 -57.07
N LEU D 290 20.46 17.64 -58.34
CA LEU D 290 21.74 17.31 -58.96
C LEU D 290 22.56 18.58 -58.93
N TRP D 291 23.75 18.47 -58.39
CA TRP D 291 24.60 19.61 -58.19
C TRP D 291 26.06 19.24 -58.49
N ARG D 292 26.57 19.79 -59.58
CA ARG D 292 27.93 19.52 -60.01
C ARG D 292 28.11 18.03 -60.25
N GLY D 293 27.06 17.44 -60.81
CA GLY D 293 27.09 16.02 -61.17
C GLY D 293 26.80 15.00 -60.08
N LYS D 294 26.46 15.44 -58.89
CA LYS D 294 26.27 14.54 -57.76
C LYS D 294 24.92 14.81 -57.15
N LEU D 295 24.42 13.86 -56.41
CA LEU D 295 23.15 14.01 -55.81
C LEU D 295 23.35 14.58 -54.40
N VAL D 296 22.38 15.39 -53.99
CA VAL D 296 22.38 15.97 -52.70
C VAL D 296 20.97 15.98 -52.21
N THR D 297 20.73 15.71 -50.93
CA THR D 297 19.38 15.76 -50.38
C THR D 297 19.46 16.23 -48.99
N SER D 298 18.35 16.33 -48.30
CA SER D 298 18.38 16.60 -46.89
C SER D 298 18.10 15.35 -46.14
N HIS D 299 18.57 15.28 -44.91
CA HIS D 299 18.44 14.07 -44.11
C HIS D 299 18.12 14.41 -42.69
N THR D 300 17.18 13.68 -42.10
CA THR D 300 16.90 13.77 -40.67
C THR D 300 16.76 12.37 -40.11
N SER D 301 16.93 12.22 -38.79
CA SER D 301 16.64 10.97 -38.08
C SER D 301 16.37 11.29 -36.62
N LEU D 302 15.89 10.31 -35.85
CA LEU D 302 15.73 10.48 -34.44
C LEU D 302 17.04 10.84 -33.81
N SER D 303 18.18 10.49 -34.42
CA SER D 303 19.45 10.97 -33.86
C SER D 303 20.20 12.07 -34.61
N THR D 304 19.67 12.55 -35.70
CA THR D 304 20.32 13.64 -36.46
C THR D 304 19.36 14.80 -36.75
N PRO D 305 19.63 15.99 -36.25
CA PRO D 305 18.90 17.15 -36.74
C PRO D 305 19.00 17.27 -38.24
N PRO D 306 17.96 17.77 -38.90
CA PRO D 306 17.92 17.99 -40.32
C PRO D 306 19.20 18.63 -40.83
N ARG D 307 19.78 18.07 -41.87
CA ARG D 307 21.09 18.47 -42.38
C ARG D 307 21.22 18.20 -43.90
N ILE D 308 22.17 18.82 -44.56
CA ILE D 308 22.33 18.60 -46.00
C ILE D 308 23.43 17.58 -46.24
N VAL D 309 23.14 16.54 -46.99
CA VAL D 309 24.14 15.50 -47.28
C VAL D 309 24.33 15.17 -48.75
N SER D 310 25.51 14.62 -49.05
CA SER D 310 25.88 14.14 -50.34
C SER D 310 25.50 12.66 -50.44
N LEU D 311 24.90 12.27 -51.56
CA LEU D 311 24.62 10.89 -51.82
C LEU D 311 25.59 10.38 -52.86
N PRO D 312 26.01 9.11 -52.77
CA PRO D 312 25.66 8.08 -51.83
C PRO D 312 26.46 7.98 -50.55
N SER D 313 27.45 8.84 -50.32
CA SER D 313 28.30 8.68 -49.14
C SER D 313 27.55 8.96 -47.85
N GLY D 314 26.61 9.88 -47.87
CA GLY D 314 26.01 10.40 -46.64
C GLY D 314 26.81 11.48 -45.92
N GLU D 315 27.96 11.86 -46.47
CA GLU D 315 28.75 12.91 -45.88
C GLU D 315 27.93 14.19 -45.76
N PRO D 316 27.95 14.81 -44.59
CA PRO D 316 27.24 16.05 -44.47
C PRO D 316 27.96 17.20 -45.15
N LEU D 317 27.24 18.00 -45.90
CA LEU D 317 27.76 19.25 -46.45
C LEU D 317 27.50 20.40 -45.51
N LEU D 318 26.28 20.44 -45.00
CA LEU D 318 25.82 21.45 -44.02
C LEU D 318 25.09 20.81 -42.86
N GLU D 319 25.57 21.09 -41.66
CA GLU D 319 25.13 20.34 -40.50
C GLU D 319 25.27 21.28 -39.35
N GLY D 320 24.27 21.35 -38.50
CA GLY D 320 24.40 22.11 -37.29
C GLY D 320 25.21 21.33 -36.29
N GLY D 321 26.01 22.06 -35.53
CA GLY D 321 26.87 21.48 -34.49
C GLY D 321 26.20 21.38 -33.14
N LEU D 322 26.17 20.17 -32.61
CA LEU D 322 25.93 19.95 -31.19
C LEU D 322 27.28 19.70 -30.49
N PRO D 323 27.41 20.07 -29.24
CA PRO D 323 28.62 19.65 -28.51
C PRO D 323 28.81 18.13 -28.42
N GLU D 324 30.10 17.78 -28.40
CA GLU D 324 30.57 16.40 -28.49
C GLU D 324 29.84 15.50 -27.48
N ASP D 325 29.72 16.04 -26.31
CA ASP D 325 29.13 15.39 -25.19
C ASP D 325 27.61 15.12 -25.37
N LEU D 326 26.86 16.16 -25.73
CA LEU D 326 25.45 16.02 -26.02
C LEU D 326 25.27 15.14 -27.27
N ARG D 327 26.16 15.29 -28.22
CA ARG D 327 26.13 14.45 -29.39
C ARG D 327 26.21 13.01 -28.97
N ARG D 328 27.13 12.67 -28.09
CA ARG D 328 27.27 11.25 -27.70
C ARG D 328 26.08 10.74 -26.91
N SER D 329 25.31 11.61 -26.26
CA SER D 329 24.16 11.16 -25.48
C SER D 329 22.96 10.72 -26.31
N ILE D 330 22.90 11.09 -27.58
CA ILE D 330 21.76 10.74 -28.42
C ILE D 330 22.27 9.66 -29.35
N ALA D 331 22.06 8.41 -28.97
CA ALA D 331 22.68 7.27 -29.67
C ALA D 331 21.80 6.89 -30.86
N GLY D 332 21.91 5.69 -31.38
CA GLY D 332 21.20 5.36 -32.63
C GLY D 332 19.70 5.19 -32.46
N SER D 333 18.99 5.06 -33.58
CA SER D 333 17.56 4.81 -33.54
C SER D 333 17.31 3.50 -34.20
N ARG D 334 16.25 2.82 -33.86
CA ARG D 334 15.92 1.62 -34.58
C ARG D 334 14.43 1.32 -34.51
N LEU D 335 14.00 0.40 -35.36
CA LEU D 335 12.63 0.01 -35.53
C LEU D 335 12.50 -1.38 -34.98
N VAL D 336 11.52 -1.62 -34.13
CA VAL D 336 11.26 -2.97 -33.69
C VAL D 336 9.77 -3.16 -33.81
N TRP D 337 9.32 -4.41 -33.90
CA TRP D 337 7.92 -4.69 -34.06
C TRP D 337 7.47 -5.45 -32.85
N VAL D 338 6.75 -4.79 -31.98
CA VAL D 338 6.32 -5.34 -30.73
C VAL D 338 5.00 -6.10 -30.89
N GLU D 339 4.87 -7.24 -30.21
CA GLU D 339 3.61 -8.03 -30.27
C GLU D 339 2.58 -7.52 -29.27
N SER D 340 1.46 -7.05 -29.76
CA SER D 340 0.41 -6.58 -28.89
C SER D 340 -0.46 -7.75 -28.44
N PHE D 341 -1.36 -7.43 -27.54
CA PHE D 341 -2.20 -8.37 -26.84
C PHE D 341 -3.01 -9.27 -27.75
N ASP D 342 -3.38 -8.77 -28.91
CA ASP D 342 -4.18 -9.54 -29.89
C ASP D 342 -3.35 -10.09 -31.03
N GLY D 343 -2.03 -10.05 -30.91
CA GLY D 343 -1.16 -10.60 -31.95
C GLY D 343 -0.64 -9.61 -32.96
N SER D 344 -1.23 -8.42 -33.01
CA SER D 344 -0.85 -7.38 -33.99
C SER D 344 0.57 -6.88 -33.72
N ARG D 345 1.23 -6.47 -34.77
CA ARG D 345 2.61 -6.03 -34.66
C ARG D 345 2.75 -4.52 -34.72
N VAL D 346 3.28 -3.96 -33.65
CA VAL D 346 3.27 -2.52 -33.45
C VAL D 346 4.61 -1.94 -33.82
N PRO D 347 4.69 -1.20 -34.92
CA PRO D 347 5.98 -0.66 -35.30
C PRO D 347 6.37 0.44 -34.34
N THR D 348 7.53 0.26 -33.73
CA THR D 348 7.96 1.05 -32.61
C THR D 348 9.39 1.48 -32.80
N TYR D 349 9.57 2.80 -32.79
CA TYR D 349 10.87 3.36 -32.91
C TYR D 349 11.47 3.46 -31.52
N VAL D 350 12.77 3.23 -31.45
CA VAL D 350 13.55 3.36 -30.23
C VAL D 350 14.74 4.24 -30.48
N LEU D 351 14.91 5.27 -29.65
CA LEU D 351 16.10 6.13 -29.62
C LEU D 351 16.78 5.77 -28.33
N GLU D 352 17.98 5.23 -28.40
CA GLU D 352 18.75 4.90 -27.24
C GLU D 352 19.51 6.10 -26.73
N SER D 353 19.71 6.13 -25.43
CA SER D 353 20.44 7.18 -24.75
C SER D 353 21.84 6.73 -24.43
N GLY D 354 22.80 7.58 -24.78
CA GLY D 354 24.20 7.35 -24.46
C GLY D 354 24.46 7.57 -23.00
N ARG D 355 23.56 8.26 -22.30
CA ARG D 355 23.72 8.53 -20.84
C ARG D 355 22.89 7.61 -19.96
N ALA D 356 22.39 6.52 -20.49
CA ALA D 356 21.69 5.55 -19.67
C ALA D 356 22.30 4.14 -19.87
N PRO D 357 22.37 3.36 -18.82
CA PRO D 357 22.79 2.00 -19.07
C PRO D 357 21.73 1.16 -19.75
N THR D 358 22.09 -0.09 -19.99
CA THR D 358 21.21 -1.09 -20.59
C THR D 358 21.28 -2.32 -19.67
N PRO D 359 20.20 -2.59 -18.92
CA PRO D 359 18.91 -1.88 -18.85
C PRO D 359 19.01 -0.53 -18.17
N GLY D 360 18.18 0.44 -18.61
CA GLY D 360 18.19 1.78 -18.06
C GLY D 360 16.81 2.38 -17.99
N PRO D 361 16.71 3.64 -17.54
CA PRO D 361 15.42 4.34 -17.47
C PRO D 361 14.92 4.64 -18.85
N THR D 362 13.65 4.31 -19.10
CA THR D 362 13.07 4.37 -20.43
C THR D 362 11.73 5.12 -20.38
N VAL D 363 11.53 6.05 -21.30
CA VAL D 363 10.25 6.73 -21.40
C VAL D 363 9.49 6.23 -22.62
N VAL D 364 8.26 5.76 -22.44
CA VAL D 364 7.41 5.49 -23.59
C VAL D 364 6.76 6.81 -23.97
N LEU D 365 7.18 7.39 -25.07
CA LEU D 365 6.77 8.76 -25.47
C LEU D 365 5.67 8.62 -26.48
N VAL D 366 4.43 8.81 -26.05
CA VAL D 366 3.29 8.49 -26.90
C VAL D 366 2.91 9.67 -27.79
N HIS D 367 2.91 9.44 -29.09
CA HIS D 367 2.62 10.51 -30.02
C HIS D 367 1.15 10.87 -29.95
N GLY D 368 0.79 12.05 -30.47
CA GLY D 368 -0.56 12.58 -30.37
C GLY D 368 -1.34 12.31 -31.62
N GLY D 369 -2.36 13.12 -31.89
CA GLY D 369 -3.18 12.94 -33.07
C GLY D 369 -4.61 12.55 -32.71
N PRO D 370 -4.92 11.22 -32.71
CA PRO D 370 -4.04 10.07 -32.92
C PRO D 370 -3.64 9.76 -34.36
N PHE D 371 -4.19 10.45 -35.34
CA PHE D 371 -3.93 10.09 -36.72
C PHE D 371 -2.62 10.71 -37.15
N ALA D 372 -1.54 10.16 -36.65
CA ALA D 372 -0.21 10.72 -36.83
C ALA D 372 0.80 9.58 -36.70
N GLU D 373 2.02 9.79 -37.18
CA GLU D 373 3.01 8.74 -37.23
C GLU D 373 4.22 9.08 -36.36
N ASP D 374 4.79 8.08 -35.71
CA ASP D 374 6.12 8.25 -35.15
C ASP D 374 7.12 7.59 -36.07
N SER D 375 7.91 8.45 -36.74
CA SER D 375 8.88 8.06 -37.75
C SER D 375 10.31 8.30 -37.29
N ASP D 376 11.30 7.91 -38.09
CA ASP D 376 12.71 8.11 -37.71
C ASP D 376 13.07 9.49 -38.18
N SER D 377 12.62 10.50 -37.44
CA SER D 377 12.78 11.95 -37.75
C SER D 377 13.09 12.70 -36.47
N TRP D 378 13.90 13.74 -36.58
CA TRP D 378 14.37 14.51 -35.42
C TRP D 378 13.22 14.99 -34.61
N ASP D 379 13.27 14.68 -33.32
CA ASP D 379 12.24 15.09 -32.38
C ASP D 379 12.87 15.58 -31.07
N THR D 380 12.84 16.90 -30.89
CA THR D 380 13.36 17.62 -29.77
C THR D 380 13.00 17.02 -28.45
N PHE D 381 11.82 16.45 -28.35
CA PHE D 381 11.43 15.87 -27.10
C PHE D 381 12.26 14.64 -26.84
N ALA D 382 12.26 13.74 -27.79
CA ALA D 382 13.00 12.49 -27.73
C ALA D 382 14.46 12.77 -27.50
N ALA D 383 15.02 13.74 -28.21
CA ALA D 383 16.45 14.06 -28.04
C ALA D 383 16.68 14.57 -26.65
N SER D 384 15.75 15.35 -26.12
CA SER D 384 15.90 15.91 -24.79
C SER D 384 15.85 14.84 -23.70
N LEU D 385 15.00 13.83 -23.88
CA LEU D 385 14.90 12.73 -22.96
C LEU D 385 16.13 11.88 -23.02
N ALA D 386 16.64 11.59 -24.21
CA ALA D 386 17.91 10.85 -24.31
C ALA D 386 19.05 11.65 -23.68
N ALA D 387 19.19 12.94 -23.96
CA ALA D 387 20.13 13.81 -23.24
C ALA D 387 20.02 13.75 -21.73
N ALA D 388 18.83 13.58 -21.19
CA ALA D 388 18.63 13.61 -19.76
C ALA D 388 18.77 12.20 -19.17
N GLY D 389 19.18 11.24 -19.97
CA GLY D 389 19.51 9.91 -19.49
C GLY D 389 18.35 8.94 -19.56
N PHE D 390 17.46 9.17 -20.52
CA PHE D 390 16.36 8.27 -20.72
C PHE D 390 16.39 7.67 -22.14
N HIS D 391 16.27 6.37 -22.25
CA HIS D 391 15.96 5.70 -23.50
C HIS D 391 14.53 6.04 -23.87
N VAL D 392 14.24 6.12 -25.16
CA VAL D 392 12.91 6.55 -25.60
C VAL D 392 12.31 5.53 -26.54
N VAL D 393 11.08 5.11 -26.27
CA VAL D 393 10.32 4.13 -27.04
C VAL D 393 9.05 4.81 -27.57
N MET D 394 8.80 4.72 -28.89
CA MET D 394 7.82 5.59 -29.59
C MET D 394 6.93 4.69 -30.42
N PRO D 395 5.84 4.19 -29.85
CA PRO D 395 5.09 3.16 -30.51
C PRO D 395 3.95 3.65 -31.39
N ASN D 396 3.92 3.19 -32.62
CA ASN D 396 2.81 3.51 -33.48
C ASN D 396 1.57 2.68 -33.20
N TYR D 397 0.94 3.01 -32.09
CA TYR D 397 -0.28 2.40 -31.69
C TYR D 397 -1.31 2.51 -32.79
N ARG D 398 -2.21 1.53 -32.80
CA ARG D 398 -3.26 1.48 -33.79
C ARG D 398 -4.04 2.78 -33.68
N GLY D 399 -4.43 3.30 -34.83
CA GLY D 399 -4.80 4.69 -34.97
C GLY D 399 -3.71 5.46 -35.70
N SER D 400 -2.46 5.05 -35.58
CA SER D 400 -1.38 5.76 -36.26
C SER D 400 -1.53 5.76 -37.76
N THR D 401 -0.98 6.79 -38.38
CA THR D 401 -0.85 6.79 -39.81
C THR D 401 0.49 6.18 -40.20
N GLY D 402 0.68 5.83 -41.46
CA GLY D 402 1.97 5.35 -41.95
C GLY D 402 2.10 3.88 -42.23
N TYR D 403 1.08 3.11 -41.89
CA TYR D 403 1.14 1.67 -41.94
C TYR D 403 -0.14 1.11 -42.51
N GLY D 404 -0.79 1.91 -43.36
CA GLY D 404 -2.02 1.50 -44.01
C GLY D 404 -3.27 1.96 -43.29
N GLU D 405 -4.36 2.06 -44.05
CA GLU D 405 -5.63 2.53 -43.56
C GLU D 405 -6.27 1.62 -42.50
N GLU D 406 -6.06 0.32 -42.66
CA GLU D 406 -6.62 -0.68 -41.78
C GLU D 406 -6.09 -0.43 -40.38
N TRP D 407 -4.79 -0.25 -40.29
CA TRP D 407 -4.17 0.07 -39.01
C TRP D 407 -4.69 1.36 -38.42
N ARG D 408 -4.88 2.39 -39.22
CA ARG D 408 -5.46 3.64 -38.72
C ARG D 408 -6.91 3.48 -38.24
N LEU D 409 -7.72 2.80 -39.05
CA LEU D 409 -9.12 2.65 -38.72
C LEU D 409 -9.36 1.84 -37.45
N LYS D 410 -8.39 1.03 -37.04
CA LYS D 410 -8.62 0.12 -35.89
C LYS D 410 -8.87 0.82 -34.57
N ILE D 411 -8.47 2.10 -34.42
CA ILE D 411 -8.72 2.85 -33.23
C ILE D 411 -10.18 3.21 -33.11
N ILE D 412 -10.86 3.30 -34.26
CA ILE D 412 -12.22 3.83 -34.32
C ILE D 412 -13.22 2.95 -33.56
N GLY D 413 -13.83 3.53 -32.54
CA GLY D 413 -14.81 2.83 -31.72
C GLY D 413 -14.27 2.35 -30.37
N ASP D 414 -12.97 2.50 -30.19
CA ASP D 414 -12.23 1.80 -29.14
C ASP D 414 -11.10 2.66 -28.56
N PRO D 415 -11.42 3.89 -28.15
CA PRO D 415 -10.40 4.65 -27.50
C PRO D 415 -10.09 4.02 -26.13
N CYS D 416 -8.84 4.13 -25.69
CA CYS D 416 -8.39 3.50 -24.43
C CYS D 416 -8.71 2.01 -24.43
N GLY D 417 -8.37 1.35 -25.54
CA GLY D 417 -8.65 -0.06 -25.74
C GLY D 417 -7.44 -0.64 -26.43
N GLY D 418 -7.60 -1.03 -27.68
CA GLY D 418 -6.49 -1.59 -28.46
C GLY D 418 -5.21 -0.76 -28.43
N GLU D 419 -5.36 0.54 -28.65
CA GLU D 419 -4.19 1.39 -28.76
C GLU D 419 -3.45 1.45 -27.41
N LEU D 420 -4.17 1.56 -26.31
CA LEU D 420 -3.55 1.44 -25.00
C LEU D 420 -2.82 0.10 -24.85
N GLU D 421 -3.47 -1.03 -25.22
CA GLU D 421 -2.77 -2.33 -25.19
C GLU D 421 -1.46 -2.30 -25.98
N ASP D 422 -1.43 -1.55 -27.10
CA ASP D 422 -0.23 -1.41 -27.93
C ASP D 422 0.90 -0.67 -27.23
N VAL D 423 0.56 0.47 -26.64
CA VAL D 423 1.47 1.26 -25.78
C VAL D 423 2.01 0.39 -24.67
N SER D 424 1.09 -0.33 -24.04
CA SER D 424 1.45 -1.21 -22.95
C SER D 424 2.44 -2.30 -23.42
N ALA D 425 2.17 -2.91 -24.58
CA ALA D 425 3.06 -3.95 -25.12
C ALA D 425 4.46 -3.40 -25.46
N ALA D 426 4.55 -2.16 -25.93
CA ALA D 426 5.80 -1.48 -26.13
C ALA D 426 6.53 -1.38 -24.80
N ALA D 427 5.83 -0.99 -23.74
CA ALA D 427 6.45 -0.92 -22.43
C ALA D 427 7.01 -2.29 -22.03
N ARG D 428 6.17 -3.29 -22.14
CA ARG D 428 6.55 -4.62 -21.78
C ARG D 428 7.74 -5.13 -22.58
N TRP D 429 7.80 -4.77 -23.87
CA TRP D 429 8.92 -5.17 -24.73
C TRP D 429 10.23 -4.49 -24.26
N ALA D 430 10.11 -3.26 -23.81
CA ALA D 430 11.30 -2.55 -23.40
C ALA D 430 11.96 -3.23 -22.19
N ARG D 431 11.12 -3.63 -21.25
CA ARG D 431 11.57 -4.35 -20.08
C ARG D 431 12.16 -5.72 -20.43
N GLU D 432 11.46 -6.47 -21.28
CA GLU D 432 11.80 -7.90 -21.54
C GLU D 432 12.96 -8.10 -22.49
N SER D 433 13.20 -7.11 -23.34
CA SER D 433 14.27 -7.14 -24.32
C SER D 433 15.58 -6.70 -23.68
N GLY D 434 15.47 -6.16 -22.47
CA GLY D 434 16.64 -5.70 -21.72
C GLY D 434 16.93 -4.20 -21.81
N LEU D 435 16.13 -3.44 -22.53
CA LEU D 435 16.38 -2.01 -22.68
C LEU D 435 16.08 -1.23 -21.40
N ALA D 436 15.00 -1.59 -20.69
CA ALA D 436 14.49 -0.77 -19.58
C ALA D 436 14.63 -1.39 -18.18
N SER D 437 15.15 -0.58 -17.27
CA SER D 437 15.15 -0.94 -15.88
C SER D 437 13.82 -0.48 -15.24
N GLU D 438 13.39 0.71 -15.60
CA GLU D 438 12.17 1.30 -15.06
C GLU D 438 11.54 2.14 -16.18
N LEU D 439 10.21 2.17 -16.15
CA LEU D 439 9.42 2.69 -17.23
C LEU D 439 8.67 3.94 -16.81
N TYR D 440 8.61 4.89 -17.71
CA TYR D 440 7.79 6.04 -17.56
C TYR D 440 6.94 6.12 -18.81
N ILE D 441 5.87 6.91 -18.74
CA ILE D 441 5.02 7.19 -19.90
C ILE D 441 4.82 8.65 -19.96
N MET D 442 4.86 9.20 -21.16
CA MET D 442 4.78 10.69 -21.37
C MET D 442 4.17 10.99 -22.72
N GLY D 443 3.21 11.90 -22.77
CA GLY D 443 2.76 12.39 -24.07
C GLY D 443 1.89 13.61 -24.04
N TYR D 444 1.62 14.13 -25.24
CA TYR D 444 0.85 15.36 -25.40
C TYR D 444 -0.35 15.16 -26.32
N SER D 445 -1.35 16.01 -26.19
CA SER D 445 -2.62 15.85 -26.94
C SER D 445 -3.16 14.42 -26.66
N TYR D 446 -3.36 13.60 -27.67
CA TYR D 446 -3.89 12.27 -27.48
C TYR D 446 -2.86 11.47 -26.70
N GLY D 447 -1.59 11.85 -26.85
CA GLY D 447 -0.53 11.21 -26.05
C GLY D 447 -0.75 11.34 -24.55
N GLY D 448 -1.18 12.56 -24.17
CA GLY D 448 -1.49 12.89 -22.81
C GLY D 448 -2.69 12.11 -22.31
N TYR D 449 -3.72 12.03 -23.16
CA TYR D 449 -4.84 11.13 -22.94
C TYR D 449 -4.35 9.71 -22.74
N MET D 450 -3.45 9.25 -23.57
CA MET D 450 -2.94 7.90 -23.36
C MET D 450 -2.28 7.76 -22.00
N THR D 451 -1.53 8.80 -21.57
CA THR D 451 -0.85 8.79 -20.26
C THR D 451 -1.85 8.61 -19.14
N LEU D 452 -2.94 9.37 -19.16
CA LEU D 452 -3.97 9.26 -18.13
C LEU D 452 -4.69 7.90 -18.14
N CYS D 453 -4.89 7.31 -19.31
CA CYS D 453 -5.44 5.99 -19.44
C CYS D 453 -4.45 4.93 -18.91
N ALA D 454 -3.16 5.12 -19.18
CA ALA D 454 -2.19 4.13 -18.76
C ALA D 454 -2.20 4.10 -17.24
N LEU D 455 -2.16 5.28 -16.66
CA LEU D 455 -2.07 5.39 -15.22
C LEU D 455 -3.35 5.00 -14.50
N THR D 456 -4.49 5.11 -15.16
CA THR D 456 -5.74 4.66 -14.55
C THR D 456 -6.05 3.22 -14.86
N MET D 457 -5.80 2.75 -16.06
CA MET D 457 -6.20 1.39 -16.46
C MET D 457 -5.08 0.36 -16.37
N LYS D 458 -3.84 0.80 -16.26
CA LYS D 458 -2.68 -0.10 -16.15
C LYS D 458 -1.79 0.48 -15.05
N PRO D 459 -2.38 0.64 -13.86
CA PRO D 459 -1.58 1.09 -12.75
C PRO D 459 -0.48 0.04 -12.43
N GLY D 460 0.71 0.52 -12.09
CA GLY D 460 1.81 -0.38 -11.81
C GLY D 460 2.63 -0.73 -13.03
N LEU D 461 2.14 -0.45 -14.22
CA LEU D 461 2.98 -0.59 -15.40
C LEU D 461 4.07 0.50 -15.44
N PHE D 462 3.70 1.74 -15.23
CA PHE D 462 4.65 2.82 -15.27
C PHE D 462 4.94 3.32 -13.89
N LYS D 463 6.16 3.77 -13.68
CA LYS D 463 6.56 4.40 -12.45
C LYS D 463 6.03 5.82 -12.29
N ALA D 464 5.79 6.49 -13.42
CA ALA D 464 5.27 7.85 -13.37
C ALA D 464 4.84 8.31 -14.74
N GLY D 465 3.96 9.31 -14.80
CA GLY D 465 3.43 9.76 -16.05
C GLY D 465 3.46 11.24 -16.26
N VAL D 466 3.75 11.67 -17.49
CA VAL D 466 3.56 13.08 -17.85
C VAL D 466 2.43 13.21 -18.84
N ALA D 467 1.43 14.03 -18.50
CA ALA D 467 0.30 14.27 -19.40
C ALA D 467 0.23 15.73 -19.84
N GLY D 468 0.49 15.98 -21.12
CA GLY D 468 0.41 17.33 -21.66
C GLY D 468 -0.79 17.54 -22.50
N ALA D 469 -1.35 18.74 -22.41
CA ALA D 469 -2.47 19.16 -23.26
C ALA D 469 -3.49 18.04 -23.48
N SER D 470 -3.81 17.31 -22.42
CA SER D 470 -4.66 16.11 -22.53
C SER D 470 -6.12 16.44 -22.52
N VAL D 471 -6.91 15.45 -22.95
CA VAL D 471 -8.34 15.41 -22.81
C VAL D 471 -8.60 14.48 -21.65
N VAL D 472 -9.60 14.81 -20.88
CA VAL D 472 -9.79 14.18 -19.60
C VAL D 472 -11.18 13.53 -19.50
N ASP D 473 -12.16 14.09 -20.21
CA ASP D 473 -13.55 13.60 -20.19
C ASP D 473 -14.14 13.92 -21.54
N TRP D 474 -14.35 12.88 -22.34
CA TRP D 474 -14.88 13.00 -23.71
C TRP D 474 -16.30 13.52 -23.72
N GLU D 475 -17.11 13.07 -22.76
CA GLU D 475 -18.52 13.43 -22.75
C GLU D 475 -18.67 14.92 -22.58
N GLU D 476 -17.88 15.48 -21.66
CA GLU D 476 -17.85 16.91 -21.46
C GLU D 476 -17.46 17.61 -22.75
N MET D 477 -16.36 17.17 -23.35
CA MET D 477 -15.84 17.83 -24.56
C MET D 477 -16.75 17.71 -25.74
N TYR D 478 -17.46 16.59 -25.88
CA TYR D 478 -18.51 16.44 -26.89
C TYR D 478 -19.56 17.54 -26.81
N GLU D 479 -19.84 18.05 -25.61
CA GLU D 479 -20.92 19.04 -25.43
C GLU D 479 -20.37 20.49 -25.55
N LEU D 480 -19.12 20.67 -25.12
CA LEU D 480 -18.43 21.97 -25.08
C LEU D 480 -17.93 22.46 -26.46
N SER D 481 -17.37 21.58 -27.28
CA SER D 481 -16.50 22.03 -28.39
C SER D 481 -17.21 22.23 -29.73
N ASP D 482 -16.41 22.61 -30.74
CA ASP D 482 -16.93 23.07 -32.06
C ASP D 482 -17.34 21.86 -32.93
N ALA D 483 -18.06 22.15 -34.03
CA ALA D 483 -18.53 21.15 -35.00
C ALA D 483 -17.48 20.11 -35.48
N ALA D 484 -16.28 20.56 -35.85
CA ALA D 484 -15.26 19.65 -36.42
C ALA D 484 -14.77 18.66 -35.34
N PHE D 485 -14.72 19.13 -34.08
CA PHE D 485 -14.23 18.31 -32.94
C PHE D 485 -15.30 17.40 -32.35
N ARG D 486 -16.53 17.87 -32.32
CA ARG D 486 -17.66 16.97 -32.07
C ARG D 486 -17.58 15.82 -33.04
N ASN D 487 -17.40 16.12 -34.32
CA ASN D 487 -17.31 15.03 -35.28
C ASN D 487 -16.20 14.04 -34.94
N PHE D 488 -15.01 14.53 -34.61
CA PHE D 488 -13.94 13.62 -34.28
C PHE D 488 -14.36 12.70 -33.10
N ILE D 489 -14.90 13.29 -32.03
CA ILE D 489 -15.27 12.52 -30.85
C ILE D 489 -16.33 11.47 -31.16
N GLU D 490 -17.22 11.83 -32.08
CA GLU D 490 -18.31 10.93 -32.47
C GLU D 490 -17.78 9.70 -33.20
N GLN D 491 -16.87 9.94 -34.16
CA GLN D 491 -16.19 8.88 -34.89
C GLN D 491 -15.46 7.96 -33.92
N LEU D 492 -14.62 8.56 -33.09
CA LEU D 492 -13.72 7.83 -32.20
C LEU D 492 -14.47 6.94 -31.24
N THR D 493 -15.66 7.36 -30.81
CA THR D 493 -16.39 6.62 -29.79
C THR D 493 -17.54 5.81 -30.41
N GLY D 494 -17.63 5.80 -31.73
CA GLY D 494 -18.73 5.14 -32.41
C GLY D 494 -20.07 5.76 -32.07
N GLY D 495 -20.04 7.05 -31.75
CA GLY D 495 -21.25 7.76 -31.35
C GLY D 495 -21.90 7.21 -30.09
N SER D 496 -21.13 6.47 -29.28
CA SER D 496 -21.63 5.89 -28.03
C SER D 496 -21.32 6.71 -26.78
N ARG D 497 -22.35 7.20 -26.11
CA ARG D 497 -22.17 7.97 -24.88
C ARG D 497 -21.60 7.07 -23.77
N GLU D 498 -21.93 5.79 -23.82
CA GLU D 498 -21.40 4.83 -22.82
C GLU D 498 -19.87 4.75 -22.91
N ILE D 499 -19.35 4.69 -24.13
CA ILE D 499 -17.92 4.65 -24.38
C ILE D 499 -17.28 5.98 -24.07
N MET D 500 -17.93 7.07 -24.45
CA MET D 500 -17.46 8.40 -24.05
C MET D 500 -17.17 8.49 -22.55
N ARG D 501 -18.08 8.02 -21.70
CA ARG D 501 -17.90 8.06 -20.25
CA ARG D 501 -17.90 8.06 -20.25
C ARG D 501 -16.77 7.14 -19.81
N SER D 502 -16.91 5.86 -20.13
CA SER D 502 -16.04 4.82 -19.59
C SER D 502 -14.61 4.81 -20.11
N ARG D 503 -14.35 5.48 -21.22
CA ARG D 503 -12.99 5.70 -21.67
C ARG D 503 -12.46 7.12 -21.30
N SER D 504 -13.15 7.80 -20.39
CA SER D 504 -12.66 9.05 -19.84
C SER D 504 -11.92 8.83 -18.53
N PRO D 505 -10.64 9.14 -18.49
CA PRO D 505 -9.89 8.91 -17.27
C PRO D 505 -10.40 9.59 -16.02
N ILE D 506 -10.98 10.79 -16.13
CA ILE D 506 -11.52 11.52 -14.95
C ILE D 506 -12.50 10.70 -14.13
N ASN D 507 -13.10 9.69 -14.76
CA ASN D 507 -14.03 8.80 -14.08
C ASN D 507 -13.34 7.62 -13.42
N HIS D 508 -12.02 7.64 -13.37
CA HIS D 508 -11.26 6.53 -12.79
C HIS D 508 -10.05 7.06 -12.01
N VAL D 509 -10.15 8.25 -11.43
CA VAL D 509 -9.03 8.81 -10.69
C VAL D 509 -8.65 7.89 -9.50
N ASP D 510 -9.65 7.26 -8.88
CA ASP D 510 -9.42 6.37 -7.73
C ASP D 510 -8.33 5.31 -8.00
N ARG D 511 -8.16 4.89 -9.25
CA ARG D 511 -7.19 3.85 -9.58
C ARG D 511 -5.73 4.28 -9.71
N ILE D 512 -5.50 5.59 -9.84
CA ILE D 512 -4.14 6.05 -10.06
C ILE D 512 -3.31 5.75 -8.83
N LYS D 513 -2.19 5.09 -9.03
CA LYS D 513 -1.27 4.77 -7.94
C LYS D 513 0.07 5.48 -8.06
N GLU D 514 0.36 6.14 -9.18
CA GLU D 514 1.68 6.69 -9.45
C GLU D 514 1.66 8.20 -9.65
N PRO D 515 2.80 8.84 -9.41
CA PRO D 515 2.87 10.27 -9.60
C PRO D 515 2.60 10.75 -11.04
N LEU D 516 1.80 11.80 -11.17
CA LEU D 516 1.29 12.27 -12.44
C LEU D 516 1.66 13.72 -12.57
N ALA D 517 2.21 14.07 -13.71
CA ALA D 517 2.54 15.49 -13.98
C ALA D 517 1.64 15.99 -15.08
N LEU D 518 0.88 17.04 -14.83
CA LEU D 518 -0.02 17.65 -15.79
C LEU D 518 0.63 18.92 -16.32
N ILE D 519 0.79 19.04 -17.64
CA ILE D 519 1.28 20.27 -18.25
C ILE D 519 0.18 20.72 -19.18
N HIS D 520 -0.30 21.93 -19.06
CA HIS D 520 -1.53 22.33 -19.72
C HIS D 520 -1.67 23.81 -20.03
N PRO D 521 -2.08 24.13 -21.25
CA PRO D 521 -2.29 25.51 -21.64
C PRO D 521 -3.49 26.11 -20.93
N GLN D 522 -3.36 27.37 -20.50
CA GLN D 522 -4.42 28.03 -19.69
C GLN D 522 -5.42 28.75 -20.54
N ASN D 523 -5.20 28.82 -21.86
CA ASN D 523 -6.05 29.69 -22.76
C ASN D 523 -6.27 29.17 -24.18
N ASN D 524 -6.17 27.85 -24.36
CA ASN D 524 -6.33 27.22 -25.66
C ASN D 524 -7.66 26.46 -25.75
N SER D 525 -8.61 27.01 -26.51
CA SER D 525 -9.99 26.50 -26.49
C SER D 525 -10.20 25.06 -27.03
N ARG D 526 -9.15 24.43 -27.47
CA ARG D 526 -9.29 23.11 -28.06
C ARG D 526 -8.97 22.02 -26.99
N THR D 527 -8.19 22.42 -25.99
CA THR D 527 -7.93 21.58 -24.79
C THR D 527 -8.19 22.53 -23.62
N PRO D 528 -9.45 22.76 -23.31
CA PRO D 528 -9.75 23.77 -22.29
C PRO D 528 -9.27 23.38 -20.90
N LEU D 529 -9.14 24.35 -20.02
CA LEU D 529 -8.60 24.15 -18.70
C LEU D 529 -9.60 23.58 -17.72
N LYS D 530 -10.87 23.95 -17.84
CA LYS D 530 -11.87 23.64 -16.79
C LYS D 530 -11.90 22.16 -16.39
N PRO D 531 -11.86 21.28 -17.38
CA PRO D 531 -11.88 19.86 -17.06
C PRO D 531 -10.63 19.44 -16.34
N LEU D 532 -9.53 20.09 -16.66
CA LEU D 532 -8.29 19.75 -16.03
C LEU D 532 -8.24 20.23 -14.58
N LEU D 533 -8.85 21.38 -14.29
CA LEU D 533 -9.06 21.80 -12.91
C LEU D 533 -9.85 20.79 -12.14
N ARG D 534 -10.81 20.15 -12.78
CA ARG D 534 -11.67 19.20 -12.11
C ARG D 534 -10.88 17.95 -11.78
N LEU D 535 -10.09 17.46 -12.72
CA LEU D 535 -9.17 16.34 -12.44
C LEU D 535 -8.28 16.66 -11.27
N MET D 536 -7.70 17.87 -11.25
CA MET D 536 -6.80 18.23 -10.17
C MET D 536 -7.53 18.23 -8.84
N GLY D 537 -8.77 18.68 -8.83
CA GLY D 537 -9.64 18.60 -7.67
C GLY D 537 -9.85 17.18 -7.13
N GLU D 538 -9.98 16.21 -8.03
CA GLU D 538 -10.16 14.80 -7.67
C GLU D 538 -8.85 14.20 -7.17
N LEU D 539 -7.78 14.53 -7.87
CA LEU D 539 -6.48 14.07 -7.47
C LEU D 539 -6.25 14.52 -6.02
N LEU D 540 -6.58 15.77 -5.74
CA LEU D 540 -6.41 16.33 -4.42
C LEU D 540 -7.31 15.65 -3.39
N ALA D 541 -8.59 15.47 -3.71
CA ALA D 541 -9.57 14.89 -2.78
C ALA D 541 -9.21 13.45 -2.35
N ARG D 542 -8.68 12.70 -3.29
CA ARG D 542 -8.29 11.32 -3.05
C ARG D 542 -6.81 11.12 -2.72
N GLY D 543 -6.11 12.18 -2.35
CA GLY D 543 -4.74 12.07 -1.84
C GLY D 543 -3.67 11.62 -2.83
N LYS D 544 -3.81 11.91 -4.13
CA LYS D 544 -2.87 11.47 -5.12
C LYS D 544 -1.69 12.44 -5.28
N THR D 545 -0.54 11.89 -5.63
CA THR D 545 0.63 12.70 -5.85
C THR D 545 0.49 13.29 -7.25
N PHE D 546 0.52 14.61 -7.37
CA PHE D 546 0.61 15.18 -8.68
C PHE D 546 1.32 16.48 -8.73
N GLU D 547 1.90 16.71 -9.88
CA GLU D 547 2.50 17.98 -10.23
C GLU D 547 1.62 18.55 -11.34
N ALA D 548 1.50 19.86 -11.41
CA ALA D 548 0.77 20.53 -12.47
C ALA D 548 1.51 21.79 -12.89
N HIS D 549 1.52 22.08 -14.20
CA HIS D 549 2.01 23.36 -14.74
C HIS D 549 1.00 23.89 -15.72
N ILE D 550 0.31 24.95 -15.35
CA ILE D 550 -0.69 25.53 -16.18
C ILE D 550 -0.08 26.82 -16.69
N ILE D 551 0.19 26.93 -17.98
CA ILE D 551 0.82 28.18 -18.52
C ILE D 551 0.09 28.72 -19.71
N PRO D 552 0.10 30.03 -19.91
CA PRO D 552 -0.57 30.54 -21.11
C PRO D 552 0.22 30.22 -22.39
N ASP D 553 -0.44 30.27 -23.54
CA ASP D 553 0.25 30.22 -24.87
C ASP D 553 1.15 28.99 -25.07
N ALA D 554 0.55 27.82 -24.95
CA ALA D 554 1.32 26.55 -25.12
C ALA D 554 0.52 25.34 -25.75
N GLY D 555 1.10 24.12 -25.65
N GLY D 555 1.11 24.12 -25.67
CA GLY D 555 0.41 22.83 -25.99
CA GLY D 555 0.45 22.82 -26.02
C GLY D 555 0.57 22.36 -27.43
C GLY D 555 1.33 21.66 -26.53
N HIS D 556 1.67 22.80 -28.08
N HIS D 556 2.06 21.90 -27.63
CA HIS D 556 1.86 22.57 -29.51
CA HIS D 556 2.99 20.93 -28.22
C HIS D 556 3.31 22.86 -29.92
C HIS D 556 4.10 21.64 -29.03
N ALA D 557 3.61 22.54 -31.18
N ALA D 557 4.20 21.36 -30.33
CA ALA D 557 4.98 22.62 -31.76
CA ALA D 557 4.86 22.30 -31.32
C ALA D 557 5.82 23.71 -31.09
C ALA D 557 5.61 23.50 -30.67
N ILE D 558 6.88 23.25 -30.43
CA ILE D 558 7.75 24.12 -29.66
C ILE D 558 8.97 24.38 -30.50
N ASN D 559 9.24 25.66 -30.76
CA ASN D 559 10.38 26.02 -31.57
C ASN D 559 11.38 26.93 -30.84
N THR D 560 10.87 27.71 -29.91
CA THR D 560 11.69 28.55 -29.15
C THR D 560 12.03 27.88 -27.78
N MET D 561 12.99 28.48 -27.11
CA MET D 561 13.37 28.09 -25.78
C MET D 561 12.24 28.44 -24.81
N GLU D 562 11.57 29.59 -25.02
CA GLU D 562 10.37 29.95 -24.24
C GLU D 562 9.39 28.83 -24.31
N ASP D 563 9.14 28.34 -25.50
CA ASP D 563 8.21 27.26 -25.67
C ASP D 563 8.69 26.05 -24.88
N ALA D 564 9.97 25.71 -25.01
CA ALA D 564 10.56 24.56 -24.36
C ALA D 564 10.49 24.66 -22.86
N VAL D 565 10.73 25.86 -22.34
CA VAL D 565 10.69 26.11 -20.92
C VAL D 565 9.28 25.89 -20.42
N LYS D 566 8.26 26.33 -21.16
CA LYS D 566 6.85 26.14 -20.76
C LYS D 566 6.38 24.67 -20.73
N ILE D 567 6.71 23.89 -21.75
CA ILE D 567 6.07 22.61 -21.85
C ILE D 567 6.97 21.39 -21.88
N LEU D 568 8.28 21.53 -22.08
CA LEU D 568 9.21 20.37 -22.13
C LEU D 568 9.98 20.23 -20.83
N LEU D 569 10.64 21.31 -20.44
CA LEU D 569 11.38 21.38 -19.19
C LEU D 569 10.63 20.80 -18.02
N PRO D 570 9.36 21.17 -17.78
CA PRO D 570 8.72 20.60 -16.61
C PRO D 570 8.59 19.10 -16.70
N ALA D 571 8.45 18.52 -17.86
CA ALA D 571 8.35 17.10 -17.96
C ALA D 571 9.73 16.44 -17.75
N VAL D 572 10.80 17.03 -18.27
CA VAL D 572 12.10 16.36 -18.17
C VAL D 572 12.55 16.37 -16.69
N PHE D 573 12.37 17.53 -16.04
CA PHE D 573 12.57 17.76 -14.61
C PHE D 573 11.77 16.81 -13.70
N PHE D 574 10.48 16.72 -13.93
CA PHE D 574 9.64 15.79 -13.25
C PHE D 574 10.23 14.44 -13.41
N LEU D 575 10.57 14.05 -14.63
CA LEU D 575 10.99 12.66 -14.85
C LEU D 575 12.36 12.41 -14.17
N ALA D 576 13.27 13.35 -14.32
CA ALA D 576 14.57 13.26 -13.71
C ALA D 576 14.45 13.04 -12.24
N THR D 577 13.49 13.72 -11.66
CA THR D 577 13.20 13.72 -10.24
C THR D 577 12.57 12.40 -9.72
N GLN D 578 11.70 11.81 -10.51
CA GLN D 578 11.12 10.53 -10.14
C GLN D 578 12.18 9.44 -10.16
N ARG D 579 13.12 9.59 -11.07
CA ARG D 579 14.19 8.64 -11.24
C ARG D 579 15.00 8.45 -9.99
N GLU D 580 15.03 9.46 -9.13
CA GLU D 580 15.73 9.38 -7.81
C GLU D 580 14.89 8.78 -6.67
N ARG D 581 13.58 8.93 -6.77
CA ARG D 581 12.64 8.56 -5.66
C ARG D 581 12.44 7.01 -5.49
C1 GOL E . -9.23 -25.48 14.82
O1 GOL E . -8.13 -26.19 15.37
C2 GOL E . -9.01 -25.62 13.33
O2 GOL E . -8.48 -26.91 13.28
C3 GOL E . -7.95 -24.64 12.79
O3 GOL E . -8.39 -23.80 11.69
CL CL F . 19.34 -44.75 59.66
CL CL G . 25.64 -31.11 58.97
NA NA H . 25.49 -39.51 57.77
C1 GOL I . 8.27 29.82 15.36
O1 GOL I . 7.85 30.78 14.36
C2 GOL I . 9.02 30.55 16.53
O2 GOL I . 8.16 31.43 17.27
C3 GOL I . 9.77 29.58 17.49
O3 GOL I . 9.70 29.96 18.88
C1 GOL J . 11.20 21.69 16.05
O1 GOL J . 12.16 22.62 16.59
C2 GOL J . 10.38 22.37 14.94
O2 GOL J . 9.35 23.05 15.58
C3 GOL J . 9.69 21.44 13.92
O3 GOL J . 9.67 22.00 12.63
C1 GOL K . 11.67 19.10 -49.64
O1 GOL K . 12.92 19.45 -49.01
C2 GOL K . 10.59 18.45 -48.73
O2 GOL K . 10.21 17.18 -49.22
C3 GOL K . 9.30 19.31 -48.67
O3 GOL K . 8.47 18.90 -49.76
C1 GOL L . 10.36 25.16 -14.88
O1 GOL L . 10.38 26.20 -13.93
C2 GOL L . 9.16 24.34 -14.48
O2 GOL L . 8.07 25.22 -14.83
C3 GOL L . 9.19 24.01 -12.94
O3 GOL L . 10.09 22.98 -12.46
#